data_8DU1
#
_entry.id   8DU1
#
_cell.length_a   66.740
_cell.length_b   84.620
_cell.length_c   130.870
_cell.angle_alpha   90.000
_cell.angle_beta   101.180
_cell.angle_gamma   90.000
#
_symmetry.space_group_name_H-M   'P 1 21 1'
#
loop_
_entity.id
_entity.type
_entity.pdbx_description
1 polymer 'dTDP-glucose 4,6-dehydratase'
2 non-polymer 1,2-ETHANEDIOL
3 non-polymer NICOTINAMIDE-ADENINE-DINUCLEOTIDE
4 non-polymer 'CHLORIDE ION'
5 non-polymer 'MAGNESIUM ION'
6 water water
#
_entity_poly.entity_id   1
_entity_poly.type   'polypeptide(L)'
_entity_poly.pdbx_seq_one_letter_code
;MAHHHHHHMKNIIITGGAGFIGSHVVREFVIKNPEITIINLDALTYAGNLENLKDIENFPNYVFEKADITKPEELRKVFE
KYNPDAVVHLAAESHVDRSITDPNAFINTNVIGTANLLNLCREFWTLNPEHTHGRFPNEPRTNLFYHVSTDEVYGSLGET
GFFLETTAYDPQSPYSASKAASDHLVRAYGNTYGMPFIVSNCSNNYGPNHFPEKLIPLCISNILNEKPLPIYGDGKYTRD
WLYVIDHARAIHQIFNEAKTGETYNIGGFNEWQNIDLVKELIKQLDAKLGKPEGHSEKLITFVKDRPGHDKRYAIDATKL
NKDLGWKPSVTFEEGLAKTIDWYLDNKEWLENVTSGDYQKYYENQYS
;
_entity_poly.pdbx_strand_id   A,B,C,D
#
loop_
_chem_comp.id
_chem_comp.type
_chem_comp.name
_chem_comp.formula
CL non-polymer 'CHLORIDE ION' 'Cl -1'
EDO non-polymer 1,2-ETHANEDIOL 'C2 H6 O2'
MG non-polymer 'MAGNESIUM ION' 'Mg 2'
NAD non-polymer NICOTINAMIDE-ADENINE-DINUCLEOTIDE 'C21 H27 N7 O14 P2'
#
# COMPACT_ATOMS: atom_id res chain seq x y z
N HIS A 7 -29.12 20.44 -4.47
CA HIS A 7 -28.28 21.14 -5.45
C HIS A 7 -26.83 20.68 -5.35
N HIS A 8 -26.25 20.37 -6.50
CA HIS A 8 -24.90 19.80 -6.56
C HIS A 8 -23.87 20.83 -6.11
N MET A 9 -23.11 20.49 -5.06
CA MET A 9 -22.05 21.34 -4.60
C MET A 9 -20.92 21.39 -5.63
N LYS A 10 -20.23 22.53 -5.67
CA LYS A 10 -19.14 22.72 -6.61
C LYS A 10 -17.81 23.02 -5.94
N ASN A 11 -17.82 23.56 -4.71
CA ASN A 11 -16.61 23.94 -4.00
C ASN A 11 -16.77 23.54 -2.54
N ILE A 12 -15.87 22.69 -2.05
CA ILE A 12 -15.88 22.27 -0.64
C ILE A 12 -14.52 22.58 -0.04
N ILE A 13 -14.52 23.30 1.09
CA ILE A 13 -13.29 23.59 1.83
C ILE A 13 -13.05 22.50 2.86
N ILE A 14 -11.84 21.96 2.88
CA ILE A 14 -11.37 21.12 3.97
C ILE A 14 -10.34 21.92 4.75
N THR A 15 -10.68 22.38 5.96
CA THR A 15 -9.66 23.07 6.74
C THR A 15 -8.77 22.05 7.43
N GLY A 16 -7.51 22.43 7.61
CA GLY A 16 -6.55 21.51 8.21
C GLY A 16 -6.20 20.34 7.33
N GLY A 17 -6.43 20.45 6.03
CA GLY A 17 -6.22 19.34 5.12
C GLY A 17 -4.75 19.00 4.87
N ALA A 18 -3.82 19.81 5.35
CA ALA A 18 -2.42 19.40 5.29
C ALA A 18 -2.03 18.54 6.47
N GLY A 19 -2.93 18.33 7.42
CA GLY A 19 -2.63 17.60 8.63
C GLY A 19 -2.79 16.10 8.47
N PHE A 20 -2.75 15.40 9.60
CA PHE A 20 -2.76 13.95 9.62
C PHE A 20 -4.12 13.44 9.12
N ILE A 21 -5.19 13.71 9.86
CA ILE A 21 -6.51 13.26 9.43
C ILE A 21 -6.97 14.05 8.21
N GLY A 22 -6.68 15.36 8.20
CA GLY A 22 -7.19 16.21 7.13
C GLY A 22 -6.69 15.79 5.77
N SER A 23 -5.44 15.35 5.68
CA SER A 23 -4.93 14.92 4.38
C SER A 23 -5.71 13.71 3.85
N HIS A 24 -6.04 12.77 4.71
CA HIS A 24 -6.86 11.62 4.29
C HIS A 24 -8.28 12.04 3.94
N VAL A 25 -8.82 13.04 4.62
CA VAL A 25 -10.14 13.55 4.27
C VAL A 25 -10.10 14.24 2.92
N VAL A 26 -9.10 15.09 2.68
CA VAL A 26 -8.93 15.69 1.36
C VAL A 26 -8.91 14.59 0.29
N ARG A 27 -8.12 13.54 0.52
CA ARG A 27 -7.98 12.50 -0.48
C ARG A 27 -9.32 11.82 -0.75
N GLU A 28 -10.07 11.51 0.30
CA GLU A 28 -11.36 10.83 0.11
C GLU A 28 -12.30 11.70 -0.71
N PHE A 29 -12.41 12.99 -0.37
CA PHE A 29 -13.31 13.87 -1.12
C PHE A 29 -12.83 14.07 -2.55
N VAL A 30 -11.51 14.17 -2.76
CA VAL A 30 -10.96 14.37 -4.09
C VAL A 30 -11.29 13.18 -4.99
N ILE A 31 -11.03 11.97 -4.49
CA ILE A 31 -11.22 10.76 -5.32
CA ILE A 31 -11.22 10.77 -5.32
C ILE A 31 -12.70 10.49 -5.55
N LYS A 32 -13.52 10.67 -4.51
CA LYS A 32 -14.94 10.34 -4.60
C LYS A 32 -15.76 11.36 -5.36
N ASN A 33 -15.27 12.59 -5.51
CA ASN A 33 -16.05 13.69 -6.09
C ASN A 33 -15.22 14.41 -7.15
N PRO A 34 -14.92 13.74 -8.26
CA PRO A 34 -14.08 14.37 -9.29
C PRO A 34 -14.69 15.66 -9.83
N GLU A 35 -16.00 15.81 -9.76
CA GLU A 35 -16.70 16.97 -10.29
C GLU A 35 -16.71 18.15 -9.32
N ILE A 36 -16.23 17.98 -8.09
CA ILE A 36 -16.28 19.01 -7.08
C ILE A 36 -14.85 19.48 -6.79
N THR A 37 -14.66 20.80 -6.71
CA THR A 37 -13.37 21.36 -6.33
C THR A 37 -13.21 21.25 -4.82
N ILE A 38 -12.13 20.58 -4.40
CA ILE A 38 -11.80 20.41 -2.99
C ILE A 38 -10.67 21.37 -2.66
N ILE A 39 -10.94 22.30 -1.76
CA ILE A 39 -9.99 23.34 -1.41
C ILE A 39 -9.39 22.96 -0.07
N ASN A 40 -8.10 22.62 -0.08
CA ASN A 40 -7.35 22.37 1.15
C ASN A 40 -6.92 23.70 1.74
N LEU A 41 -7.59 24.11 2.82
CA LEU A 41 -7.28 25.38 3.49
C LEU A 41 -6.46 25.07 4.74
N ASP A 42 -5.23 25.58 4.80
CA ASP A 42 -4.36 25.19 5.89
C ASP A 42 -3.31 26.27 6.13
N ALA A 43 -3.03 26.57 7.40
CA ALA A 43 -2.03 27.58 7.73
C ALA A 43 -0.60 27.06 7.66
N LEU A 44 -0.42 25.75 7.55
CA LEU A 44 0.89 25.11 7.60
C LEU A 44 1.66 25.50 8.87
N THR A 45 1.05 25.18 10.02
CA THR A 45 1.79 25.19 11.27
C THR A 45 2.78 24.03 11.28
N TYR A 46 3.51 23.90 12.39
CA TYR A 46 4.41 22.75 12.60
C TYR A 46 3.69 21.42 12.38
N ALA A 47 2.36 21.41 12.57
CA ALA A 47 1.57 20.18 12.46
C ALA A 47 1.20 19.82 11.03
N GLY A 48 1.27 20.75 10.09
CA GLY A 48 0.88 20.48 8.73
C GLY A 48 2.04 19.90 7.94
N ASN A 49 1.71 19.12 6.91
CA ASN A 49 2.76 18.54 6.08
C ASN A 49 2.22 18.36 4.67
N LEU A 50 2.56 19.28 3.77
CA LEU A 50 2.05 19.16 2.41
C LEU A 50 2.62 17.96 1.68
N GLU A 51 3.71 17.36 2.18
CA GLU A 51 4.15 16.10 1.59
C GLU A 51 3.08 15.03 1.70
N ASN A 52 2.15 15.18 2.66
CA ASN A 52 1.06 14.21 2.80
C ASN A 52 0.23 14.09 1.54
N LEU A 53 0.15 15.15 0.74
CA LEU A 53 -0.74 15.22 -0.41
C LEU A 53 0.01 15.18 -1.74
N LYS A 54 1.28 14.78 -1.72
CA LYS A 54 2.06 14.74 -2.97
C LYS A 54 1.37 13.90 -4.04
N ASP A 55 0.62 12.87 -3.63
CA ASP A 55 -0.02 11.98 -4.60
C ASP A 55 -1.16 12.65 -5.35
N ILE A 56 -1.85 13.62 -4.74
CA ILE A 56 -3.00 14.22 -5.40
C ILE A 56 -2.81 15.71 -5.67
N GLU A 57 -1.62 16.24 -5.43
CA GLU A 57 -1.46 17.70 -5.51
C GLU A 57 -1.65 18.26 -6.92
N ASN A 58 -1.62 17.42 -7.95
CA ASN A 58 -1.89 17.87 -9.31
C ASN A 58 -3.23 17.41 -9.84
N PHE A 59 -4.10 16.91 -8.97
CA PHE A 59 -5.42 16.49 -9.42
C PHE A 59 -6.21 17.73 -9.87
N PRO A 60 -7.05 17.59 -10.89
CA PRO A 60 -7.71 18.77 -11.46
C PRO A 60 -8.77 19.37 -10.55
N ASN A 61 -9.29 18.62 -9.57
CA ASN A 61 -10.26 19.15 -8.63
C ASN A 61 -9.66 19.39 -7.25
N TYR A 62 -8.34 19.49 -7.16
CA TYR A 62 -7.67 19.79 -5.90
C TYR A 62 -6.99 21.14 -5.99
N VAL A 63 -7.12 21.95 -4.95
CA VAL A 63 -6.36 23.19 -4.87
C VAL A 63 -5.98 23.44 -3.42
N PHE A 64 -4.78 24.00 -3.22
CA PHE A 64 -4.31 24.33 -1.90
C PHE A 64 -4.36 25.84 -1.71
N GLU A 65 -4.89 26.27 -0.55
CA GLU A 65 -4.91 27.67 -0.16
C GLU A 65 -4.27 27.79 1.21
N LYS A 66 -3.14 28.47 1.29
CA LYS A 66 -2.50 28.73 2.58
C LYS A 66 -3.24 29.88 3.25
N ALA A 67 -3.92 29.59 4.34
CA ALA A 67 -4.74 30.58 5.04
C ALA A 67 -4.85 30.17 6.49
N ASP A 68 -4.94 31.17 7.37
CA ASP A 68 -4.98 30.99 8.81
C ASP A 68 -6.41 31.32 9.26
N ILE A 69 -7.08 30.37 9.91
CA ILE A 69 -8.47 30.56 10.30
C ILE A 69 -8.63 31.56 11.43
N THR A 70 -7.53 32.00 12.06
CA THR A 70 -7.60 33.07 13.03
C THR A 70 -7.45 34.45 12.41
N LYS A 71 -7.40 34.53 11.08
CA LYS A 71 -7.17 35.77 10.35
C LYS A 71 -8.34 35.94 9.39
N PRO A 72 -9.39 36.63 9.81
CA PRO A 72 -10.60 36.74 8.98
C PRO A 72 -10.35 37.23 7.56
N GLU A 73 -9.37 38.12 7.37
CA GLU A 73 -9.12 38.65 6.04
C GLU A 73 -8.62 37.56 5.09
N GLU A 74 -7.81 36.63 5.60
CA GLU A 74 -7.34 35.53 4.75
C GLU A 74 -8.47 34.56 4.43
N LEU A 75 -9.34 34.29 5.41
CA LEU A 75 -10.47 33.42 5.14
C LEU A 75 -11.43 34.06 4.14
N ARG A 76 -11.68 35.36 4.30
CA ARG A 76 -12.60 36.04 3.40
C ARG A 76 -12.14 35.91 1.96
N LYS A 77 -10.84 36.09 1.71
CA LYS A 77 -10.31 35.92 0.36
C LYS A 77 -10.65 34.54 -0.20
N VAL A 78 -10.49 33.48 0.61
CA VAL A 78 -10.81 32.14 0.11
C VAL A 78 -12.30 32.01 -0.19
N PHE A 79 -13.15 32.58 0.67
CA PHE A 79 -14.58 32.50 0.43
C PHE A 79 -14.99 33.28 -0.81
N GLU A 80 -14.35 34.42 -1.05
CA GLU A 80 -14.62 35.19 -2.26
C GLU A 80 -14.19 34.45 -3.51
N LYS A 81 -13.08 33.71 -3.43
CA LYS A 81 -12.55 33.03 -4.62
C LYS A 81 -13.41 31.83 -4.99
N TYR A 82 -13.85 31.05 -4.00
CA TYR A 82 -14.49 29.77 -4.30
C TYR A 82 -15.99 29.73 -4.02
N ASN A 83 -16.57 30.72 -3.34
CA ASN A 83 -17.97 30.71 -2.94
C ASN A 83 -18.33 29.32 -2.41
N PRO A 84 -17.63 28.83 -1.38
CA PRO A 84 -17.74 27.42 -1.01
C PRO A 84 -19.14 27.04 -0.58
N ASP A 85 -19.56 25.84 -1.01
CA ASP A 85 -20.84 25.28 -0.62
C ASP A 85 -20.81 24.61 0.74
N ALA A 86 -19.64 24.19 1.20
CA ALA A 86 -19.53 23.41 2.42
C ALA A 86 -18.14 23.57 2.99
N VAL A 87 -18.04 23.32 4.29
CA VAL A 87 -16.77 23.26 5.01
C VAL A 87 -16.72 21.96 5.78
N VAL A 88 -15.61 21.24 5.65
CA VAL A 88 -15.28 20.14 6.56
C VAL A 88 -14.12 20.63 7.41
N HIS A 89 -14.39 20.86 8.68
CA HIS A 89 -13.52 21.66 9.54
C HIS A 89 -12.66 20.74 10.42
N LEU A 90 -11.38 20.57 10.04
CA LEU A 90 -10.45 19.78 10.85
C LEU A 90 -9.33 20.59 11.49
N ALA A 91 -9.08 21.83 11.03
CA ALA A 91 -7.96 22.59 11.57
C ALA A 91 -8.13 22.80 13.06
N ALA A 92 -7.10 22.46 13.83
CA ALA A 92 -7.14 22.61 15.28
C ALA A 92 -5.72 22.58 15.82
N GLU A 93 -5.59 23.04 17.07
CA GLU A 93 -4.30 23.18 17.75
C GLU A 93 -4.40 22.41 19.06
N SER A 94 -3.49 21.47 19.29
CA SER A 94 -3.55 20.70 20.53
C SER A 94 -2.36 20.89 21.45
N HIS A 95 -1.34 21.64 21.05
CA HIS A 95 -0.14 21.73 21.88
C HIS A 95 -0.31 22.89 22.87
N VAL A 96 -1.16 22.63 23.87
CA VAL A 96 -1.34 23.60 24.94
C VAL A 96 -0.01 23.73 25.69
N ASP A 97 0.34 24.96 26.03
CA ASP A 97 1.62 25.29 26.68
C ASP A 97 2.82 25.13 25.73
N ARG A 98 2.59 25.16 24.42
CA ARG A 98 3.71 25.11 23.48
C ARG A 98 4.66 26.29 23.70
N SER A 99 4.12 27.50 23.84
CA SER A 99 4.97 28.68 23.92
C SER A 99 4.30 29.75 24.76
N ILE A 100 5.05 30.34 25.69
CA ILE A 100 4.54 31.49 26.43
C ILE A 100 4.36 32.71 25.55
N THR A 101 4.91 32.69 24.33
CA THR A 101 4.65 33.78 23.39
C THR A 101 3.22 33.79 22.89
N ASP A 102 2.43 32.74 23.15
CA ASP A 102 1.07 32.63 22.66
C ASP A 102 0.28 31.64 23.52
N PRO A 103 0.01 31.97 24.78
CA PRO A 103 -0.58 30.97 25.70
C PRO A 103 -1.98 30.53 25.28
N ASN A 104 -2.77 31.38 24.65
CA ASN A 104 -4.12 30.98 24.24
C ASN A 104 -4.19 30.59 22.78
N ALA A 105 -3.08 30.17 22.16
CA ALA A 105 -3.15 29.76 20.76
C ALA A 105 -4.21 28.69 20.56
N PHE A 106 -4.34 27.76 21.51
CA PHE A 106 -5.30 26.68 21.36
C PHE A 106 -6.73 27.21 21.31
N ILE A 107 -7.04 28.24 22.09
CA ILE A 107 -8.37 28.83 22.03
C ILE A 107 -8.54 29.63 20.75
N ASN A 108 -7.51 30.40 20.37
CA ASN A 108 -7.59 31.23 19.18
CA ASN A 108 -7.61 31.23 19.18
C ASN A 108 -7.90 30.37 17.96
N THR A 109 -7.16 29.27 17.78
CA THR A 109 -7.41 28.39 16.65
C THR A 109 -8.72 27.62 16.82
N ASN A 110 -8.92 27.00 17.98
CA ASN A 110 -10.02 26.04 18.10
C ASN A 110 -11.36 26.71 18.30
N VAL A 111 -11.41 27.83 19.01
CA VAL A 111 -12.70 28.46 19.29
C VAL A 111 -12.92 29.64 18.34
N ILE A 112 -12.03 30.62 18.37
CA ILE A 112 -12.19 31.78 17.52
C ILE A 112 -12.10 31.38 16.05
N GLY A 113 -11.18 30.48 15.72
CA GLY A 113 -11.06 30.05 14.33
C GLY A 113 -12.34 29.39 13.83
N THR A 114 -12.97 28.57 14.67
CA THR A 114 -14.25 27.99 14.29
C THR A 114 -15.30 29.08 14.09
N ALA A 115 -15.36 30.05 15.01
CA ALA A 115 -16.32 31.15 14.86
C ALA A 115 -16.06 31.94 13.57
N ASN A 116 -14.79 32.18 13.24
CA ASN A 116 -14.49 32.93 12.00
C ASN A 116 -15.04 32.20 10.79
N LEU A 117 -14.89 30.88 10.77
CA LEU A 117 -15.43 30.09 9.67
C LEU A 117 -16.96 30.11 9.68
N LEU A 118 -17.55 29.95 10.88
CA LEU A 118 -19.00 30.02 10.99
C LEU A 118 -19.52 31.37 10.51
N ASN A 119 -18.80 32.45 10.84
CA ASN A 119 -19.26 33.78 10.47
C ASN A 119 -19.29 33.98 8.96
N LEU A 120 -18.31 33.41 8.25
CA LEU A 120 -18.29 33.55 6.80
C LEU A 120 -19.33 32.66 6.14
N CYS A 121 -19.60 31.49 6.70
CA CYS A 121 -20.68 30.64 6.20
C CYS A 121 -22.02 31.36 6.35
N ARG A 122 -22.24 31.98 7.51
CA ARG A 122 -23.46 32.74 7.75
C ARG A 122 -23.60 33.89 6.75
N GLU A 123 -22.48 34.49 6.34
CA GLU A 123 -22.53 35.64 5.43
C GLU A 123 -22.66 35.21 3.98
N PHE A 124 -22.03 34.11 3.59
CA PHE A 124 -22.02 33.70 2.19
C PHE A 124 -23.16 32.77 1.83
N TRP A 125 -23.69 32.02 2.79
CA TRP A 125 -24.77 31.08 2.50
C TRP A 125 -26.13 31.76 2.64
N THR A 126 -27.09 31.26 1.87
CA THR A 126 -28.49 31.64 2.01
C THR A 126 -29.13 30.69 3.02
N LEU A 127 -29.38 31.19 4.22
CA LEU A 127 -29.98 30.40 5.28
C LEU A 127 -31.46 30.75 5.38
N ASN A 128 -32.30 29.72 5.47
CA ASN A 128 -33.74 29.93 5.55
C ASN A 128 -34.14 30.17 7.00
N PRO A 129 -34.71 31.32 7.34
CA PRO A 129 -35.11 31.57 8.74
C PRO A 129 -36.15 30.59 9.26
N GLU A 130 -36.84 29.87 8.36
CA GLU A 130 -37.77 28.83 8.78
CA GLU A 130 -37.77 28.83 8.78
C GLU A 130 -37.06 27.56 9.22
N HIS A 131 -35.74 27.49 9.08
CA HIS A 131 -34.98 26.30 9.47
C HIS A 131 -34.35 26.43 10.84
N THR A 132 -34.53 27.57 11.52
CA THR A 132 -33.94 27.72 12.84
C THR A 132 -34.66 26.81 13.84
N HIS A 133 -34.07 26.70 15.03
CA HIS A 133 -34.64 25.90 16.10
C HIS A 133 -34.92 24.47 15.65
N GLY A 134 -33.98 23.90 14.88
CA GLY A 134 -34.02 22.50 14.52
C GLY A 134 -35.05 22.14 13.49
N ARG A 135 -35.47 23.09 12.66
CA ARG A 135 -36.49 22.82 11.63
C ARG A 135 -35.85 22.60 10.26
N PHE A 136 -34.81 21.79 10.19
CA PHE A 136 -34.20 21.51 8.90
C PHE A 136 -35.10 20.59 8.08
N PRO A 137 -35.23 20.84 6.78
CA PRO A 137 -36.11 20.02 5.95
C PRO A 137 -35.44 18.70 5.57
N ASN A 138 -36.29 17.73 5.27
CA ASN A 138 -35.84 16.43 4.79
CA ASN A 138 -35.84 16.43 4.79
C ASN A 138 -35.72 16.48 3.26
N GLU A 139 -34.71 17.23 2.83
CA GLU A 139 -34.39 17.50 1.43
C GLU A 139 -32.87 17.50 1.30
N PRO A 140 -32.35 17.23 0.10
CA PRO A 140 -30.89 17.32 -0.09
C PRO A 140 -30.37 18.70 0.28
N ARG A 141 -29.22 18.72 0.94
CA ARG A 141 -28.62 19.98 1.38
C ARG A 141 -27.98 20.73 0.23
N THR A 142 -28.05 22.06 0.30
CA THR A 142 -27.23 22.87 -0.57
CA THR A 142 -27.27 22.93 -0.55
C THR A 142 -25.93 23.31 0.09
N ASN A 143 -25.92 23.39 1.43
CA ASN A 143 -24.75 23.75 2.23
C ASN A 143 -24.60 22.77 3.38
N LEU A 144 -23.38 22.71 3.92
CA LEU A 144 -23.12 21.92 5.12
C LEU A 144 -21.85 22.42 5.79
N PHE A 145 -21.96 22.71 7.10
CA PHE A 145 -20.78 22.87 7.95
C PHE A 145 -20.57 21.55 8.69
N TYR A 146 -19.58 20.78 8.27
CA TYR A 146 -19.24 19.51 8.91
C TYR A 146 -18.11 19.76 9.89
N HIS A 147 -18.37 19.57 11.18
CA HIS A 147 -17.42 19.90 12.24
C HIS A 147 -16.82 18.61 12.78
N VAL A 148 -15.49 18.51 12.70
CA VAL A 148 -14.78 17.32 13.20
C VAL A 148 -14.27 17.58 14.61
N SER A 149 -14.61 16.70 15.55
CA SER A 149 -14.21 16.92 16.93
C SER A 149 -13.74 15.61 17.55
N THR A 150 -13.56 15.61 18.87
CA THR A 150 -12.86 14.54 19.57
C THR A 150 -13.76 13.91 20.62
N ASP A 151 -13.56 12.61 20.86
CA ASP A 151 -14.31 11.96 21.92
C ASP A 151 -13.94 12.48 23.30
N GLU A 152 -12.83 13.21 23.43
CA GLU A 152 -12.44 13.72 24.74
C GLU A 152 -13.38 14.81 25.26
N VAL A 153 -14.28 15.35 24.43
CA VAL A 153 -15.30 16.26 24.96
C VAL A 153 -16.16 15.57 26.02
N TYR A 154 -16.24 14.23 25.99
CA TYR A 154 -17.08 13.49 26.92
C TYR A 154 -16.37 13.16 28.23
N GLY A 155 -15.12 13.57 28.40
CA GLY A 155 -14.38 13.24 29.61
C GLY A 155 -13.71 11.89 29.48
N SER A 156 -13.85 11.06 30.51
CA SER A 156 -13.24 9.73 30.50
C SER A 156 -14.19 8.76 31.20
N LEU A 157 -13.84 7.47 31.16
CA LEU A 157 -14.73 6.43 31.65
C LEU A 157 -14.08 5.64 32.77
N GLY A 158 -14.94 5.05 33.60
CA GLY A 158 -14.51 4.04 34.54
C GLY A 158 -14.34 2.71 33.84
N GLU A 159 -14.44 1.64 34.65
CA GLU A 159 -14.23 0.31 34.12
C GLU A 159 -15.29 -0.08 33.10
N THR A 160 -16.52 0.40 33.27
CA THR A 160 -17.65 0.06 32.42
CA THR A 160 -17.62 0.04 32.39
C THR A 160 -18.16 1.30 31.70
N GLY A 161 -19.05 1.06 30.72
CA GLY A 161 -19.67 2.14 29.97
C GLY A 161 -18.85 2.63 28.78
N PHE A 162 -19.53 3.40 27.93
CA PHE A 162 -18.97 3.93 26.69
C PHE A 162 -19.47 5.34 26.45
N PHE A 163 -18.75 6.07 25.61
CA PHE A 163 -19.22 7.37 25.13
C PHE A 163 -20.37 7.17 24.16
N LEU A 164 -21.48 7.86 24.42
CA LEU A 164 -22.60 7.96 23.50
C LEU A 164 -22.78 9.41 23.07
N GLU A 165 -23.52 9.61 21.98
CA GLU A 165 -23.83 10.96 21.54
C GLU A 165 -24.56 11.75 22.61
N THR A 166 -25.27 11.05 23.49
CA THR A 166 -26.03 11.66 24.58
C THR A 166 -25.22 11.84 25.85
N THR A 167 -23.96 11.38 25.88
CA THR A 167 -23.12 11.54 27.06
C THR A 167 -22.87 13.02 27.33
N ALA A 168 -23.11 13.44 28.57
CA ALA A 168 -22.83 14.83 28.95
C ALA A 168 -21.37 15.17 28.70
N TYR A 169 -21.14 16.33 28.10
CA TYR A 169 -19.78 16.81 27.95
C TYR A 169 -19.13 16.98 29.31
N ASP A 170 -17.86 16.60 29.40
CA ASP A 170 -17.06 16.73 30.61
C ASP A 170 -15.59 16.86 30.24
N PRO A 171 -15.20 17.84 29.42
CA PRO A 171 -13.82 17.88 28.94
C PRO A 171 -12.85 18.10 30.10
N GLN A 172 -11.76 17.33 30.09
CA GLN A 172 -10.88 17.31 31.24
C GLN A 172 -9.54 17.99 30.99
N SER A 173 -9.27 18.45 29.77
CA SER A 173 -8.05 19.15 29.46
C SER A 173 -8.37 20.49 28.79
N PRO A 174 -7.47 21.46 28.86
CA PRO A 174 -7.68 22.69 28.11
C PRO A 174 -7.95 22.44 26.63
N TYR A 175 -7.23 21.47 26.04
CA TYR A 175 -7.48 21.11 24.65
C TYR A 175 -8.92 20.64 24.45
N SER A 176 -9.35 19.65 25.23
CA SER A 176 -10.67 19.10 24.96
C SER A 176 -11.76 20.11 25.33
N ALA A 177 -11.47 21.02 26.27
CA ALA A 177 -12.41 22.10 26.56
C ALA A 177 -12.56 23.03 25.37
N SER A 178 -11.46 23.36 24.69
CA SER A 178 -11.54 24.21 23.51
C SER A 178 -12.27 23.49 22.37
N LYS A 179 -12.04 22.19 22.20
CA LYS A 179 -12.80 21.45 21.19
C LYS A 179 -14.28 21.39 21.55
N ALA A 180 -14.60 21.11 22.81
CA ALA A 180 -16.01 21.12 23.23
C ALA A 180 -16.64 22.48 22.93
N ALA A 181 -15.90 23.57 23.19
CA ALA A 181 -16.41 24.91 22.90
C ALA A 181 -16.72 25.08 21.42
N SER A 182 -15.87 24.54 20.56
CA SER A 182 -16.14 24.68 19.13
C SER A 182 -17.38 23.91 18.73
N ASP A 183 -17.59 22.72 19.31
CA ASP A 183 -18.84 21.98 19.07
C ASP A 183 -20.04 22.83 19.42
N HIS A 184 -19.98 23.48 20.58
CA HIS A 184 -21.11 24.29 21.01
C HIS A 184 -21.39 25.42 20.03
N LEU A 185 -20.33 26.05 19.50
CA LEU A 185 -20.56 27.16 18.58
C LEU A 185 -21.26 26.68 17.33
N VAL A 186 -20.79 25.56 16.77
CA VAL A 186 -21.41 25.00 15.57
C VAL A 186 -22.89 24.73 15.81
N ARG A 187 -23.22 24.04 16.89
CA ARG A 187 -24.63 23.72 17.13
C ARG A 187 -25.46 24.97 17.36
N ALA A 188 -24.89 25.97 18.05
CA ALA A 188 -25.65 27.18 18.33
C ALA A 188 -25.88 28.00 17.06
N TYR A 189 -24.91 28.06 16.16
CA TYR A 189 -25.16 28.71 14.87
C TYR A 189 -26.21 27.94 14.07
N GLY A 190 -26.15 26.61 14.13
CA GLY A 190 -27.18 25.82 13.49
C GLY A 190 -28.57 26.14 14.03
N ASN A 191 -28.71 26.16 15.35
CA ASN A 191 -30.01 26.43 15.96
C ASN A 191 -30.45 27.87 15.70
N THR A 192 -29.55 28.83 15.87
CA THR A 192 -29.95 30.24 15.89
C THR A 192 -30.14 30.80 14.50
N TYR A 193 -29.32 30.37 13.54
CA TYR A 193 -29.36 30.93 12.20
C TYR A 193 -29.87 29.95 11.16
N GLY A 194 -30.10 28.69 11.55
CA GLY A 194 -30.52 27.70 10.57
C GLY A 194 -29.39 27.24 9.70
N MET A 195 -28.16 27.31 10.18
CA MET A 195 -27.02 26.87 9.40
C MET A 195 -26.95 25.35 9.38
N PRO A 196 -26.96 24.71 8.23
CA PRO A 196 -26.84 23.24 8.21
C PRO A 196 -25.49 22.81 8.75
N PHE A 197 -25.52 21.82 9.63
CA PHE A 197 -24.30 21.37 10.28
C PHE A 197 -24.41 19.89 10.62
N ILE A 198 -23.24 19.26 10.73
CA ILE A 198 -23.07 17.94 11.33
C ILE A 198 -21.86 18.04 12.25
N VAL A 199 -21.93 17.37 13.40
CA VAL A 199 -20.78 17.21 14.27
C VAL A 199 -20.46 15.72 14.40
N SER A 200 -19.18 15.36 14.29
CA SER A 200 -18.76 14.02 14.69
C SER A 200 -17.59 14.13 15.64
N ASN A 201 -17.57 13.19 16.59
CA ASN A 201 -16.53 13.07 17.60
C ASN A 201 -15.92 11.70 17.47
N CYS A 202 -14.61 11.63 17.25
CA CYS A 202 -13.98 10.34 16.98
C CYS A 202 -12.96 9.99 18.04
N SER A 203 -12.63 8.70 18.07
CA SER A 203 -11.59 8.23 18.95
CA SER A 203 -11.57 8.14 18.90
C SER A 203 -10.21 8.59 18.38
N ASN A 204 -9.15 8.19 19.11
CA ASN A 204 -7.77 8.35 18.62
C ASN A 204 -7.62 7.72 17.25
N ASN A 205 -7.04 8.48 16.32
CA ASN A 205 -6.73 7.98 15.00
C ASN A 205 -5.28 7.47 14.93
N TYR A 206 -5.05 6.58 13.98
CA TYR A 206 -3.70 6.09 13.74
C TYR A 206 -3.63 5.71 12.25
N GLY A 207 -2.41 5.60 11.74
CA GLY A 207 -2.20 5.12 10.39
C GLY A 207 -1.21 5.96 9.60
N PRO A 208 -1.32 5.92 8.27
CA PRO A 208 -0.32 6.62 7.43
C PRO A 208 -0.32 8.13 7.69
N ASN A 209 0.86 8.71 7.61
CA ASN A 209 1.11 10.15 7.73
C ASN A 209 0.93 10.65 9.16
N HIS A 210 0.98 9.76 10.12
CA HIS A 210 0.97 10.11 11.54
C HIS A 210 2.37 10.53 11.95
N PHE A 211 2.50 11.67 12.64
CA PHE A 211 3.83 12.20 12.94
C PHE A 211 4.64 11.25 13.81
N PRO A 212 5.98 11.25 13.66
CA PRO A 212 6.80 10.18 14.26
C PRO A 212 6.84 10.20 15.77
N GLU A 213 6.53 11.30 16.43
CA GLU A 213 6.52 11.31 17.89
CA GLU A 213 6.50 11.36 17.88
C GLU A 213 5.17 10.90 18.47
N LYS A 214 4.17 10.63 17.64
CA LYS A 214 2.90 10.16 18.18
C LYS A 214 3.06 8.73 18.66
N LEU A 215 2.09 8.28 19.45
CA LEU A 215 2.30 7.07 20.27
C LEU A 215 2.64 5.86 19.42
N ILE A 216 1.83 5.56 18.41
CA ILE A 216 2.06 4.33 17.65
C ILE A 216 3.30 4.47 16.77
N PRO A 217 3.49 5.56 16.01
CA PRO A 217 4.77 5.70 15.28
C PRO A 217 5.99 5.64 16.16
N LEU A 218 5.93 6.22 17.37
CA LEU A 218 7.09 6.18 18.26
C LEU A 218 7.37 4.76 18.75
N CYS A 219 6.31 4.00 19.05
CA CYS A 219 6.51 2.61 19.46
CA CYS A 219 6.50 2.61 19.45
C CYS A 219 7.13 1.79 18.33
N ILE A 220 6.67 2.01 17.09
CA ILE A 220 7.27 1.32 15.94
C ILE A 220 8.75 1.65 15.84
N SER A 221 9.09 2.93 15.93
CA SER A 221 10.48 3.35 15.87
C SER A 221 11.31 2.71 16.98
N ASN A 222 10.80 2.75 18.21
CA ASN A 222 11.53 2.21 19.36
C ASN A 222 11.74 0.70 19.21
N ILE A 223 10.75 -0.01 18.68
CA ILE A 223 10.92 -1.45 18.45
C ILE A 223 11.99 -1.68 17.39
N LEU A 224 11.89 -0.98 16.26
CA LEU A 224 12.85 -1.13 15.18
C LEU A 224 14.26 -0.80 15.62
N ASN A 225 14.42 0.13 16.55
CA ASN A 225 15.74 0.56 16.98
C ASN A 225 16.14 0.04 18.35
N GLU A 226 15.41 -0.95 18.87
CA GLU A 226 15.77 -1.61 20.12
C GLU A 226 15.93 -0.60 21.26
N LYS A 227 15.02 0.37 21.31
CA LYS A 227 14.93 1.32 22.39
C LYS A 227 13.83 0.91 23.36
N PRO A 228 13.91 1.33 24.63
CA PRO A 228 12.89 0.92 25.60
C PRO A 228 11.49 1.38 25.23
N LEU A 229 10.51 0.55 25.60
CA LEU A 229 9.09 0.85 25.43
C LEU A 229 8.51 1.12 26.81
N PRO A 230 8.45 2.39 27.25
CA PRO A 230 7.95 2.67 28.60
C PRO A 230 6.47 2.31 28.71
N ILE A 231 6.14 1.61 29.79
CA ILE A 231 4.76 1.28 30.14
C ILE A 231 4.50 1.89 31.52
N TYR A 232 3.49 2.73 31.62
CA TYR A 232 3.18 3.44 32.86
C TYR A 232 2.25 2.59 33.71
N GLY A 233 2.67 2.32 34.94
CA GLY A 233 1.88 1.47 35.82
C GLY A 233 1.76 0.08 35.25
N ASP A 234 0.52 -0.39 35.11
CA ASP A 234 0.23 -1.68 34.51
C ASP A 234 -0.05 -1.60 33.02
N GLY A 235 0.04 -0.41 32.43
CA GLY A 235 -0.31 -0.23 31.03
C GLY A 235 -1.79 -0.40 30.73
N LYS A 236 -2.65 -0.16 31.71
CA LYS A 236 -4.08 -0.40 31.55
C LYS A 236 -4.81 0.77 30.94
N TYR A 237 -4.12 1.88 30.66
CA TYR A 237 -4.69 2.98 29.90
C TYR A 237 -5.31 2.43 28.62
N THR A 238 -6.58 2.79 28.38
CA THR A 238 -7.36 2.13 27.35
C THR A 238 -7.95 3.15 26.40
N ARG A 239 -7.79 2.90 25.10
CA ARG A 239 -8.36 3.73 24.05
C ARG A 239 -9.03 2.84 22.99
N ASP A 240 -10.15 3.33 22.50
CA ASP A 240 -10.70 2.96 21.20
C ASP A 240 -9.83 3.54 20.09
N TRP A 241 -9.37 2.71 19.15
CA TRP A 241 -8.45 3.15 18.10
C TRP A 241 -9.12 3.08 16.73
N LEU A 242 -9.15 4.20 16.02
CA LEU A 242 -9.84 4.34 14.75
C LEU A 242 -8.81 4.53 13.62
N TYR A 243 -8.82 3.63 12.64
CA TYR A 243 -7.89 3.78 11.52
C TYR A 243 -8.22 5.05 10.75
N VAL A 244 -7.20 5.86 10.45
CA VAL A 244 -7.45 7.21 9.94
C VAL A 244 -8.23 7.15 8.63
N ILE A 245 -7.99 6.13 7.80
CA ILE A 245 -8.71 6.04 6.54
C ILE A 245 -10.17 5.68 6.76
N ASP A 246 -10.45 4.91 7.82
CA ASP A 246 -11.84 4.65 8.20
C ASP A 246 -12.54 5.91 8.65
N HIS A 247 -11.85 6.74 9.44
CA HIS A 247 -12.40 8.04 9.83
C HIS A 247 -12.76 8.88 8.63
N ALA A 248 -11.84 8.98 7.65
CA ALA A 248 -12.12 9.81 6.48
C ALA A 248 -13.31 9.25 5.70
N ARG A 249 -13.38 7.93 5.57
CA ARG A 249 -14.51 7.30 4.91
C ARG A 249 -15.82 7.60 5.64
N ALA A 250 -15.80 7.51 6.97
CA ALA A 250 -16.99 7.82 7.76
C ALA A 250 -17.42 9.27 7.58
N ILE A 251 -16.46 10.21 7.67
CA ILE A 251 -16.78 11.63 7.46
C ILE A 251 -17.47 11.81 6.11
N HIS A 252 -16.92 11.21 5.05
CA HIS A 252 -17.49 11.39 3.73
C HIS A 252 -18.89 10.79 3.64
N GLN A 253 -19.11 9.63 4.26
CA GLN A 253 -20.43 9.02 4.20
C GLN A 253 -21.46 9.83 4.99
N ILE A 254 -21.09 10.23 6.21
CA ILE A 254 -21.98 11.04 7.05
C ILE A 254 -22.33 12.36 6.34
N PHE A 255 -21.29 13.03 5.81
CA PHE A 255 -21.47 14.27 5.04
C PHE A 255 -22.56 14.12 3.99
N ASN A 256 -22.59 12.98 3.30
CA ASN A 256 -23.53 12.77 2.22
C ASN A 256 -24.87 12.21 2.68
N GLU A 257 -24.91 11.39 3.73
CA GLU A 257 -26.11 10.61 4.02
C GLU A 257 -26.80 10.97 5.32
N ALA A 258 -26.14 11.66 6.23
CA ALA A 258 -26.74 11.89 7.54
C ALA A 258 -27.78 13.00 7.47
N LYS A 259 -28.76 12.92 8.37
CA LYS A 259 -29.76 13.97 8.53
C LYS A 259 -29.10 15.24 9.07
N THR A 260 -29.52 16.40 8.54
CA THR A 260 -28.95 17.67 8.99
C THR A 260 -29.09 17.84 10.49
N GLY A 261 -28.02 18.32 11.12
CA GLY A 261 -28.04 18.59 12.54
C GLY A 261 -27.68 17.42 13.43
N GLU A 262 -27.36 16.25 12.85
CA GLU A 262 -27.04 15.08 13.64
C GLU A 262 -25.62 15.14 14.20
N THR A 263 -25.43 14.43 15.31
CA THR A 263 -24.11 14.13 15.86
C THR A 263 -23.87 12.63 15.77
N TYR A 264 -22.65 12.24 15.37
CA TYR A 264 -22.24 10.84 15.42
C TYR A 264 -20.90 10.72 16.09
N ASN A 265 -20.79 9.74 16.99
CA ASN A 265 -19.49 9.29 17.48
C ASN A 265 -18.93 8.22 16.53
N ILE A 266 -17.65 8.35 16.18
CA ILE A 266 -16.98 7.45 15.24
C ILE A 266 -15.84 6.79 15.98
N GLY A 267 -15.86 5.46 16.07
CA GLY A 267 -14.81 4.72 16.73
C GLY A 267 -14.45 3.50 15.90
N GLY A 268 -13.44 2.76 16.37
CA GLY A 268 -12.97 1.63 15.61
C GLY A 268 -13.57 0.31 16.04
N PHE A 269 -14.63 0.35 16.84
CA PHE A 269 -15.35 -0.83 17.32
C PHE A 269 -14.43 -1.69 18.18
N ASN A 270 -13.57 -1.05 18.98
CA ASN A 270 -12.62 -1.79 19.79
C ASN A 270 -12.28 -0.97 21.04
N GLU A 271 -11.56 -1.61 21.96
CA GLU A 271 -10.85 -0.86 23.01
C GLU A 271 -9.62 -1.63 23.42
N TRP A 272 -8.47 -0.95 23.49
CA TRP A 272 -7.18 -1.60 23.72
C TRP A 272 -6.44 -0.95 24.88
N GLN A 273 -5.96 -1.78 25.80
CA GLN A 273 -5.00 -1.33 26.79
C GLN A 273 -3.65 -1.07 26.14
N ASN A 274 -2.93 -0.04 26.62
CA ASN A 274 -1.62 0.29 26.06
C ASN A 274 -0.70 -0.93 26.06
N ILE A 275 -0.74 -1.73 27.13
CA ILE A 275 0.16 -2.89 27.19
C ILE A 275 -0.15 -3.87 26.07
N ASP A 276 -1.44 -4.08 25.79
CA ASP A 276 -1.80 -4.99 24.70
C ASP A 276 -1.49 -4.39 23.34
N LEU A 277 -1.60 -3.06 23.20
CA LEU A 277 -1.21 -2.42 21.95
C LEU A 277 0.28 -2.63 21.69
N VAL A 278 1.12 -2.38 22.70
CA VAL A 278 2.56 -2.55 22.53
C VAL A 278 2.91 -4.00 22.21
N LYS A 279 2.26 -4.95 22.89
CA LYS A 279 2.54 -6.37 22.64
C LYS A 279 2.11 -6.79 21.24
N GLU A 280 1.03 -6.20 20.71
CA GLU A 280 0.62 -6.46 19.34
C GLU A 280 1.61 -5.90 18.32
N LEU A 281 2.08 -4.67 18.54
CA LEU A 281 3.13 -4.12 17.67
C LEU A 281 4.39 -4.97 17.73
N ILE A 282 4.78 -5.43 18.92
CA ILE A 282 5.95 -6.30 19.04
C ILE A 282 5.75 -7.56 18.21
N LYS A 283 4.58 -8.19 18.35
CA LYS A 283 4.31 -9.44 17.64
C LYS A 283 4.40 -9.24 16.14
N GLN A 284 3.75 -8.21 15.61
CA GLN A 284 3.71 -8.00 14.17
C GLN A 284 5.07 -7.59 13.63
N LEU A 285 5.76 -6.68 14.33
CA LEU A 285 7.06 -6.20 13.85
C LEU A 285 8.10 -7.31 13.88
N ASP A 286 8.11 -8.10 14.97
CA ASP A 286 9.01 -9.24 15.02
C ASP A 286 8.73 -10.21 13.88
N ALA A 287 7.46 -10.48 13.60
CA ALA A 287 7.13 -11.42 12.53
C ALA A 287 7.46 -10.83 11.17
N LYS A 288 7.20 -9.53 10.96
CA LYS A 288 7.47 -8.94 9.66
C LYS A 288 8.97 -8.91 9.33
N LEU A 289 9.82 -8.75 10.34
CA LEU A 289 11.27 -8.64 10.12
C LEU A 289 12.00 -9.95 10.42
N GLY A 290 11.28 -11.06 10.51
CA GLY A 290 11.92 -12.35 10.59
C GLY A 290 12.60 -12.67 11.89
N LYS A 291 12.18 -12.05 12.98
CA LYS A 291 12.71 -12.25 14.32
C LYS A 291 11.99 -13.38 15.04
N PRO A 292 12.65 -14.09 15.95
CA PRO A 292 11.95 -15.11 16.74
C PRO A 292 10.84 -14.48 17.56
N GLU A 293 9.77 -15.26 17.79
CA GLU A 293 8.65 -14.75 18.57
CA GLU A 293 8.65 -14.75 18.57
C GLU A 293 9.12 -14.31 19.96
N GLY A 294 8.65 -13.15 20.39
CA GLY A 294 9.02 -12.57 21.65
C GLY A 294 10.29 -11.75 21.62
N HIS A 295 10.92 -11.61 20.45
CA HIS A 295 12.21 -10.94 20.34
C HIS A 295 12.21 -9.58 21.01
N SER A 296 11.22 -8.76 20.72
CA SER A 296 11.23 -7.38 21.20
C SER A 296 10.55 -7.19 22.54
N GLU A 297 10.07 -8.26 23.18
CA GLU A 297 9.43 -8.14 24.48
CA GLU A 297 9.41 -8.06 24.46
C GLU A 297 10.38 -7.59 25.53
N LYS A 298 11.68 -7.85 25.38
CA LYS A 298 12.65 -7.39 26.38
C LYS A 298 12.73 -5.86 26.45
N LEU A 299 12.21 -5.16 25.43
CA LEU A 299 12.22 -3.70 25.41
C LEU A 299 11.16 -3.10 26.32
N ILE A 300 10.14 -3.88 26.69
CA ILE A 300 9.08 -3.34 27.54
C ILE A 300 9.68 -2.97 28.89
N THR A 301 9.40 -1.75 29.33
CA THR A 301 9.99 -1.22 30.56
C THR A 301 8.87 -0.64 31.39
N PHE A 302 8.61 -1.25 32.54
CA PHE A 302 7.54 -0.77 33.40
C PHE A 302 8.07 0.36 34.27
N VAL A 303 7.36 1.48 34.28
CA VAL A 303 7.76 2.67 35.01
C VAL A 303 6.62 3.08 35.94
N LYS A 304 6.92 4.06 36.79
CA LYS A 304 5.97 4.49 37.81
C LYS A 304 4.68 5.00 37.17
N ASP A 305 3.55 4.50 37.68
CA ASP A 305 2.25 4.98 37.23
C ASP A 305 2.15 6.48 37.45
N ARG A 306 1.39 7.14 36.58
CA ARG A 306 1.18 8.58 36.67
C ARG A 306 -0.32 8.85 36.73
N PRO A 307 -0.74 9.96 37.34
CA PRO A 307 -2.19 10.24 37.40
C PRO A 307 -2.76 10.45 36.01
N GLY A 308 -3.98 9.95 35.82
CA GLY A 308 -4.60 10.01 34.51
C GLY A 308 -4.08 9.01 33.50
N HIS A 309 -3.26 8.05 33.92
CA HIS A 309 -2.77 7.01 33.02
C HIS A 309 -3.51 5.69 33.20
N ASP A 310 -4.51 5.65 34.08
CA ASP A 310 -5.40 4.50 34.18
C ASP A 310 -6.75 4.77 33.53
N LYS A 311 -6.88 5.88 32.82
CA LYS A 311 -8.16 6.29 32.26
C LYS A 311 -8.57 5.36 31.12
N ARG A 312 -9.83 5.51 30.70
CA ARG A 312 -10.41 4.68 29.66
C ARG A 312 -11.30 5.56 28.79
N TYR A 313 -11.12 5.44 27.47
CA TYR A 313 -11.85 6.21 26.46
C TYR A 313 -12.32 5.25 25.39
N ALA A 314 -13.63 5.08 25.25
CA ALA A 314 -14.14 4.12 24.27
C ALA A 314 -15.52 4.53 23.79
N ILE A 315 -15.74 4.45 22.47
CA ILE A 315 -16.96 4.92 21.86
C ILE A 315 -17.90 3.74 21.63
N ASP A 316 -19.20 3.97 21.86
CA ASP A 316 -20.25 3.07 21.42
C ASP A 316 -20.84 3.68 20.15
N ALA A 317 -20.46 3.14 19.00
CA ALA A 317 -20.87 3.69 17.71
C ALA A 317 -22.14 3.04 17.17
N THR A 318 -23.03 2.59 18.05
CA THR A 318 -24.27 1.95 17.64
C THR A 318 -25.08 2.86 16.71
N LYS A 319 -25.19 4.14 17.06
CA LYS A 319 -26.00 5.06 16.25
C LYS A 319 -25.49 5.16 14.82
N LEU A 320 -24.18 5.39 14.65
CA LEU A 320 -23.61 5.48 13.31
C LEU A 320 -23.82 4.17 12.56
N ASN A 321 -23.61 3.04 13.24
CA ASN A 321 -23.78 1.75 12.58
C ASN A 321 -25.26 1.52 12.22
N LYS A 322 -26.18 1.87 13.12
CA LYS A 322 -27.60 1.66 12.85
C LYS A 322 -28.10 2.59 11.76
N ASP A 323 -27.71 3.87 11.82
CA ASP A 323 -28.28 4.86 10.91
C ASP A 323 -27.74 4.71 9.50
N LEU A 324 -26.42 4.48 9.36
CA LEU A 324 -25.79 4.49 8.05
C LEU A 324 -25.18 3.15 7.65
N GLY A 325 -25.21 2.15 8.52
CA GLY A 325 -24.58 0.88 8.16
C GLY A 325 -23.08 0.91 8.15
N TRP A 326 -22.48 1.95 8.73
CA TRP A 326 -21.03 2.10 8.68
C TRP A 326 -20.36 1.17 9.67
N LYS A 327 -19.18 0.68 9.28
CA LYS A 327 -18.35 -0.16 10.13
C LYS A 327 -16.92 0.02 9.68
N PRO A 328 -15.93 -0.20 10.56
CA PRO A 328 -14.53 -0.10 10.14
C PRO A 328 -14.23 -1.10 9.04
N SER A 329 -13.23 -0.76 8.21
CA SER A 329 -12.78 -1.70 7.18
C SER A 329 -11.70 -2.64 7.71
N VAL A 330 -11.16 -2.36 8.90
CA VAL A 330 -10.09 -3.14 9.49
C VAL A 330 -10.35 -3.30 10.98
N THR A 331 -9.90 -4.44 11.52
CA THR A 331 -9.65 -4.52 12.94
C THR A 331 -8.40 -3.70 13.28
N PHE A 332 -8.20 -3.45 14.58
CA PHE A 332 -6.98 -2.78 15.00
C PHE A 332 -5.74 -3.55 14.55
N GLU A 333 -5.78 -4.88 14.65
CA GLU A 333 -4.63 -5.67 14.20
C GLU A 333 -4.38 -5.47 12.72
N GLU A 334 -5.45 -5.46 11.92
CA GLU A 334 -5.29 -5.26 10.49
C GLU A 334 -4.85 -3.84 10.18
N GLY A 335 -5.36 -2.86 10.95
CA GLY A 335 -4.93 -1.49 10.73
C GLY A 335 -3.48 -1.28 11.13
N LEU A 336 -3.07 -1.90 12.24
CA LEU A 336 -1.67 -1.84 12.60
C LEU A 336 -0.78 -2.45 11.52
N ALA A 337 -1.22 -3.55 10.92
CA ALA A 337 -0.44 -4.16 9.86
C ALA A 337 -0.26 -3.19 8.69
N LYS A 338 -1.33 -2.50 8.30
CA LYS A 338 -1.23 -1.51 7.23
C LYS A 338 -0.35 -0.34 7.65
N THR A 339 -0.43 0.05 8.92
CA THR A 339 0.38 1.17 9.42
C THR A 339 1.86 0.84 9.41
N ILE A 340 2.21 -0.36 9.87
CA ILE A 340 3.58 -0.84 9.83
C ILE A 340 4.08 -0.88 8.39
N ASP A 341 3.26 -1.41 7.48
CA ASP A 341 3.67 -1.51 6.09
C ASP A 341 3.94 -0.11 5.52
N TRP A 342 3.07 0.84 5.83
CA TRP A 342 3.26 2.19 5.32
C TRP A 342 4.51 2.82 5.91
N TYR A 343 4.69 2.69 7.23
CA TYR A 343 5.89 3.18 7.90
C TYR A 343 7.16 2.69 7.20
N LEU A 344 7.26 1.38 6.97
CA LEU A 344 8.46 0.81 6.37
C LEU A 344 8.65 1.25 4.93
N ASP A 345 7.58 1.63 4.24
CA ASP A 345 7.66 2.11 2.87
C ASP A 345 7.89 3.61 2.80
N ASN A 346 7.89 4.31 3.93
CA ASN A 346 7.91 5.75 3.89
C ASN A 346 8.91 6.31 4.88
N LYS A 347 10.09 5.70 4.94
CA LYS A 347 11.11 6.28 5.81
C LYS A 347 11.58 7.63 5.28
N GLU A 348 11.40 7.90 3.98
CA GLU A 348 11.68 9.24 3.47
C GLU A 348 10.75 10.28 4.08
N TRP A 349 9.44 10.00 4.08
CA TRP A 349 8.49 10.92 4.71
C TRP A 349 8.83 11.15 6.17
N LEU A 350 9.19 10.07 6.88
CA LEU A 350 9.51 10.17 8.30
C LEU A 350 10.75 11.01 8.54
N GLU A 351 11.79 10.79 7.73
CA GLU A 351 13.00 11.59 7.88
CA GLU A 351 13.02 11.59 7.83
C GLU A 351 12.74 13.06 7.57
N ASN A 352 11.87 13.34 6.60
CA ASN A 352 11.61 14.74 6.27
C ASN A 352 10.85 15.46 7.39
N VAL A 353 10.03 14.74 8.15
CA VAL A 353 9.42 15.35 9.33
C VAL A 353 10.47 15.58 10.40
N THR A 354 11.24 14.54 10.73
CA THR A 354 12.18 14.66 11.84
C THR A 354 13.26 15.71 11.57
N SER A 355 13.67 15.88 10.31
CA SER A 355 14.69 16.87 9.99
C SER A 355 14.15 18.29 9.92
N GLY A 356 12.83 18.45 9.85
CA GLY A 356 12.21 19.73 9.62
C GLY A 356 12.04 20.09 8.16
N ASP A 357 12.58 19.30 7.23
CA ASP A 357 12.49 19.65 5.82
C ASP A 357 11.06 19.67 5.31
N TYR A 358 10.14 18.93 5.95
CA TYR A 358 8.76 18.95 5.51
C TYR A 358 8.20 20.36 5.45
N GLN A 359 8.71 21.27 6.29
CA GLN A 359 8.18 22.62 6.35
CA GLN A 359 8.16 22.62 6.34
C GLN A 359 8.59 23.47 5.16
N LYS A 360 9.57 23.04 4.37
CA LYS A 360 10.01 23.77 3.21
C LYS A 360 9.27 23.37 1.93
N TYR A 361 8.31 22.47 2.03
CA TYR A 361 7.65 21.94 0.83
C TYR A 361 6.92 23.04 0.08
N TYR A 362 6.15 23.87 0.79
CA TYR A 362 5.40 24.94 0.12
C TYR A 362 6.32 25.88 -0.65
N GLU A 363 7.38 26.36 0.01
CA GLU A 363 8.28 27.30 -0.67
C GLU A 363 9.00 26.62 -1.84
N ASN A 364 9.25 25.32 -1.74
CA ASN A 364 10.00 24.62 -2.78
C ASN A 364 9.15 24.17 -3.96
N GLN A 365 7.89 23.84 -3.73
CA GLN A 365 7.05 23.33 -4.82
C GLN A 365 6.11 24.38 -5.38
N TYR A 366 5.68 25.35 -4.57
CA TYR A 366 4.72 26.36 -4.99
C TYR A 366 5.38 27.70 -5.31
N SER A 367 6.67 27.70 -5.64
CA SER A 367 7.36 28.90 -6.09
C SER A 367 7.67 28.85 -7.58
N HIS B 8 6.98 -26.12 -56.60
CA HIS B 8 8.20 -26.90 -56.73
C HIS B 8 9.42 -26.12 -56.22
N MET B 9 10.18 -26.71 -55.32
CA MET B 9 11.34 -26.04 -54.74
C MET B 9 12.46 -25.92 -55.76
N LYS B 10 13.22 -24.83 -55.65
CA LYS B 10 14.31 -24.57 -56.59
C LYS B 10 15.66 -24.39 -55.92
N ASN B 11 15.71 -24.02 -54.64
CA ASN B 11 16.95 -23.83 -53.93
C ASN B 11 16.79 -24.35 -52.51
N ILE B 12 17.66 -25.26 -52.10
CA ILE B 12 17.65 -25.83 -50.75
C ILE B 12 19.04 -25.65 -50.16
N ILE B 13 19.10 -25.01 -48.98
CA ILE B 13 20.34 -24.89 -48.22
C ILE B 13 20.50 -26.11 -47.33
N ILE B 14 21.71 -26.68 -47.33
CA ILE B 14 22.11 -27.68 -46.35
C ILE B 14 23.18 -27.02 -45.49
N THR B 15 22.85 -26.68 -44.23
CA THR B 15 23.90 -26.12 -43.37
C THR B 15 24.77 -27.27 -42.85
N GLY B 16 26.04 -26.97 -42.62
CA GLY B 16 26.94 -28.01 -42.12
C GLY B 16 27.23 -29.09 -43.13
N GLY B 17 27.02 -28.81 -44.41
CA GLY B 17 27.17 -29.81 -45.45
C GLY B 17 28.59 -30.23 -45.73
N ALA B 18 29.58 -29.53 -45.18
CA ALA B 18 30.95 -30.02 -45.33
C ALA B 18 31.32 -31.06 -44.26
N GLY B 19 30.42 -31.34 -43.33
CA GLY B 19 30.72 -32.25 -42.23
C GLY B 19 30.45 -33.70 -42.56
N PHE B 20 30.46 -34.52 -41.50
CA PHE B 20 30.31 -35.97 -41.62
C PHE B 20 28.92 -36.31 -42.15
N ILE B 21 27.88 -36.07 -41.36
CA ILE B 21 26.54 -36.39 -41.85
C ILE B 21 26.15 -35.44 -42.97
N GLY B 22 26.53 -34.16 -42.85
CA GLY B 22 26.06 -33.17 -43.80
C GLY B 22 26.52 -33.47 -45.22
N SER B 23 27.74 -33.99 -45.37
CA SER B 23 28.22 -34.28 -46.72
C SER B 23 27.37 -35.37 -47.38
N HIS B 24 26.97 -36.38 -46.61
CA HIS B 24 26.08 -37.42 -47.14
C HIS B 24 24.68 -36.89 -47.45
N VAL B 25 24.21 -35.94 -46.65
CA VAL B 25 22.93 -35.30 -46.95
C VAL B 25 23.03 -34.47 -48.23
N VAL B 26 24.10 -33.70 -48.37
CA VAL B 26 24.28 -32.92 -49.62
C VAL B 26 24.25 -33.86 -50.81
N ARG B 27 25.01 -34.95 -50.73
CA ARG B 27 25.08 -35.90 -51.82
C ARG B 27 23.71 -36.47 -52.16
N GLU B 28 22.95 -36.88 -51.13
CA GLU B 28 21.63 -37.44 -51.37
C GLU B 28 20.73 -36.45 -52.09
N PHE B 29 20.68 -35.19 -51.60
CA PHE B 29 19.83 -34.19 -52.23
C PHE B 29 20.33 -33.84 -53.64
N VAL B 30 21.64 -33.68 -53.83
CA VAL B 30 22.17 -33.37 -55.16
C VAL B 30 21.79 -34.45 -56.17
N ILE B 31 21.95 -35.72 -55.79
CA ILE B 31 21.74 -36.80 -56.75
C ILE B 31 20.25 -37.03 -57.00
N LYS B 32 19.44 -37.00 -55.93
CA LYS B 32 18.03 -37.28 -56.06
C LYS B 32 17.24 -36.13 -56.64
N ASN B 33 17.79 -34.91 -56.68
CA ASN B 33 17.08 -33.73 -57.16
C ASN B 33 17.93 -32.93 -58.14
N PRO B 34 18.19 -33.46 -59.33
CA PRO B 34 18.98 -32.69 -60.31
C PRO B 34 18.34 -31.36 -60.68
N GLU B 35 17.03 -31.21 -60.49
CA GLU B 35 16.33 -30.00 -60.88
C GLU B 35 16.39 -28.91 -59.83
N ILE B 36 16.97 -29.21 -58.66
CA ILE B 36 17.01 -28.29 -57.52
C ILE B 36 18.46 -27.94 -57.22
N THR B 37 18.74 -26.65 -57.08
CA THR B 37 20.07 -26.22 -56.64
C THR B 37 20.26 -26.49 -55.16
N ILE B 38 21.32 -27.22 -54.83
CA ILE B 38 21.65 -27.58 -53.45
C ILE B 38 22.81 -26.70 -53.00
N ILE B 39 22.57 -25.88 -51.98
CA ILE B 39 23.56 -24.93 -51.48
C ILE B 39 24.14 -25.49 -50.19
N ASN B 40 25.43 -25.80 -50.22
CA ASN B 40 26.14 -26.27 -49.04
C ASN B 40 26.66 -25.03 -48.31
N LEU B 41 26.03 -24.72 -47.19
CA LEU B 41 26.38 -23.55 -46.38
C LEU B 41 27.19 -24.03 -45.18
N ASP B 42 28.44 -23.58 -45.06
CA ASP B 42 29.31 -24.14 -44.03
C ASP B 42 30.43 -23.17 -43.69
N ALA B 43 30.73 -23.03 -42.39
CA ALA B 43 31.79 -22.13 -41.95
C ALA B 43 33.18 -22.73 -42.11
N LEU B 44 33.29 -24.03 -42.39
CA LEU B 44 34.57 -24.70 -42.45
C LEU B 44 35.35 -24.55 -41.14
N THR B 45 34.71 -24.92 -40.04
CA THR B 45 35.45 -25.08 -38.80
C THR B 45 36.37 -26.30 -38.95
N TYR B 46 37.11 -26.61 -37.88
CA TYR B 46 37.91 -27.83 -37.85
C TYR B 46 37.09 -29.05 -38.21
N ALA B 47 35.77 -29.00 -38.00
CA ALA B 47 34.93 -30.17 -38.21
C ALA B 47 34.54 -30.37 -39.66
N GLY B 48 34.64 -29.35 -40.50
CA GLY B 48 34.23 -29.47 -41.88
C GLY B 48 35.37 -29.97 -42.73
N ASN B 49 35.03 -30.71 -43.79
CA ASN B 49 36.08 -31.25 -44.65
C ASN B 49 35.54 -31.25 -46.08
N LEU B 50 35.95 -30.27 -46.88
CA LEU B 50 35.43 -30.21 -48.24
C LEU B 50 35.94 -31.34 -49.11
N GLU B 51 36.97 -32.06 -48.68
CA GLU B 51 37.37 -33.28 -49.38
C GLU B 51 36.26 -34.32 -49.38
N ASN B 52 35.28 -34.20 -48.45
CA ASN B 52 34.17 -35.14 -48.43
C ASN B 52 33.35 -35.08 -49.71
N LEU B 53 33.35 -33.94 -50.39
CA LEU B 53 32.43 -33.69 -51.48
C LEU B 53 33.12 -33.61 -52.83
N LYS B 54 34.36 -34.11 -52.92
CA LYS B 54 35.07 -34.05 -54.19
C LYS B 54 34.31 -34.73 -55.30
N ASP B 55 33.49 -35.74 -54.98
CA ASP B 55 32.79 -36.47 -56.04
C ASP B 55 31.65 -35.67 -56.66
N ILE B 56 31.07 -34.71 -55.95
CA ILE B 56 29.93 -33.98 -56.49
C ILE B 56 30.19 -32.48 -56.63
N GLU B 57 31.40 -32.01 -56.31
CA GLU B 57 31.65 -30.57 -56.30
C GLU B 57 31.53 -29.94 -57.68
N ASN B 58 31.54 -30.74 -58.75
CA ASN B 58 31.36 -30.23 -60.09
C ASN B 58 29.97 -30.47 -60.66
N PHE B 59 29.08 -31.07 -59.88
CA PHE B 59 27.71 -31.27 -60.33
C PHE B 59 27.06 -29.92 -60.62
N PRO B 60 26.28 -29.80 -61.70
CA PRO B 60 25.73 -28.48 -62.06
C PRO B 60 24.75 -27.91 -61.05
N ASN B 61 24.15 -28.73 -60.19
CA ASN B 61 23.18 -28.26 -59.20
C ASN B 61 23.77 -28.22 -57.79
N TYR B 62 25.08 -28.17 -57.66
CA TYR B 62 25.76 -28.07 -56.38
C TYR B 62 26.49 -26.74 -56.31
N VAL B 63 26.34 -26.03 -55.18
CA VAL B 63 27.14 -24.83 -54.94
C VAL B 63 27.57 -24.81 -53.49
N PHE B 64 28.80 -24.40 -53.25
CA PHE B 64 29.30 -24.22 -51.89
C PHE B 64 29.33 -22.75 -51.52
N GLU B 65 28.79 -22.43 -50.35
CA GLU B 65 28.83 -21.08 -49.82
C GLU B 65 29.49 -21.13 -48.44
N LYS B 66 30.63 -20.46 -48.31
CA LYS B 66 31.27 -20.37 -47.01
C LYS B 66 30.57 -19.28 -46.23
N ALA B 67 29.93 -19.66 -45.13
CA ALA B 67 29.24 -18.68 -44.29
C ALA B 67 29.06 -19.27 -42.91
N ASP B 68 28.98 -18.37 -41.92
CA ASP B 68 28.96 -18.73 -40.50
C ASP B 68 27.57 -18.39 -39.97
N ILE B 69 26.87 -19.40 -39.44
CA ILE B 69 25.49 -19.16 -39.01
C ILE B 69 25.41 -18.30 -37.75
N THR B 70 26.54 -18.01 -37.10
CA THR B 70 26.54 -17.05 -36.01
C THR B 70 26.73 -15.62 -36.51
N LYS B 71 26.75 -15.40 -37.84
CA LYS B 71 26.99 -14.09 -38.43
C LYS B 71 25.82 -13.76 -39.34
N PRO B 72 24.79 -13.09 -38.82
CA PRO B 72 23.57 -12.88 -39.62
C PRO B 72 23.82 -12.18 -40.94
N GLU B 73 24.81 -11.28 -41.00
CA GLU B 73 25.11 -10.58 -42.24
C GLU B 73 25.61 -11.54 -43.32
N GLU B 74 26.37 -12.56 -42.92
CA GLU B 74 26.81 -13.54 -43.90
C GLU B 74 25.66 -14.41 -44.37
N LEU B 75 24.79 -14.83 -43.46
CA LEU B 75 23.62 -15.61 -43.84
C LEU B 75 22.71 -14.81 -44.76
N ARG B 76 22.55 -13.51 -44.47
CA ARG B 76 21.64 -12.70 -45.27
C ARG B 76 22.05 -12.67 -46.75
N LYS B 77 23.35 -12.62 -47.01
CA LYS B 77 23.81 -12.56 -48.40
C LYS B 77 23.47 -13.86 -49.12
N VAL B 78 23.55 -15.00 -48.44
CA VAL B 78 23.18 -16.27 -49.06
C VAL B 78 21.67 -16.30 -49.33
N PHE B 79 20.86 -15.83 -48.39
CA PHE B 79 19.42 -15.80 -48.61
C PHE B 79 19.06 -14.87 -49.74
N GLU B 80 19.73 -13.69 -49.82
CA GLU B 80 19.50 -12.75 -50.91
C GLU B 80 19.87 -13.35 -52.25
N LYS B 81 20.95 -14.11 -52.30
CA LYS B 81 21.45 -14.61 -53.57
C LYS B 81 20.64 -15.79 -54.10
N TYR B 82 20.10 -16.63 -53.22
CA TYR B 82 19.46 -17.86 -53.67
C TYR B 82 17.96 -17.93 -53.40
N ASN B 83 17.43 -17.06 -52.54
CA ASN B 83 16.03 -17.10 -52.15
C ASN B 83 15.62 -18.53 -51.80
N PRO B 84 16.26 -19.14 -50.79
CA PRO B 84 16.11 -20.58 -50.57
C PRO B 84 14.70 -20.96 -50.16
N ASP B 85 14.20 -22.06 -50.73
CA ASP B 85 12.87 -22.54 -50.38
C ASP B 85 12.88 -23.37 -49.12
N ALA B 86 14.01 -23.97 -48.78
CA ALA B 86 14.09 -24.88 -47.65
C ALA B 86 15.49 -24.84 -47.07
N VAL B 87 15.59 -25.22 -45.79
CA VAL B 87 16.86 -25.39 -45.10
C VAL B 87 16.84 -26.75 -44.43
N VAL B 88 17.91 -27.53 -44.62
CA VAL B 88 18.18 -28.73 -43.85
C VAL B 88 19.39 -28.42 -42.99
N HIS B 89 19.18 -28.38 -41.67
CA HIS B 89 20.09 -27.71 -40.75
C HIS B 89 20.88 -28.75 -39.97
N LEU B 90 22.14 -28.97 -40.36
CA LEU B 90 23.01 -29.88 -39.63
C LEU B 90 24.18 -29.19 -38.92
N ALA B 91 24.49 -27.94 -39.26
CA ALA B 91 25.63 -27.28 -38.64
C ALA B 91 25.46 -27.25 -37.14
N ALA B 92 26.47 -27.75 -36.42
CA ALA B 92 26.48 -27.74 -34.97
C ALA B 92 27.92 -27.83 -34.49
N GLU B 93 28.11 -27.51 -33.21
CA GLU B 93 29.39 -27.46 -32.53
C GLU B 93 29.31 -28.35 -31.30
N SER B 94 30.23 -29.31 -31.17
CA SER B 94 30.15 -30.22 -30.05
C SER B 94 31.30 -30.11 -29.05
N HIS B 95 32.34 -29.34 -29.36
CA HIS B 95 33.51 -29.32 -28.47
C HIS B 95 33.25 -28.32 -27.36
N VAL B 96 32.82 -28.83 -26.24
CA VAL B 96 32.58 -28.03 -25.05
C VAL B 96 33.86 -28.05 -24.21
N ASP B 97 34.15 -26.92 -23.57
CA ASP B 97 35.34 -26.80 -22.74
C ASP B 97 36.63 -26.85 -23.54
N ARG B 98 36.57 -26.53 -24.83
CA ARG B 98 37.78 -26.51 -25.65
C ARG B 98 38.72 -25.38 -25.22
N SER B 99 38.17 -24.19 -24.99
CA SER B 99 39.01 -23.00 -24.85
C SER B 99 38.33 -21.96 -23.98
N ILE B 100 39.11 -21.37 -23.06
CA ILE B 100 38.61 -20.24 -22.29
C ILE B 100 38.35 -19.02 -23.16
N THR B 101 38.79 -19.03 -24.43
CA THR B 101 38.58 -17.84 -25.24
C THR B 101 37.14 -17.71 -25.74
N ASP B 102 36.38 -18.79 -25.72
CA ASP B 102 35.02 -18.76 -26.25
C ASP B 102 34.24 -19.88 -25.58
N PRO B 103 33.97 -19.76 -24.28
CA PRO B 103 33.34 -20.89 -23.55
C PRO B 103 31.96 -21.24 -24.03
N ASN B 104 31.23 -20.28 -24.60
CA ASN B 104 29.87 -20.54 -25.06
C ASN B 104 29.78 -20.74 -26.56
N ALA B 105 30.90 -21.03 -27.22
CA ALA B 105 30.86 -21.24 -28.66
C ALA B 105 29.78 -22.25 -29.05
N PHE B 106 29.62 -23.32 -28.26
CA PHE B 106 28.64 -24.36 -28.60
C PHE B 106 27.22 -23.81 -28.57
N ILE B 107 26.91 -22.94 -27.63
CA ILE B 107 25.59 -22.31 -27.60
C ILE B 107 25.44 -21.30 -28.74
N ASN B 108 26.49 -20.52 -29.01
CA ASN B 108 26.41 -19.55 -30.11
CA ASN B 108 26.39 -19.55 -30.10
C ASN B 108 26.06 -20.27 -31.41
N THR B 109 26.76 -21.37 -31.70
CA THR B 109 26.47 -22.11 -32.93
C THR B 109 25.14 -22.84 -32.85
N ASN B 110 24.89 -23.59 -31.78
CA ASN B 110 23.75 -24.51 -31.79
C ASN B 110 22.43 -23.80 -31.53
N VAL B 111 22.45 -22.78 -30.67
CA VAL B 111 21.21 -22.09 -30.32
C VAL B 111 21.05 -20.80 -31.11
N ILE B 112 22.01 -19.88 -30.98
CA ILE B 112 21.91 -18.60 -31.69
C ILE B 112 21.95 -18.82 -33.20
N GLY B 113 22.79 -19.74 -33.67
CA GLY B 113 22.86 -19.97 -35.10
C GLY B 113 21.57 -20.53 -35.66
N THR B 114 20.94 -21.43 -34.92
CA THR B 114 19.61 -21.92 -35.31
C THR B 114 18.62 -20.75 -35.37
N ALA B 115 18.61 -19.90 -34.35
CA ALA B 115 17.74 -18.71 -34.37
C ALA B 115 18.02 -17.82 -35.58
N ASN B 116 19.29 -17.56 -35.87
CA ASN B 116 19.61 -16.70 -37.01
C ASN B 116 19.04 -17.26 -38.31
N LEU B 117 19.19 -18.57 -38.51
CA LEU B 117 18.56 -19.20 -39.67
C LEU B 117 17.05 -19.07 -39.63
N LEU B 118 16.45 -19.34 -38.47
CA LEU B 118 15.00 -19.25 -38.36
C LEU B 118 14.51 -17.85 -38.63
N ASN B 119 15.26 -16.84 -38.15
CA ASN B 119 14.84 -15.46 -38.35
C ASN B 119 14.83 -15.11 -39.83
N LEU B 120 15.82 -15.58 -40.57
CA LEU B 120 15.87 -15.29 -42.00
C LEU B 120 14.82 -16.07 -42.78
N CYS B 121 14.49 -17.29 -42.34
CA CYS B 121 13.36 -17.99 -42.95
C CYS B 121 12.06 -17.25 -42.72
N ARG B 122 11.87 -16.74 -41.50
CA ARG B 122 10.70 -15.92 -41.20
C ARG B 122 10.63 -14.69 -42.10
N GLU B 123 11.77 -14.06 -42.37
CA GLU B 123 11.74 -12.82 -43.17
C GLU B 123 11.57 -13.10 -44.66
N PHE B 124 12.24 -14.14 -45.18
CA PHE B 124 12.22 -14.39 -46.61
C PHE B 124 11.05 -15.25 -47.06
N TRP B 125 10.57 -16.16 -46.21
CA TRP B 125 9.43 -16.98 -46.57
C TRP B 125 8.13 -16.24 -46.29
N THR B 126 7.13 -16.51 -47.11
CA THR B 126 5.80 -15.96 -46.90
C THR B 126 5.05 -16.94 -46.01
N LEU B 127 4.89 -16.57 -44.74
CA LEU B 127 4.27 -17.45 -43.76
C LEU B 127 2.82 -17.04 -43.57
N ASN B 128 1.95 -18.04 -43.45
CA ASN B 128 0.52 -17.80 -43.36
C ASN B 128 0.11 -17.78 -41.89
N PRO B 129 -0.43 -16.67 -41.37
CA PRO B 129 -0.87 -16.66 -39.97
C PRO B 129 -1.98 -17.67 -39.69
N GLU B 130 -2.67 -18.14 -40.72
CA GLU B 130 -3.65 -19.21 -40.55
C GLU B 130 -3.00 -20.53 -40.14
N HIS B 131 -1.69 -20.68 -40.30
CA HIS B 131 -1.00 -21.95 -40.05
C HIS B 131 -0.38 -22.02 -38.66
N THR B 132 -0.49 -20.97 -37.86
CA THR B 132 0.00 -21.01 -36.50
C THR B 132 -0.77 -22.03 -35.67
N HIS B 133 -0.22 -22.36 -34.50
CA HIS B 133 -0.87 -23.24 -33.55
C HIS B 133 -1.19 -24.60 -34.18
N GLY B 134 -0.27 -25.09 -35.02
CA GLY B 134 -0.36 -26.43 -35.56
C GLY B 134 -1.34 -26.62 -36.69
N ARG B 135 -1.78 -25.55 -37.33
CA ARG B 135 -2.78 -25.65 -38.39
C ARG B 135 -2.14 -25.69 -39.77
N PHE B 136 -1.17 -26.59 -39.95
CA PHE B 136 -0.54 -26.73 -41.26
C PHE B 136 -1.49 -27.44 -42.22
N PRO B 137 -1.57 -26.99 -43.48
CA PRO B 137 -2.47 -27.63 -44.43
C PRO B 137 -1.92 -28.95 -44.92
N ASN B 138 -2.85 -29.86 -45.24
CA ASN B 138 -2.52 -31.16 -45.83
C ASN B 138 -2.34 -30.99 -47.34
N GLU B 139 -1.26 -30.30 -47.69
CA GLU B 139 -0.98 -29.92 -49.08
CA GLU B 139 -0.97 -29.94 -49.08
C GLU B 139 0.53 -29.91 -49.27
N PRO B 140 1.00 -30.08 -50.51
CA PRO B 140 2.46 -30.06 -50.75
C PRO B 140 3.09 -28.78 -50.23
N ARG B 141 4.20 -28.93 -49.53
CA ARG B 141 4.89 -27.78 -48.94
C ARG B 141 5.56 -26.92 -49.99
N THR B 142 5.53 -25.61 -49.77
CA THR B 142 6.34 -24.64 -50.48
C THR B 142 7.67 -24.42 -49.80
N ASN B 143 7.68 -24.45 -48.47
CA ASN B 143 8.89 -24.23 -47.68
C ASN B 143 9.01 -25.31 -46.63
N LEU B 144 10.22 -25.48 -46.11
CA LEU B 144 10.46 -26.41 -45.01
C LEU B 144 11.76 -26.07 -44.31
N PHE B 145 11.70 -25.96 -42.99
CA PHE B 145 12.89 -25.95 -42.14
C PHE B 145 13.03 -27.34 -41.55
N TYR B 146 14.02 -28.09 -42.03
CA TYR B 146 14.27 -29.44 -41.56
C TYR B 146 15.41 -29.36 -40.55
N HIS B 147 15.10 -29.69 -39.30
CA HIS B 147 16.04 -29.57 -38.20
C HIS B 147 16.59 -30.96 -37.82
N VAL B 148 17.90 -31.11 -37.94
CA VAL B 148 18.57 -32.37 -37.56
C VAL B 148 19.11 -32.24 -36.15
N SER B 149 18.75 -33.19 -35.29
CA SER B 149 19.16 -33.13 -33.90
C SER B 149 19.52 -34.53 -33.42
N THR B 150 19.68 -34.68 -32.11
CA THR B 150 20.34 -35.85 -31.53
C THR B 150 19.41 -36.57 -30.57
N ASP B 151 19.59 -37.89 -30.45
CA ASP B 151 18.82 -38.62 -29.46
C ASP B 151 19.19 -38.23 -28.03
N GLU B 152 20.32 -37.57 -27.84
CA GLU B 152 20.72 -37.25 -26.48
CA GLU B 152 20.75 -37.21 -26.50
C GLU B 152 19.87 -36.15 -25.86
N VAL B 153 18.98 -35.50 -26.62
CA VAL B 153 18.03 -34.59 -26.00
C VAL B 153 17.15 -35.32 -25.00
N TYR B 154 16.99 -36.64 -25.15
CA TYR B 154 16.13 -37.44 -24.30
C TYR B 154 16.82 -37.93 -23.03
N GLY B 155 18.09 -37.60 -22.81
CA GLY B 155 18.79 -38.09 -21.65
C GLY B 155 19.42 -39.44 -21.90
N SER B 156 19.30 -40.36 -20.94
CA SER B 156 19.86 -41.70 -21.09
C SER B 156 18.87 -42.69 -20.51
N LEU B 157 19.15 -43.97 -20.71
CA LEU B 157 18.22 -45.03 -20.34
C LEU B 157 18.83 -45.94 -19.30
N GLY B 158 17.96 -46.61 -18.55
CA GLY B 158 18.35 -47.73 -17.73
C GLY B 158 18.56 -48.94 -18.62
N GLU B 159 18.53 -50.11 -18.01
CA GLU B 159 18.67 -51.34 -18.78
C GLU B 159 17.48 -51.60 -19.68
N THR B 160 16.33 -50.99 -19.39
CA THR B 160 15.10 -51.19 -20.15
C THR B 160 14.60 -49.87 -20.74
N GLY B 161 13.73 -49.99 -21.73
CA GLY B 161 13.11 -48.83 -22.34
C GLY B 161 13.91 -48.27 -23.49
N PHE B 162 13.25 -47.38 -24.24
CA PHE B 162 13.80 -46.79 -25.45
C PHE B 162 13.39 -45.33 -25.52
N PHE B 163 14.07 -44.57 -26.38
CA PHE B 163 13.68 -43.20 -26.67
C PHE B 163 12.52 -43.21 -27.64
N LEU B 164 11.44 -42.55 -27.28
CA LEU B 164 10.30 -42.34 -28.16
C LEU B 164 10.20 -40.85 -28.49
N GLU B 165 9.47 -40.53 -29.55
CA GLU B 165 9.26 -39.11 -29.86
C GLU B 165 8.54 -38.38 -28.73
N THR B 166 7.80 -39.11 -27.90
CA THR B 166 7.07 -38.57 -26.77
C THR B 166 7.87 -38.58 -25.48
N THR B 167 9.08 -39.14 -25.47
CA THR B 167 9.93 -39.12 -24.29
C THR B 167 10.26 -37.70 -23.87
N ALA B 168 10.14 -37.40 -22.58
CA ALA B 168 10.46 -36.08 -22.08
C ALA B 168 11.93 -35.76 -22.29
N TYR B 169 12.19 -34.55 -22.79
CA TYR B 169 13.56 -34.07 -22.89
C TYR B 169 14.22 -34.08 -21.51
N ASP B 170 15.46 -34.51 -21.48
CA ASP B 170 16.26 -34.56 -20.26
C ASP B 170 17.74 -34.51 -20.63
N PRO B 171 18.19 -33.48 -21.35
CA PRO B 171 19.59 -33.48 -21.82
C PRO B 171 20.55 -33.44 -20.65
N GLN B 172 21.62 -34.22 -20.75
CA GLN B 172 22.52 -34.41 -19.61
CA GLN B 172 22.54 -34.44 -19.63
C GLN B 172 23.89 -33.77 -19.82
N SER B 173 24.19 -33.26 -21.01
CA SER B 173 25.47 -32.63 -21.28
C SER B 173 25.22 -31.23 -21.80
N PRO B 174 26.19 -30.32 -21.66
CA PRO B 174 26.03 -29.00 -22.25
C PRO B 174 25.75 -29.05 -23.75
N TYR B 175 26.42 -29.94 -24.47
CA TYR B 175 26.12 -30.13 -25.89
C TYR B 175 24.65 -30.52 -26.09
N SER B 176 24.18 -31.56 -25.41
CA SER B 176 22.82 -32.02 -25.71
C SER B 176 21.77 -31.03 -25.22
N ALA B 177 22.08 -30.26 -24.18
CA ALA B 177 21.18 -29.16 -23.78
C ALA B 177 21.07 -28.12 -24.87
N SER B 178 22.20 -27.79 -25.52
CA SER B 178 22.14 -26.79 -26.58
C SER B 178 21.40 -27.32 -27.80
N LYS B 179 21.55 -28.62 -28.10
CA LYS B 179 20.74 -29.20 -29.17
C LYS B 179 19.26 -29.21 -28.79
N ALA B 180 18.93 -29.61 -27.56
CA ALA B 180 17.54 -29.56 -27.12
C ALA B 180 16.97 -28.15 -27.25
N ALA B 181 17.76 -27.16 -26.88
CA ALA B 181 17.33 -25.76 -27.02
C ALA B 181 17.03 -25.42 -28.47
N SER B 182 17.88 -25.86 -29.41
CA SER B 182 17.62 -25.57 -30.81
C SER B 182 16.35 -26.26 -31.29
N ASP B 183 16.08 -27.48 -30.81
CA ASP B 183 14.81 -28.13 -31.12
C ASP B 183 13.65 -27.25 -30.68
N HIS B 184 13.73 -26.71 -29.46
CA HIS B 184 12.64 -25.91 -28.92
C HIS B 184 12.37 -24.68 -29.77
N LEU B 185 13.44 -24.01 -30.23
CA LEU B 185 13.27 -22.82 -31.06
C LEU B 185 12.52 -23.15 -32.34
N VAL B 186 12.93 -24.22 -33.02
CA VAL B 186 12.30 -24.60 -34.28
C VAL B 186 10.82 -24.82 -34.07
N ARG B 187 10.46 -25.59 -33.04
CA ARG B 187 9.06 -25.88 -32.82
C ARG B 187 8.30 -24.63 -32.43
N ALA B 188 8.92 -23.75 -31.64
CA ALA B 188 8.21 -22.54 -31.21
C ALA B 188 8.02 -21.57 -32.36
N TYR B 189 9.00 -21.46 -33.26
CA TYR B 189 8.77 -20.68 -34.48
C TYR B 189 7.70 -21.32 -35.34
N GLY B 190 7.69 -22.65 -35.43
CA GLY B 190 6.61 -23.32 -36.13
C GLY B 190 5.25 -22.96 -35.55
N ASN B 191 5.11 -23.08 -34.23
CA ASN B 191 3.85 -22.76 -33.58
C ASN B 191 3.50 -21.29 -33.67
N THR B 192 4.48 -20.40 -33.45
CA THR B 192 4.16 -18.99 -33.27
C THR B 192 4.01 -18.26 -34.60
N TYR B 193 4.81 -18.63 -35.61
CA TYR B 193 4.84 -17.93 -36.88
C TYR B 193 4.27 -18.74 -38.04
N GLY B 194 3.90 -19.99 -37.79
CA GLY B 194 3.44 -20.85 -38.87
C GLY B 194 4.54 -21.30 -39.79
N MET B 195 5.77 -21.34 -39.30
CA MET B 195 6.86 -21.77 -40.15
C MET B 195 6.82 -23.29 -40.31
N PRO B 196 6.75 -23.81 -41.53
CA PRO B 196 6.73 -25.26 -41.69
C PRO B 196 8.07 -25.85 -41.26
N PHE B 197 8.01 -26.89 -40.44
CA PHE B 197 9.23 -27.50 -39.92
C PHE B 197 9.02 -28.99 -39.76
N ILE B 198 10.15 -29.70 -39.75
CA ILE B 198 10.25 -31.08 -39.26
C ILE B 198 11.47 -31.12 -38.36
N VAL B 199 11.41 -31.94 -37.31
CA VAL B 199 12.57 -32.24 -36.47
C VAL B 199 12.83 -33.74 -36.55
N SER B 200 14.08 -34.15 -36.73
CA SER B 200 14.42 -35.54 -36.48
C SER B 200 15.59 -35.64 -35.52
N ASN B 201 15.52 -36.62 -34.63
CA ASN B 201 16.57 -36.88 -33.66
C ASN B 201 17.12 -38.26 -33.96
N CYS B 202 18.42 -38.36 -34.18
CA CYS B 202 19.00 -39.64 -34.58
C CYS B 202 20.00 -40.17 -33.56
N SER B 203 20.30 -41.47 -33.71
CA SER B 203 21.32 -42.07 -32.87
CA SER B 203 21.32 -42.20 -32.97
C SER B 203 22.72 -41.78 -33.43
N ASN B 204 23.72 -42.29 -32.74
CA ASN B 204 25.11 -42.15 -33.18
C ASN B 204 25.26 -42.61 -34.64
N ASN B 205 25.87 -41.77 -35.47
CA ASN B 205 26.14 -42.19 -36.84
C ASN B 205 27.55 -42.76 -36.98
N TYR B 206 27.73 -43.56 -38.01
CA TYR B 206 29.05 -44.10 -38.30
C TYR B 206 29.12 -44.34 -39.81
N GLY B 207 30.34 -44.44 -40.33
CA GLY B 207 30.53 -44.80 -41.72
C GLY B 207 31.52 -43.91 -42.46
N PRO B 208 31.40 -43.88 -43.78
CA PRO B 208 32.36 -43.11 -44.59
C PRO B 208 32.44 -41.64 -44.20
N ASN B 209 33.67 -41.11 -44.25
CA ASN B 209 34.01 -39.72 -43.95
C ASN B 209 33.86 -39.38 -42.47
N HIS B 210 33.90 -40.39 -41.60
CA HIS B 210 33.91 -40.16 -40.15
C HIS B 210 35.33 -39.81 -39.73
N PHE B 211 35.49 -38.77 -38.90
CA PHE B 211 36.83 -38.32 -38.56
C PHE B 211 37.62 -39.41 -37.82
N PRO B 212 38.94 -39.44 -37.99
CA PRO B 212 39.73 -40.58 -37.47
C PRO B 212 39.76 -40.70 -35.95
N GLU B 213 39.46 -39.65 -35.18
CA GLU B 213 39.47 -39.76 -33.73
CA GLU B 213 39.49 -39.82 -33.74
C GLU B 213 38.14 -40.22 -33.16
N LYS B 214 37.10 -40.37 -33.99
CA LYS B 214 35.82 -40.87 -33.51
C LYS B 214 35.93 -42.37 -33.19
N LEU B 215 34.93 -42.89 -32.47
CA LEU B 215 35.09 -44.18 -31.79
C LEU B 215 35.41 -45.29 -32.78
N ILE B 216 34.56 -45.48 -33.78
CA ILE B 216 34.75 -46.59 -34.71
C ILE B 216 36.01 -46.40 -35.55
N PRO B 217 36.25 -45.23 -36.18
CA PRO B 217 37.52 -45.07 -36.93
C PRO B 217 38.78 -45.30 -36.09
N LEU B 218 38.78 -44.82 -34.85
CA LEU B 218 39.94 -44.99 -33.98
C LEU B 218 40.12 -46.45 -33.60
N CYS B 219 39.03 -47.16 -33.32
CA CYS B 219 39.13 -48.59 -33.07
CA CYS B 219 39.11 -48.60 -33.08
C CYS B 219 39.70 -49.32 -34.28
N ILE B 220 39.26 -48.97 -35.49
CA ILE B 220 39.80 -49.59 -36.70
C ILE B 220 41.30 -49.31 -36.81
N SER B 221 41.68 -48.05 -36.62
CA SER B 221 43.09 -47.68 -36.68
C SER B 221 43.88 -48.41 -35.61
N ASN B 222 43.35 -48.50 -34.39
CA ASN B 222 44.07 -49.18 -33.31
C ASN B 222 44.24 -50.66 -33.61
N ILE B 223 43.21 -51.29 -34.20
CA ILE B 223 43.34 -52.71 -34.57
C ILE B 223 44.39 -52.90 -35.65
N LEU B 224 44.33 -52.07 -36.70
CA LEU B 224 45.29 -52.22 -37.80
C LEU B 224 46.72 -51.95 -37.36
N ASN B 225 46.91 -51.04 -36.41
CA ASN B 225 48.24 -50.71 -35.94
C ASN B 225 48.64 -51.45 -34.66
N GLU B 226 47.85 -52.44 -34.25
CA GLU B 226 48.13 -53.26 -33.07
C GLU B 226 48.37 -52.39 -31.84
N LYS B 227 47.55 -51.36 -31.70
CA LYS B 227 47.55 -50.51 -30.52
C LYS B 227 46.48 -50.96 -29.55
N PRO B 228 46.58 -50.60 -28.27
CA PRO B 228 45.58 -51.08 -27.29
C PRO B 228 44.17 -50.58 -27.58
N LEU B 229 43.20 -51.42 -27.24
CA LEU B 229 41.77 -51.11 -27.35
C LEU B 229 41.21 -50.98 -25.93
N PRO B 230 41.24 -49.78 -25.33
CA PRO B 230 40.76 -49.65 -23.96
C PRO B 230 39.26 -49.84 -23.87
N ILE B 231 38.84 -50.58 -22.84
CA ILE B 231 37.45 -50.86 -22.55
C ILE B 231 37.17 -50.43 -21.12
N TYR B 232 36.15 -49.60 -20.93
CA TYR B 232 35.85 -49.05 -19.62
C TYR B 232 34.88 -49.96 -18.88
N GLY B 233 35.25 -50.34 -17.67
CA GLY B 233 34.41 -51.24 -16.89
C GLY B 233 34.25 -52.58 -17.56
N ASP B 234 33.01 -52.98 -17.78
CA ASP B 234 32.70 -54.20 -18.53
C ASP B 234 32.41 -53.92 -20.00
N GLY B 235 32.60 -52.68 -20.44
CA GLY B 235 32.29 -52.32 -21.80
C GLY B 235 30.82 -52.33 -22.14
N LYS B 236 29.95 -52.18 -21.15
CA LYS B 236 28.51 -52.28 -21.39
C LYS B 236 27.86 -50.96 -21.78
N TYR B 237 28.63 -49.88 -21.94
CA TYR B 237 28.13 -48.68 -22.59
C TYR B 237 27.44 -49.05 -23.90
N THR B 238 26.20 -48.60 -24.07
CA THR B 238 25.34 -49.12 -25.14
C THR B 238 24.79 -48.00 -26.00
N ARG B 239 24.96 -48.12 -27.31
CA ARG B 239 24.38 -47.21 -28.29
C ARG B 239 23.68 -47.96 -29.41
N ASP B 240 22.55 -47.41 -29.83
CA ASP B 240 21.96 -47.64 -31.14
C ASP B 240 22.83 -46.97 -32.20
N TRP B 241 23.26 -47.72 -33.23
CA TRP B 241 24.19 -47.20 -34.23
C TRP B 241 23.53 -47.12 -35.60
N LEU B 242 23.57 -45.93 -36.21
CA LEU B 242 22.88 -45.65 -37.47
C LEU B 242 23.90 -45.37 -38.57
N TYR B 243 23.83 -46.14 -39.66
CA TYR B 243 24.77 -45.95 -40.76
C TYR B 243 24.50 -44.58 -41.40
N VAL B 244 25.56 -43.79 -41.62
CA VAL B 244 25.36 -42.39 -42.00
C VAL B 244 24.59 -42.26 -43.31
N ILE B 245 24.77 -43.22 -44.23
CA ILE B 245 24.05 -43.13 -45.50
C ILE B 245 22.56 -43.45 -45.30
N ASP B 246 22.25 -44.36 -44.38
CA ASP B 246 20.85 -44.60 -44.02
C ASP B 246 20.23 -43.36 -43.41
N HIS B 247 21.00 -42.62 -42.61
CA HIS B 247 20.49 -41.39 -42.01
C HIS B 247 20.15 -40.36 -43.09
N ALA B 248 21.08 -40.13 -44.03
CA ALA B 248 20.82 -39.18 -45.12
C ALA B 248 19.59 -39.60 -45.92
N ARG B 249 19.47 -40.89 -46.20
CA ARG B 249 18.30 -41.40 -46.92
C ARG B 249 17.02 -41.15 -46.13
N ALA B 250 17.06 -41.33 -44.81
CA ALA B 250 15.88 -41.06 -43.98
C ALA B 250 15.51 -39.58 -44.01
N ILE B 251 16.52 -38.71 -43.85
CA ILE B 251 16.27 -37.28 -43.90
C ILE B 251 15.60 -36.90 -45.21
N HIS B 252 16.15 -37.37 -46.33
CA HIS B 252 15.58 -37.03 -47.63
C HIS B 252 14.15 -37.54 -47.75
N GLN B 253 13.89 -38.74 -47.27
CA GLN B 253 12.53 -39.29 -47.38
C GLN B 253 11.56 -38.52 -46.50
N ILE B 254 11.94 -38.29 -45.25
CA ILE B 254 11.09 -37.53 -44.33
C ILE B 254 10.84 -36.12 -44.87
N PHE B 255 11.89 -35.45 -45.36
CA PHE B 255 11.76 -34.14 -45.99
C PHE B 255 10.65 -34.15 -47.02
N ASN B 256 10.55 -35.22 -47.80
CA ASN B 256 9.60 -35.26 -48.90
C ASN B 256 8.23 -35.79 -48.52
N GLU B 257 8.15 -36.71 -47.55
CA GLU B 257 6.93 -37.48 -47.33
C GLU B 257 6.23 -37.20 -46.00
N ALA B 258 6.91 -36.62 -45.01
CA ALA B 258 6.30 -36.48 -43.70
C ALA B 258 5.35 -35.28 -43.66
N LYS B 259 4.36 -35.39 -42.79
CA LYS B 259 3.44 -34.29 -42.49
C LYS B 259 4.18 -33.14 -41.82
N THR B 260 3.81 -31.91 -42.20
CA THR B 260 4.49 -30.75 -41.63
C THR B 260 4.33 -30.75 -40.10
N GLY B 261 5.40 -30.41 -39.40
CA GLY B 261 5.37 -30.32 -37.96
C GLY B 261 5.72 -31.59 -37.22
N GLU B 262 5.95 -32.70 -37.92
CA GLU B 262 6.21 -33.98 -37.25
C GLU B 262 7.65 -34.06 -36.74
N THR B 263 7.83 -34.90 -35.73
CA THR B 263 9.15 -35.30 -35.23
C THR B 263 9.31 -36.79 -35.48
N TYR B 264 10.51 -37.20 -35.93
CA TYR B 264 10.82 -38.62 -36.04
C TYR B 264 12.16 -38.93 -35.37
N ASN B 265 12.18 -39.98 -34.57
CA ASN B 265 13.45 -40.54 -34.13
C ASN B 265 13.96 -41.50 -35.18
N ILE B 266 15.24 -41.37 -35.54
CA ILE B 266 15.87 -42.21 -36.57
C ILE B 266 17.00 -42.99 -35.90
N GLY B 267 16.96 -44.32 -36.01
CA GLY B 267 18.02 -45.15 -35.48
C GLY B 267 18.28 -46.35 -36.37
N GLY B 268 19.27 -47.14 -35.99
CA GLY B 268 19.69 -48.28 -36.79
C GLY B 268 18.94 -49.56 -36.52
N PHE B 269 17.87 -49.50 -35.73
CA PHE B 269 17.11 -50.68 -35.32
C PHE B 269 18.00 -51.66 -34.55
N ASN B 270 18.88 -51.15 -33.69
CA ASN B 270 19.80 -52.04 -32.98
C ASN B 270 20.22 -51.39 -31.67
N GLU B 271 20.93 -52.15 -30.84
CA GLU B 271 21.65 -51.54 -29.74
C GLU B 271 22.83 -52.44 -29.42
N TRP B 272 24.01 -51.84 -29.25
CA TRP B 272 25.25 -52.59 -29.13
C TRP B 272 26.06 -52.09 -27.94
N GLN B 273 26.53 -53.02 -27.12
CA GLN B 273 27.54 -52.69 -26.13
C GLN B 273 28.88 -52.44 -26.81
N ASN B 274 29.64 -51.49 -26.24
CA ASN B 274 30.97 -51.20 -26.77
C ASN B 274 31.82 -52.45 -26.89
N ILE B 275 31.77 -53.33 -25.89
CA ILE B 275 32.58 -54.54 -25.93
C ILE B 275 32.23 -55.37 -27.16
N ASP B 276 30.95 -55.45 -27.49
CA ASP B 276 30.54 -56.23 -28.65
C ASP B 276 30.88 -55.52 -29.95
N LEU B 277 30.79 -54.18 -29.97
CA LEU B 277 31.22 -53.42 -31.14
C LEU B 277 32.69 -53.67 -31.44
N VAL B 278 33.53 -53.60 -30.41
CA VAL B 278 34.97 -53.78 -30.61
C VAL B 278 35.26 -55.20 -31.10
N LYS B 279 34.58 -56.19 -30.55
CA LYS B 279 34.85 -57.56 -30.95
C LYS B 279 34.36 -57.83 -32.37
N GLU B 280 33.30 -57.15 -32.80
CA GLU B 280 32.84 -57.29 -34.18
C GLU B 280 33.84 -56.67 -35.15
N LEU B 281 34.38 -55.52 -34.79
CA LEU B 281 35.45 -54.93 -35.60
C LEU B 281 36.67 -55.85 -35.66
N ILE B 282 37.05 -56.42 -34.52
CA ILE B 282 38.16 -57.38 -34.50
C ILE B 282 37.88 -58.55 -35.44
N LYS B 283 36.70 -59.15 -35.31
CA LYS B 283 36.36 -60.30 -36.13
C LYS B 283 36.49 -59.98 -37.62
N GLN B 284 35.92 -58.85 -38.05
CA GLN B 284 35.92 -58.51 -39.46
C GLN B 284 37.31 -58.13 -39.94
N LEU B 285 38.05 -57.37 -39.13
CA LEU B 285 39.38 -56.93 -39.55
C LEU B 285 40.38 -58.08 -39.55
N ASP B 286 40.30 -58.98 -38.58
CA ASP B 286 41.19 -60.13 -38.59
C ASP B 286 40.96 -60.98 -39.82
N ALA B 287 39.69 -61.20 -40.16
CA ALA B 287 39.34 -61.95 -41.36
C ALA B 287 39.84 -61.24 -42.62
N LYS B 288 39.70 -59.92 -42.67
CA LYS B 288 40.16 -59.14 -43.81
C LYS B 288 41.67 -59.25 -43.97
N LEU B 289 42.41 -59.23 -42.86
CA LEU B 289 43.87 -59.25 -42.90
C LEU B 289 44.46 -60.65 -42.85
N GLY B 290 43.64 -61.69 -42.83
CA GLY B 290 44.18 -63.04 -42.81
C GLY B 290 44.81 -63.45 -41.51
N LYS B 291 44.44 -62.82 -40.40
CA LYS B 291 44.94 -63.24 -39.09
C LYS B 291 44.00 -64.28 -38.50
N PRO B 292 44.46 -65.05 -37.52
CA PRO B 292 43.61 -66.10 -36.94
C PRO B 292 42.39 -65.52 -36.24
N GLU B 293 41.31 -66.30 -36.24
CA GLU B 293 40.06 -65.87 -35.63
C GLU B 293 40.24 -65.63 -34.13
N GLY B 294 40.02 -64.39 -33.70
CA GLY B 294 40.18 -63.99 -32.32
C GLY B 294 41.49 -63.29 -32.01
N HIS B 295 42.43 -63.25 -32.96
CA HIS B 295 43.77 -62.71 -32.71
C HIS B 295 43.74 -61.31 -32.08
N SER B 296 43.04 -60.36 -32.71
CA SER B 296 43.22 -58.99 -32.21
C SER B 296 42.47 -58.73 -30.92
N GLU B 297 41.74 -59.70 -30.38
CA GLU B 297 41.23 -59.52 -29.03
C GLU B 297 42.35 -59.43 -28.01
N LYS B 298 43.57 -59.86 -28.38
CA LYS B 298 44.73 -59.61 -27.54
C LYS B 298 44.92 -58.13 -27.25
N LEU B 299 44.40 -57.26 -28.12
CA LEU B 299 44.55 -55.81 -27.95
C LEU B 299 43.62 -55.24 -26.89
N ILE B 300 42.54 -55.95 -26.54
CA ILE B 300 41.56 -55.40 -25.62
C ILE B 300 42.19 -55.20 -24.25
N THR B 301 42.02 -54.01 -23.68
CA THR B 301 42.58 -53.69 -22.38
C THR B 301 41.50 -53.08 -21.49
N PHE B 302 41.21 -53.74 -20.37
CA PHE B 302 40.16 -53.29 -19.48
C PHE B 302 40.71 -52.27 -18.49
N VAL B 303 40.07 -51.10 -18.44
CA VAL B 303 40.47 -50.00 -17.58
C VAL B 303 39.32 -49.71 -16.62
N LYS B 304 39.63 -48.93 -15.58
CA LYS B 304 38.62 -48.61 -14.57
C LYS B 304 37.41 -47.94 -15.20
N ASP B 305 36.22 -48.37 -14.77
CA ASP B 305 34.99 -47.78 -15.27
C ASP B 305 34.95 -46.29 -14.96
N ARG B 306 34.29 -45.54 -15.82
CA ARG B 306 34.08 -44.12 -15.64
C ARG B 306 32.66 -43.85 -15.16
N PRO B 307 32.41 -42.69 -14.53
CA PRO B 307 31.04 -42.40 -14.08
C PRO B 307 30.01 -42.44 -15.19
N GLY B 308 30.33 -41.91 -16.37
CA GLY B 308 29.37 -41.85 -17.46
C GLY B 308 29.50 -42.96 -18.47
N HIS B 309 30.11 -44.08 -18.08
CA HIS B 309 30.32 -45.21 -18.98
C HIS B 309 29.33 -46.34 -18.71
N ASP B 310 28.35 -46.12 -17.83
CA ASP B 310 27.31 -47.10 -17.54
C ASP B 310 25.98 -46.72 -18.17
N LYS B 311 26.01 -46.03 -19.30
CA LYS B 311 24.81 -45.44 -19.89
C LYS B 311 24.34 -46.23 -21.11
N ARG B 312 23.07 -46.06 -21.44
CA ARG B 312 22.43 -46.74 -22.54
C ARG B 312 21.58 -45.73 -23.32
N TYR B 313 21.72 -45.75 -24.64
CA TYR B 313 21.04 -44.82 -25.55
C TYR B 313 20.50 -45.64 -26.71
N ALA B 314 19.19 -45.68 -26.86
CA ALA B 314 18.59 -46.53 -27.90
C ALA B 314 17.25 -45.99 -28.34
N ILE B 315 17.02 -45.93 -29.64
CA ILE B 315 15.81 -45.36 -30.23
C ILE B 315 14.83 -46.48 -30.52
N ASP B 316 13.55 -46.21 -30.23
CA ASP B 316 12.45 -47.03 -30.73
C ASP B 316 11.90 -46.31 -31.96
N ALA B 317 12.22 -46.81 -33.15
CA ALA B 317 11.86 -46.13 -34.38
C ALA B 317 10.55 -46.63 -34.98
N THR B 318 9.63 -47.11 -34.15
CA THR B 318 8.36 -47.63 -34.64
C THR B 318 7.61 -46.58 -35.47
N LYS B 319 7.58 -45.34 -34.99
CA LYS B 319 6.79 -44.30 -35.65
C LYS B 319 7.26 -44.07 -37.08
N LEU B 320 8.57 -43.91 -37.26
CA LEU B 320 9.13 -43.73 -38.60
C LEU B 320 8.86 -44.94 -39.48
N ASN B 321 9.04 -46.14 -38.93
CA ASN B 321 8.85 -47.34 -39.74
C ASN B 321 7.39 -47.50 -40.14
N LYS B 322 6.47 -47.17 -39.24
CA LYS B 322 5.05 -47.34 -39.55
C LYS B 322 4.54 -46.23 -40.46
N ASP B 323 4.92 -44.98 -40.18
CA ASP B 323 4.42 -43.86 -40.97
C ASP B 323 4.93 -43.91 -42.39
N LEU B 324 6.24 -44.13 -42.56
CA LEU B 324 6.89 -43.97 -43.86
C LEU B 324 7.45 -45.28 -44.42
N GLY B 325 7.41 -46.37 -43.67
CA GLY B 325 7.95 -47.63 -44.15
C GLY B 325 9.45 -47.70 -44.19
N TRP B 326 10.13 -46.74 -43.58
CA TRP B 326 11.58 -46.68 -43.63
C TRP B 326 12.19 -47.74 -42.73
N LYS B 327 13.27 -48.33 -43.18
CA LYS B 327 14.08 -49.22 -42.36
C LYS B 327 15.52 -49.08 -42.81
N PRO B 328 16.49 -49.43 -41.95
CA PRO B 328 17.89 -49.39 -42.38
C PRO B 328 18.13 -50.32 -43.56
N SER B 329 19.13 -49.98 -44.36
CA SER B 329 19.54 -50.83 -45.47
C SER B 329 20.61 -51.84 -45.06
N VAL B 330 21.16 -51.71 -43.85
CA VAL B 330 22.22 -52.58 -43.37
C VAL B 330 21.92 -52.93 -41.92
N THR B 331 22.41 -54.09 -41.50
CA THR B 331 22.65 -54.32 -40.09
C THR B 331 23.93 -53.60 -39.67
N PHE B 332 24.14 -53.47 -38.36
CA PHE B 332 25.40 -52.90 -37.87
C PHE B 332 26.59 -53.69 -38.41
N GLU B 333 26.48 -55.03 -38.46
CA GLU B 333 27.60 -55.82 -38.98
C GLU B 333 27.88 -55.48 -40.44
N GLU B 334 26.83 -55.36 -41.25
CA GLU B 334 27.00 -55.00 -42.66
C GLU B 334 27.49 -53.56 -42.80
N GLY B 335 26.97 -52.64 -41.97
CA GLY B 335 27.47 -51.28 -42.01
C GLY B 335 28.94 -51.17 -41.66
N LEU B 336 29.38 -51.93 -40.65
CA LEU B 336 30.82 -51.96 -40.32
C LEU B 336 31.64 -52.52 -41.47
N ALA B 337 31.13 -53.54 -42.16
CA ALA B 337 31.86 -54.07 -43.31
C ALA B 337 32.08 -52.98 -44.34
N LYS B 338 31.03 -52.21 -44.65
CA LYS B 338 31.16 -51.10 -45.58
C LYS B 338 32.12 -50.04 -45.04
N THR B 339 32.06 -49.76 -43.73
CA THR B 339 32.93 -48.76 -43.14
C THR B 339 34.39 -49.18 -43.22
N ILE B 340 34.67 -50.43 -42.88
CA ILE B 340 36.03 -50.95 -42.99
C ILE B 340 36.55 -50.86 -44.41
N ASP B 341 35.73 -51.28 -45.37
CA ASP B 341 36.14 -51.18 -46.76
C ASP B 341 36.42 -49.74 -47.17
N TRP B 342 35.56 -48.81 -46.74
CA TRP B 342 35.79 -47.41 -47.08
C TRP B 342 37.08 -46.91 -46.44
N TYR B 343 37.27 -47.22 -45.16
CA TYR B 343 38.50 -46.86 -44.46
C TYR B 343 39.74 -47.29 -45.25
N LEU B 344 39.77 -48.57 -45.61
CA LEU B 344 40.92 -49.14 -46.31
C LEU B 344 41.08 -48.59 -47.71
N ASP B 345 40.02 -48.04 -48.29
CA ASP B 345 40.07 -47.41 -49.61
C ASP B 345 40.45 -45.93 -49.53
N ASN B 346 40.56 -45.34 -48.33
CA ASN B 346 40.68 -43.90 -48.23
C ASN B 346 41.78 -43.49 -47.28
N LYS B 347 42.93 -44.14 -47.38
CA LYS B 347 44.10 -43.74 -46.61
C LYS B 347 44.44 -42.28 -46.83
N GLU B 348 44.32 -41.81 -48.07
CA GLU B 348 44.66 -40.42 -48.38
C GLU B 348 43.74 -39.47 -47.64
N TRP B 349 42.43 -39.75 -47.65
CA TRP B 349 41.48 -38.90 -46.94
C TRP B 349 41.79 -38.88 -45.46
N LEU B 350 42.05 -40.06 -44.87
CA LEU B 350 42.35 -40.14 -43.44
C LEU B 350 43.61 -39.35 -43.09
N GLU B 351 44.67 -39.52 -43.89
CA GLU B 351 45.91 -38.79 -43.63
C GLU B 351 45.71 -37.29 -43.77
N ASN B 352 44.89 -36.87 -44.72
CA ASN B 352 44.65 -35.43 -44.89
C ASN B 352 43.95 -34.83 -43.67
N VAL B 353 43.08 -35.59 -43.00
CA VAL B 353 42.49 -35.09 -41.76
C VAL B 353 43.54 -35.04 -40.65
N THR B 354 44.27 -36.14 -40.46
CA THR B 354 45.21 -36.20 -39.35
C THR B 354 46.31 -35.16 -39.51
N SER B 355 46.72 -34.87 -40.74
CA SER B 355 47.75 -33.88 -40.99
C SER B 355 47.25 -32.45 -40.85
N GLY B 356 45.96 -32.23 -40.99
CA GLY B 356 45.40 -30.90 -41.07
C GLY B 356 45.31 -30.32 -42.47
N ASP B 357 45.86 -31.02 -43.48
CA ASP B 357 45.81 -30.50 -44.84
C ASP B 357 44.39 -30.35 -45.35
N TYR B 358 43.42 -31.08 -44.78
CA TYR B 358 42.04 -30.99 -45.24
C TYR B 358 41.50 -29.56 -45.13
N GLN B 359 42.03 -28.77 -44.20
CA GLN B 359 41.55 -27.41 -44.00
C GLN B 359 42.05 -26.43 -45.05
N LYS B 360 43.01 -26.84 -45.87
CA LYS B 360 43.51 -25.98 -46.94
C LYS B 360 42.74 -26.16 -48.24
N TYR B 361 41.79 -27.11 -48.29
CA TYR B 361 41.12 -27.43 -49.55
C TYR B 361 40.43 -26.21 -50.14
N TYR B 362 39.77 -25.41 -49.31
CA TYR B 362 39.10 -24.21 -49.80
C TYR B 362 40.09 -23.24 -50.43
N GLU B 363 41.20 -22.97 -49.72
CA GLU B 363 42.20 -22.05 -50.25
C GLU B 363 42.76 -22.55 -51.57
N ASN B 364 43.05 -23.85 -51.65
CA ASN B 364 43.70 -24.42 -52.82
C ASN B 364 42.73 -24.60 -53.99
N GLN B 365 41.48 -24.95 -53.71
CA GLN B 365 40.52 -25.21 -54.77
C GLN B 365 39.63 -24.02 -55.09
N TYR B 366 39.12 -23.33 -54.06
CA TYR B 366 38.23 -22.19 -54.28
C TYR B 366 38.98 -20.87 -54.18
N HIS C 8 -6.12 32.41 55.63
CA HIS C 8 -7.26 33.30 55.42
C HIS C 8 -7.03 34.24 54.23
N MET C 9 -8.07 34.47 53.45
CA MET C 9 -7.97 35.31 52.26
C MET C 9 -7.92 36.78 52.63
N LYS C 10 -7.07 37.53 51.93
CA LYS C 10 -6.93 38.96 52.15
C LYS C 10 -7.42 39.82 51.00
N ASN C 11 -7.40 39.30 49.76
CA ASN C 11 -7.87 40.05 48.60
C ASN C 11 -8.68 39.13 47.70
N ILE C 12 -9.85 39.61 47.29
CA ILE C 12 -10.76 38.87 46.41
C ILE C 12 -11.17 39.78 45.26
N ILE C 13 -10.98 39.31 44.02
CA ILE C 13 -11.40 40.05 42.84
C ILE C 13 -12.82 39.62 42.46
N ILE C 14 -13.71 40.59 42.23
CA ILE C 14 -15.01 40.36 41.61
C ILE C 14 -14.94 40.99 40.22
N THR C 15 -14.93 40.17 39.18
CA THR C 15 -14.97 40.72 37.83
C THR C 15 -16.41 41.06 37.46
N GLY C 16 -16.59 42.10 36.66
CA GLY C 16 -17.92 42.50 36.27
C GLY C 16 -18.74 43.08 37.40
N GLY C 17 -18.10 43.53 38.48
CA GLY C 17 -18.77 44.02 39.67
C GLY C 17 -19.53 45.32 39.50
N ALA C 18 -19.30 46.03 38.39
CA ALA C 18 -20.11 47.22 38.11
C ALA C 18 -21.45 46.88 37.46
N GLY C 19 -21.65 45.62 37.10
CA GLY C 19 -22.85 45.21 36.39
C GLY C 19 -24.02 44.94 37.31
N PHE C 20 -25.04 44.31 36.75
CA PHE C 20 -26.29 44.05 37.45
C PHE C 20 -26.07 43.08 38.61
N ILE C 21 -25.78 41.82 38.30
CA ILE C 21 -25.56 40.85 39.37
C ILE C 21 -24.29 41.18 40.11
N GLY C 22 -23.24 41.62 39.39
CA GLY C 22 -21.95 41.82 40.01
C GLY C 22 -21.96 42.85 41.13
N SER C 23 -22.75 43.91 40.95
CA SER C 23 -22.81 44.92 42.01
C SER C 23 -23.38 44.34 43.28
N HIS C 24 -24.36 43.45 43.16
CA HIS C 24 -24.95 42.84 44.35
C HIS C 24 -23.98 41.87 45.02
N VAL C 25 -23.20 41.13 44.21
CA VAL C 25 -22.16 40.28 44.78
C VAL C 25 -21.08 41.12 45.45
N VAL C 26 -20.64 42.21 44.81
CA VAL C 26 -19.67 43.10 45.46
C VAL C 26 -20.20 43.56 46.81
N ARG C 27 -21.49 43.94 46.86
CA ARG C 27 -22.07 44.40 48.11
C ARG C 27 -22.05 43.30 49.17
N GLU C 28 -22.46 42.10 48.77
CA GLU C 28 -22.50 40.97 49.71
C GLU C 28 -21.12 40.67 50.29
N PHE C 29 -20.09 40.62 49.44
CA PHE C 29 -18.75 40.33 49.94
C PHE C 29 -18.19 41.46 50.81
N VAL C 30 -18.43 42.71 50.42
CA VAL C 30 -17.91 43.84 51.19
C VAL C 30 -18.54 43.86 52.58
N ILE C 31 -19.86 43.70 52.64
CA ILE C 31 -20.58 43.80 53.91
C ILE C 31 -20.20 42.64 54.84
N LYS C 32 -20.13 41.42 54.29
CA LYS C 32 -19.92 40.24 55.11
C LYS C 32 -18.45 40.00 55.47
N ASN C 33 -17.50 40.66 54.80
CA ASN C 33 -16.08 40.40 55.00
C ASN C 33 -15.31 41.71 55.15
N PRO C 34 -15.51 42.43 56.25
CA PRO C 34 -14.80 43.70 56.43
C PRO C 34 -13.29 43.55 56.47
N GLU C 35 -12.78 42.39 56.86
CA GLU C 35 -11.34 42.14 56.93
C GLU C 35 -10.74 41.67 55.61
N ILE C 36 -11.49 41.75 54.51
CA ILE C 36 -10.99 41.31 53.21
C ILE C 36 -11.18 42.46 52.22
N THR C 37 -10.14 42.76 51.45
CA THR C 37 -10.25 43.74 50.38
C THR C 37 -11.01 43.13 49.21
N ILE C 38 -12.09 43.77 48.80
CA ILE C 38 -12.89 43.31 47.65
C ILE C 38 -12.57 44.23 46.48
N ILE C 39 -11.96 43.67 45.44
CA ILE C 39 -11.55 44.40 44.26
C ILE C 39 -12.61 44.22 43.18
N ASN C 40 -13.28 45.32 42.82
CA ASN C 40 -14.23 45.32 41.70
C ASN C 40 -13.46 45.58 40.41
N LEU C 41 -13.30 44.53 39.59
CA LEU C 41 -12.55 44.63 38.35
C LEU C 41 -13.54 44.69 37.19
N ASP C 42 -13.52 45.78 36.43
CA ASP C 42 -14.58 45.99 35.46
C ASP C 42 -14.08 46.92 34.36
N ALA C 43 -14.42 46.57 33.12
CA ALA C 43 -14.02 47.38 31.98
C ALA C 43 -14.96 48.55 31.73
N LEU C 44 -16.08 48.61 32.45
CA LEU C 44 -17.09 49.65 32.29
C LEU C 44 -17.56 49.75 30.85
N THR C 45 -17.98 48.61 30.29
CA THR C 45 -18.72 48.67 29.04
C THR C 45 -20.07 49.34 29.26
N TYR C 46 -20.85 49.45 28.18
CA TYR C 46 -22.23 49.95 28.24
C TYR C 46 -23.03 49.26 29.34
N ALA C 47 -22.64 48.05 29.74
CA ALA C 47 -23.39 47.26 30.71
C ALA C 47 -23.02 47.59 32.15
N GLY C 48 -21.85 48.15 32.40
CA GLY C 48 -21.47 48.51 33.76
C GLY C 48 -22.09 49.83 34.19
N ASN C 49 -22.37 49.94 35.49
CA ASN C 49 -22.94 51.17 36.03
C ASN C 49 -22.40 51.38 37.44
N LEU C 50 -21.39 52.22 37.58
CA LEU C 50 -20.81 52.49 38.90
C LEU C 50 -21.80 53.17 39.84
N GLU C 51 -22.89 53.75 39.32
CA GLU C 51 -23.93 54.27 40.22
C GLU C 51 -24.56 53.15 41.04
N ASN C 52 -24.40 51.89 40.60
CA ASN C 52 -24.89 50.74 41.37
C ASN C 52 -24.26 50.62 42.73
N LEU C 53 -23.02 51.11 42.89
CA LEU C 53 -22.26 50.88 44.10
C LEU C 53 -22.02 52.16 44.90
N LYS C 54 -22.86 53.17 44.69
CA LYS C 54 -22.67 54.46 45.36
C LYS C 54 -22.69 54.29 46.88
N ASP C 55 -23.37 53.25 47.38
CA ASP C 55 -23.52 53.07 48.81
C ASP C 55 -22.27 52.48 49.47
N ILE C 56 -21.51 51.66 48.75
CA ILE C 56 -20.35 51.01 49.34
C ILE C 56 -19.03 51.52 48.79
N GLU C 57 -19.07 52.48 47.86
CA GLU C 57 -17.86 52.93 47.18
C GLU C 57 -16.86 53.58 48.12
N ASN C 58 -17.29 54.06 49.29
CA ASN C 58 -16.38 54.64 50.28
C ASN C 58 -16.15 53.72 51.47
N PHE C 59 -16.43 52.42 51.32
CA PHE C 59 -16.07 51.46 52.35
C PHE C 59 -14.57 51.24 52.35
N PRO C 60 -13.97 50.98 53.53
CA PRO C 60 -12.50 50.84 53.58
C PRO C 60 -11.99 49.60 52.87
N ASN C 61 -12.80 48.56 52.74
CA ASN C 61 -12.35 47.31 52.13
C ASN C 61 -12.85 47.14 50.70
N TYR C 62 -13.33 48.21 50.07
CA TYR C 62 -13.76 48.20 48.68
C TYR C 62 -12.77 49.01 47.84
N VAL C 63 -12.42 48.47 46.67
CA VAL C 63 -11.58 49.19 45.72
C VAL C 63 -12.06 48.87 44.30
N PHE C 64 -12.06 49.87 43.44
CA PHE C 64 -12.42 49.72 42.05
C PHE C 64 -11.17 49.76 41.17
N GLU C 65 -11.13 48.86 40.19
CA GLU C 65 -10.05 48.85 39.21
C GLU C 65 -10.67 48.73 37.83
N LYS C 66 -10.42 49.73 36.98
CA LYS C 66 -10.91 49.69 35.61
C LYS C 66 -9.95 48.85 34.80
N ALA C 67 -10.42 47.70 34.32
CA ALA C 67 -9.55 46.80 33.57
C ALA C 67 -10.41 45.89 32.71
N ASP C 68 -9.80 45.40 31.64
CA ASP C 68 -10.47 44.64 30.60
C ASP C 68 -9.86 43.24 30.59
N ILE C 69 -10.69 42.21 30.80
CA ILE C 69 -10.15 40.86 30.92
C ILE C 69 -9.66 40.30 29.60
N THR C 70 -9.97 40.94 28.48
CA THR C 70 -9.34 40.57 27.21
C THR C 70 -7.97 41.22 27.03
N LYS C 71 -7.49 42.00 27.99
CA LYS C 71 -6.17 42.64 27.90
C LYS C 71 -5.25 42.08 28.98
N PRO C 72 -4.49 41.02 28.68
CA PRO C 72 -3.65 40.38 29.71
C PRO C 72 -2.75 41.35 30.46
N GLU C 73 -2.28 42.41 29.80
CA GLU C 73 -1.40 43.37 30.45
C GLU C 73 -2.12 44.14 31.54
N GLU C 74 -3.37 44.54 31.30
CA GLU C 74 -4.13 45.23 32.33
C GLU C 74 -4.42 44.30 33.51
N LEU C 75 -4.84 43.06 33.21
CA LEU C 75 -5.10 42.10 34.28
C LEU C 75 -3.84 41.85 35.11
N ARG C 76 -2.69 41.73 34.45
CA ARG C 76 -1.46 41.47 35.17
C ARG C 76 -1.16 42.58 36.17
N LYS C 77 -1.43 43.83 35.78
CA LYS C 77 -1.19 44.96 36.68
C LYS C 77 -2.09 44.87 37.91
N VAL C 78 -3.31 44.37 37.75
CA VAL C 78 -4.19 44.24 38.92
C VAL C 78 -3.73 43.08 39.80
N PHE C 79 -3.31 41.97 39.17
CA PHE C 79 -2.83 40.83 39.94
C PHE C 79 -1.56 41.17 40.71
N GLU C 80 -0.67 41.97 40.10
CA GLU C 80 0.53 42.39 40.82
C GLU C 80 0.19 43.32 41.96
N LYS C 81 -0.80 44.20 41.76
CA LYS C 81 -1.12 45.23 42.75
C LYS C 81 -1.74 44.63 44.01
N TYR C 82 -2.55 43.57 43.87
CA TYR C 82 -3.32 43.05 44.99
C TYR C 82 -2.99 41.62 45.39
N ASN C 83 -2.31 40.84 44.53
CA ASN C 83 -1.98 39.44 44.81
C ASN C 83 -3.22 38.69 45.26
N PRO C 84 -4.21 38.52 44.39
CA PRO C 84 -5.52 38.06 44.86
C PRO C 84 -5.51 36.60 45.23
N ASP C 85 -6.25 36.27 46.29
CA ASP C 85 -6.41 34.91 46.75
C ASP C 85 -7.53 34.18 46.03
N ALA C 86 -8.45 34.91 45.41
CA ALA C 86 -9.63 34.30 44.81
C ALA C 86 -10.20 35.25 43.78
N VAL C 87 -10.91 34.67 42.82
CA VAL C 87 -11.63 35.43 41.81
C VAL C 87 -13.07 34.92 41.80
N VAL C 88 -14.02 35.85 41.87
CA VAL C 88 -15.43 35.56 41.58
C VAL C 88 -15.75 36.21 40.24
N HIS C 89 -16.01 35.39 39.22
CA HIS C 89 -15.93 35.83 37.84
C HIS C 89 -17.33 35.99 37.26
N LEU C 90 -17.79 37.25 37.18
CA LEU C 90 -19.07 37.55 36.54
C LEU C 90 -18.94 38.30 35.23
N ALA C 91 -17.79 38.89 34.92
CA ALA C 91 -17.66 39.68 33.70
C ALA C 91 -18.01 38.85 32.47
N ALA C 92 -18.92 39.37 31.65
CA ALA C 92 -19.36 38.67 30.45
C ALA C 92 -20.06 39.65 29.51
N GLU C 93 -20.18 39.24 28.26
CA GLU C 93 -20.85 40.04 27.23
CA GLU C 93 -20.82 40.03 27.19
C GLU C 93 -21.99 39.24 26.62
N SER C 94 -23.18 39.83 26.61
CA SER C 94 -24.38 39.22 26.05
C SER C 94 -24.75 39.70 24.65
N HIS C 95 -24.18 40.81 24.18
CA HIS C 95 -24.54 41.35 22.87
C HIS C 95 -23.77 40.59 21.79
N VAL C 96 -24.50 40.01 20.84
CA VAL C 96 -23.88 39.21 19.80
C VAL C 96 -24.10 39.84 18.42
N ASP C 102 -16.68 43.60 14.81
CA ASP C 102 -16.16 42.70 15.84
C ASP C 102 -17.17 41.62 16.22
N PRO C 103 -17.53 40.76 15.28
CA PRO C 103 -18.59 39.77 15.55
C PRO C 103 -18.25 38.80 16.68
N ASN C 104 -16.98 38.64 17.03
CA ASN C 104 -16.58 37.67 18.03
C ASN C 104 -16.27 38.31 19.38
N ALA C 105 -16.63 39.59 19.56
CA ALA C 105 -16.39 40.26 20.84
C ALA C 105 -16.88 39.43 22.01
N PHE C 106 -18.06 38.82 21.89
CA PHE C 106 -18.58 38.04 23.02
C PHE C 106 -17.73 36.81 23.30
N ILE C 107 -17.12 36.22 22.28
CA ILE C 107 -16.20 35.12 22.51
C ILE C 107 -14.93 35.63 23.16
N ASN C 108 -14.45 36.79 22.71
CA ASN C 108 -13.24 37.36 23.30
CA ASN C 108 -13.24 37.35 23.30
C ASN C 108 -13.41 37.55 24.80
N THR C 109 -14.51 38.18 25.20
CA THR C 109 -14.71 38.42 26.62
C THR C 109 -15.06 37.14 27.37
N ASN C 110 -16.00 36.35 26.84
CA ASN C 110 -16.51 35.24 27.63
C ASN C 110 -15.55 34.06 27.67
N VAL C 111 -14.82 33.82 26.59
CA VAL C 111 -13.97 32.65 26.52
C VAL C 111 -12.51 33.02 26.77
N ILE C 112 -11.94 33.89 25.93
CA ILE C 112 -10.56 34.32 26.12
C ILE C 112 -10.41 35.09 27.44
N GLY C 113 -11.41 35.90 27.78
CA GLY C 113 -11.34 36.60 29.05
C GLY C 113 -11.24 35.64 30.23
N THR C 114 -12.01 34.55 30.19
CA THR C 114 -11.94 33.57 31.26
C THR C 114 -10.59 32.87 31.26
N ALA C 115 -10.05 32.57 30.09
CA ALA C 115 -8.74 31.94 30.05
C ALA C 115 -7.66 32.88 30.57
N ASN C 116 -7.73 34.17 30.21
CA ASN C 116 -6.75 35.13 30.71
C ASN C 116 -6.70 35.15 32.24
N LEU C 117 -7.88 35.16 32.89
CA LEU C 117 -7.93 35.13 34.35
C LEU C 117 -7.39 33.81 34.90
N LEU C 118 -7.76 32.68 34.27
CA LEU C 118 -7.25 31.38 34.69
C LEU C 118 -5.74 31.30 34.56
N ASN C 119 -5.20 31.79 33.45
CA ASN C 119 -3.76 31.78 33.27
C ASN C 119 -3.05 32.56 34.38
N LEU C 120 -3.62 33.71 34.78
CA LEU C 120 -2.99 34.49 35.83
C LEU C 120 -3.15 33.82 37.19
N CYS C 121 -4.30 33.19 37.43
CA CYS C 121 -4.45 32.41 38.65
C CYS C 121 -3.46 31.26 38.70
N ARG C 122 -3.29 30.55 37.59
CA ARG C 122 -2.32 29.48 37.56
C ARG C 122 -0.91 30.00 37.83
N GLU C 123 -0.64 31.24 37.40
CA GLU C 123 0.69 31.82 37.54
C GLU C 123 0.94 32.36 38.95
N PHE C 124 -0.04 33.08 39.50
CA PHE C 124 0.13 33.74 40.80
C PHE C 124 -0.15 32.81 41.97
N TRP C 125 -1.03 31.83 41.80
CA TRP C 125 -1.27 30.85 42.85
C TRP C 125 -0.22 29.75 42.79
N THR C 126 0.03 29.12 43.94
CA THR C 126 0.95 27.98 44.03
C THR C 126 0.11 26.71 44.01
N LEU C 127 -0.07 26.16 42.82
CA LEU C 127 -0.91 24.98 42.68
C LEU C 127 -0.12 23.71 43.00
N ASN C 128 -0.81 22.76 43.63
CA ASN C 128 -0.18 21.51 44.04
C ASN C 128 -0.37 20.45 42.97
N PRO C 129 0.71 19.93 42.36
CA PRO C 129 0.54 18.86 41.36
C PRO C 129 -0.17 17.63 41.90
N GLU C 130 -0.25 17.46 43.22
CA GLU C 130 -0.91 16.31 43.80
C GLU C 130 -2.43 16.42 43.80
N HIS C 131 -2.98 17.59 43.49
CA HIS C 131 -4.42 17.79 43.50
C HIS C 131 -5.05 17.71 42.12
N THR C 132 -4.28 17.40 41.08
CA THR C 132 -4.88 17.27 39.77
C THR C 132 -5.77 16.02 39.72
N HIS C 133 -6.54 15.91 38.64
CA HIS C 133 -7.39 14.75 38.38
C HIS C 133 -8.39 14.52 39.52
N GLY C 134 -9.03 15.61 39.95
CA GLY C 134 -10.08 15.55 40.94
C GLY C 134 -9.61 15.30 42.36
N ARG C 135 -8.31 15.22 42.61
CA ARG C 135 -7.82 14.91 43.94
C ARG C 135 -7.70 16.16 44.81
N PHE C 136 -8.75 16.98 44.86
CA PHE C 136 -8.73 18.15 45.72
C PHE C 136 -8.80 17.73 47.18
N PRO C 137 -8.00 18.33 48.06
CA PRO C 137 -8.00 17.92 49.47
C PRO C 137 -9.26 18.39 50.17
N ASN C 138 -9.70 17.59 51.14
CA ASN C 138 -10.78 18.02 52.02
C ASN C 138 -10.35 19.16 52.94
N GLU C 139 -9.06 19.48 52.97
CA GLU C 139 -8.53 20.55 53.79
C GLU C 139 -9.18 21.89 53.41
N PRO C 140 -9.15 22.87 54.30
CA PRO C 140 -9.72 24.18 53.98
C PRO C 140 -9.01 24.83 52.78
N ARG C 141 -9.72 25.75 52.13
CA ARG C 141 -9.25 26.36 50.89
C ARG C 141 -8.39 27.60 51.14
N THR C 142 -7.29 27.68 50.40
CA THR C 142 -6.43 28.86 50.31
C THR C 142 -6.75 29.73 49.09
N ASN C 143 -7.09 29.12 47.96
CA ASN C 143 -7.46 29.83 46.75
C ASN C 143 -8.79 29.30 46.23
N LEU C 144 -9.44 30.09 45.37
CA LEU C 144 -10.64 29.61 44.71
C LEU C 144 -10.92 30.44 43.46
N PHE C 145 -11.18 29.77 42.35
CA PHE C 145 -11.75 30.44 41.17
C PHE C 145 -13.23 30.10 41.15
N TYR C 146 -14.07 31.08 41.51
CA TYR C 146 -15.52 30.90 41.48
C TYR C 146 -16.05 31.43 40.14
N HIS C 147 -16.61 30.53 39.34
CA HIS C 147 -17.11 30.86 38.00
C HIS C 147 -18.62 30.98 38.01
N VAL C 148 -19.14 32.18 37.70
CA VAL C 148 -20.58 32.41 37.62
C VAL C 148 -21.03 32.18 36.18
N SER C 149 -22.07 31.36 36.00
CA SER C 149 -22.51 31.08 34.64
C SER C 149 -24.04 30.94 34.62
N THR C 150 -24.56 30.46 33.51
CA THR C 150 -25.97 30.54 33.19
C THR C 150 -26.57 29.15 33.03
N ASP C 151 -27.86 29.03 33.35
CA ASP C 151 -28.55 27.78 33.06
C ASP C 151 -28.75 27.54 31.57
N GLU C 152 -28.50 28.55 30.72
CA GLU C 152 -28.65 28.33 29.28
C GLU C 152 -27.61 27.38 28.71
N VAL C 153 -26.56 27.05 29.47
CA VAL C 153 -25.64 26.02 29.00
C VAL C 153 -26.36 24.68 28.80
N TYR C 154 -27.48 24.46 29.48
CA TYR C 154 -28.17 23.18 29.43
C TYR C 154 -29.14 23.07 28.25
N GLY C 155 -29.31 24.11 27.48
CA GLY C 155 -30.25 24.07 26.36
C GLY C 155 -31.63 24.46 26.82
N SER C 156 -32.62 23.65 26.45
CA SER C 156 -34.02 23.95 26.74
C SER C 156 -34.73 22.66 27.09
N LEU C 157 -35.95 22.79 27.60
CA LEU C 157 -36.73 21.66 28.08
C LEU C 157 -38.01 21.53 27.28
N GLY C 158 -38.53 20.30 27.24
CA GLY C 158 -39.90 20.05 26.85
C GLY C 158 -40.83 20.36 28.01
N GLU C 159 -42.01 19.74 27.99
CA GLU C 159 -43.01 20.04 29.02
C GLU C 159 -42.59 19.51 30.39
N THR C 160 -41.80 18.44 30.44
CA THR C 160 -41.37 17.78 31.66
C THR C 160 -39.89 18.01 31.91
N GLY C 161 -39.48 17.81 33.17
CA GLY C 161 -38.08 17.81 33.52
C GLY C 161 -37.54 19.18 33.86
N PHE C 162 -36.33 19.17 34.44
CA PHE C 162 -35.64 20.37 34.88
C PHE C 162 -34.15 20.24 34.57
N PHE C 163 -33.47 21.39 34.55
CA PHE C 163 -32.01 21.38 34.44
C PHE C 163 -31.40 20.89 35.76
N LEU C 164 -30.62 19.83 35.69
CA LEU C 164 -29.83 19.34 36.81
C LEU C 164 -28.36 19.60 36.55
N GLU C 165 -27.55 19.51 37.61
CA GLU C 165 -26.10 19.61 37.42
C GLU C 165 -25.56 18.50 36.53
N THR C 166 -26.28 17.40 36.38
CA THR C 166 -25.86 16.30 35.52
C THR C 166 -26.45 16.38 34.12
N THR C 167 -27.28 17.39 33.82
CA THR C 167 -27.84 17.54 32.49
C THR C 167 -26.75 17.82 31.47
N ALA C 168 -26.77 17.08 30.36
CA ALA C 168 -25.83 17.34 29.27
C ALA C 168 -25.92 18.78 28.80
N TYR C 169 -24.76 19.43 28.66
CA TYR C 169 -24.71 20.74 28.02
C TYR C 169 -25.31 20.67 26.63
N ASP C 170 -26.10 21.70 26.28
CA ASP C 170 -26.69 21.80 24.94
C ASP C 170 -27.00 23.26 24.64
N PRO C 171 -26.01 24.15 24.70
CA PRO C 171 -26.29 25.59 24.50
C PRO C 171 -26.81 25.86 23.09
N GLN C 172 -27.82 26.71 23.00
CA GLN C 172 -28.55 26.88 21.75
C GLN C 172 -28.34 28.24 21.11
N SER C 173 -27.62 29.14 21.78
CA SER C 173 -27.34 30.46 21.25
C SER C 173 -25.84 30.70 21.28
N PRO C 174 -25.34 31.59 20.43
CA PRO C 174 -23.92 31.95 20.51
C PRO C 174 -23.50 32.40 21.90
N TYR C 175 -24.32 33.19 22.57
CA TYR C 175 -23.99 33.60 23.94
C TYR C 175 -23.82 32.40 24.83
N SER C 176 -24.82 31.51 24.87
CA SER C 176 -24.76 30.42 25.82
C SER C 176 -23.68 29.42 25.43
N ALA C 177 -23.36 29.31 24.14
CA ALA C 177 -22.20 28.49 23.75
C ALA C 177 -20.91 29.09 24.33
N SER C 178 -20.78 30.42 24.30
CA SER C 178 -19.56 31.03 24.84
C SER C 178 -19.50 30.86 26.35
N LYS C 179 -20.64 30.93 27.04
CA LYS C 179 -20.63 30.69 28.48
C LYS C 179 -20.31 29.23 28.78
N ALA C 180 -20.91 28.30 28.02
CA ALA C 180 -20.60 26.89 28.20
C ALA C 180 -19.11 26.63 28.01
N ALA C 181 -18.51 27.28 27.00
CA ALA C 181 -17.07 27.18 26.79
C ALA C 181 -16.29 27.62 28.01
N SER C 182 -16.70 28.72 28.64
CA SER C 182 -15.95 29.21 29.79
C SER C 182 -16.05 28.24 30.95
N ASP C 183 -17.24 27.63 31.16
CA ASP C 183 -17.39 26.58 32.17
C ASP C 183 -16.38 25.46 31.94
N HIS C 184 -16.28 25.00 30.68
CA HIS C 184 -15.36 23.91 30.36
C HIS C 184 -13.92 24.28 30.68
N LEU C 185 -13.51 25.50 30.34
CA LEU C 185 -12.14 25.92 30.62
C LEU C 185 -11.86 25.88 32.11
N VAL C 186 -12.78 26.40 32.92
CA VAL C 186 -12.58 26.40 34.37
C VAL C 186 -12.40 24.98 34.88
N ARG C 187 -13.31 24.09 34.48
CA ARG C 187 -13.24 22.71 34.97
C ARG C 187 -11.99 22.02 34.47
N ALA C 188 -11.60 22.28 33.23
CA ALA C 188 -10.40 21.63 32.69
C ALA C 188 -9.14 22.15 33.36
N TYR C 189 -9.08 23.45 33.69
CA TYR C 189 -7.93 23.93 34.42
C TYR C 189 -7.90 23.37 35.84
N GLY C 190 -9.07 23.17 36.45
CA GLY C 190 -9.11 22.50 37.73
C GLY C 190 -8.55 21.10 37.66
N ASN C 191 -8.98 20.33 36.66
CA ASN C 191 -8.53 18.95 36.55
C ASN C 191 -7.07 18.88 36.14
N THR C 192 -6.66 19.71 35.19
CA THR C 192 -5.32 19.57 34.62
C THR C 192 -4.25 20.15 35.53
N TYR C 193 -4.53 21.27 36.19
CA TYR C 193 -3.51 21.95 36.98
C TYR C 193 -3.78 21.94 38.47
N GLY C 194 -4.91 21.38 38.91
CA GLY C 194 -5.23 21.40 40.33
C GLY C 194 -5.70 22.75 40.81
N MET C 195 -6.26 23.57 39.93
CA MET C 195 -6.74 24.88 40.32
C MET C 195 -8.08 24.74 41.04
N PRO C 196 -8.19 25.19 42.30
CA PRO C 196 -9.48 25.10 42.99
C PRO C 196 -10.54 25.94 42.30
N PHE C 197 -11.70 25.35 42.09
CA PHE C 197 -12.75 26.05 41.37
C PHE C 197 -14.11 25.64 41.90
N ILE C 198 -15.08 26.50 41.64
CA ILE C 198 -16.50 26.18 41.76
C ILE C 198 -17.17 26.76 40.53
N VAL C 199 -18.21 26.09 40.05
CA VAL C 199 -19.05 26.63 38.99
C VAL C 199 -20.48 26.69 39.49
N SER C 200 -21.16 27.78 39.22
CA SER C 200 -22.59 27.82 39.48
C SER C 200 -23.30 28.36 38.25
N ASN C 201 -24.48 27.80 37.99
CA ASN C 201 -25.30 28.14 36.82
C ASN C 201 -26.65 28.56 37.34
N CYS C 202 -27.08 29.78 37.00
CA CYS C 202 -28.30 30.31 37.60
C CYS C 202 -29.34 30.65 36.54
N SER C 203 -30.59 30.74 36.95
CA SER C 203 -31.65 31.14 36.04
C SER C 203 -31.64 32.65 35.84
N ASN C 204 -32.64 33.18 35.13
CA ASN C 204 -32.77 34.61 34.91
C ASN C 204 -32.86 35.37 36.23
N ASN C 205 -32.05 36.42 36.37
CA ASN C 205 -32.09 37.28 37.55
C ASN C 205 -33.01 38.47 37.31
N TYR C 206 -33.55 39.02 38.39
CA TYR C 206 -34.34 40.24 38.32
C TYR C 206 -34.16 40.97 39.64
N GLY C 207 -34.49 42.27 39.64
CA GLY C 207 -34.44 43.03 40.87
C GLY C 207 -33.80 44.40 40.76
N PRO C 208 -33.41 44.98 41.90
CA PRO C 208 -32.77 46.30 41.89
C PRO C 208 -31.57 46.35 40.97
N ASN C 209 -31.44 47.49 40.28
CA ASN C 209 -30.34 47.83 39.36
C ASN C 209 -30.39 47.07 38.04
N HIS C 210 -31.53 46.48 37.70
CA HIS C 210 -31.72 45.90 36.38
C HIS C 210 -31.93 47.01 35.35
N PHE C 211 -31.27 46.89 34.19
CA PHE C 211 -31.33 47.97 33.21
C PHE C 211 -32.74 48.12 32.67
N PRO C 212 -33.16 49.35 32.36
CA PRO C 212 -34.59 49.59 32.04
C PRO C 212 -35.06 48.92 30.76
N GLU C 213 -34.16 48.49 29.88
CA GLU C 213 -34.56 47.76 28.68
C GLU C 213 -34.76 46.27 28.93
N LYS C 214 -34.42 45.77 30.12
CA LYS C 214 -34.65 44.36 30.40
C LYS C 214 -36.13 44.09 30.62
N LEU C 215 -36.49 42.80 30.54
CA LEU C 215 -37.89 42.39 30.43
C LEU C 215 -38.75 43.00 31.54
N ILE C 216 -38.42 42.68 32.79
CA ILE C 216 -39.25 43.11 33.91
C ILE C 216 -39.27 44.63 34.04
N PRO C 217 -38.13 45.34 34.08
CA PRO C 217 -38.21 46.82 34.12
C PRO C 217 -38.97 47.42 32.95
N LEU C 218 -38.83 46.85 31.76
CA LEU C 218 -39.53 47.39 30.59
C LEU C 218 -41.03 47.21 30.73
N CYS C 219 -41.48 46.08 31.27
CA CYS C 219 -42.91 45.87 31.51
CA CYS C 219 -42.90 45.87 31.51
C CYS C 219 -43.44 46.84 32.56
N ILE C 220 -42.66 47.10 33.62
CA ILE C 220 -43.06 48.08 34.61
C ILE C 220 -43.22 49.45 33.95
N SER C 221 -42.25 49.83 33.13
CA SER C 221 -42.32 51.13 32.45
CA SER C 221 -42.32 51.13 32.46
C SER C 221 -43.52 51.20 31.51
N ASN C 222 -43.74 50.13 30.73
CA ASN C 222 -44.86 50.15 29.78
C ASN C 222 -46.20 50.23 30.49
N ILE C 223 -46.29 49.62 31.68
CA ILE C 223 -47.52 49.70 32.45
C ILE C 223 -47.73 51.11 32.98
N LEU C 224 -46.68 51.69 33.60
CA LEU C 224 -46.81 53.03 34.16
C LEU C 224 -47.11 54.06 33.08
N ASN C 225 -46.55 53.88 31.90
CA ASN C 225 -46.74 54.81 30.79
C ASN C 225 -47.83 54.37 29.82
N GLU C 226 -48.63 53.36 30.21
CA GLU C 226 -49.77 52.91 29.42
C GLU C 226 -49.37 52.58 27.98
N LYS C 227 -48.21 51.95 27.83
CA LYS C 227 -47.73 51.48 26.56
C LYS C 227 -48.11 50.01 26.36
N PRO C 228 -48.27 49.55 25.12
CA PRO C 228 -48.67 48.16 24.91
C PRO C 228 -47.70 47.18 25.53
N LEU C 229 -48.24 46.04 25.96
CA LEU C 229 -47.45 44.95 26.51
C LEU C 229 -47.47 43.81 25.49
N PRO C 230 -46.47 43.69 24.63
CA PRO C 230 -46.53 42.68 23.57
C PRO C 230 -46.36 41.27 24.15
N ILE C 231 -47.21 40.36 23.69
CA ILE C 231 -47.21 38.96 24.10
C ILE C 231 -47.05 38.12 22.83
N TYR C 232 -45.92 37.43 22.72
CA TYR C 232 -45.61 36.69 21.50
C TYR C 232 -46.30 35.33 21.53
N GLY C 233 -47.07 35.04 20.48
CA GLY C 233 -47.87 33.83 20.48
C GLY C 233 -48.88 33.86 21.61
N ASP C 234 -48.87 32.80 22.42
CA ASP C 234 -49.73 32.72 23.59
C ASP C 234 -49.01 33.06 24.89
N GLY C 235 -47.79 33.58 24.81
CA GLY C 235 -47.03 33.94 25.99
C GLY C 235 -46.60 32.77 26.86
N LYS C 236 -46.50 31.57 26.28
CA LYS C 236 -46.20 30.37 27.05
C LYS C 236 -44.71 30.17 27.31
N TYR C 237 -43.84 31.02 26.77
CA TYR C 237 -42.42 31.00 27.11
C TYR C 237 -42.26 31.03 28.62
N THR C 238 -41.44 30.12 29.16
CA THR C 238 -41.42 29.84 30.58
C THR C 238 -40.02 29.88 31.15
N ARG C 239 -39.83 30.66 32.21
CA ARG C 239 -38.54 30.79 32.89
C ARG C 239 -38.71 30.64 34.39
N ASP C 240 -37.69 30.09 35.03
CA ASP C 240 -37.46 30.26 36.45
C ASP C 240 -36.81 31.62 36.68
N TRP C 241 -37.28 32.35 37.69
CA TRP C 241 -36.81 33.70 37.98
C TRP C 241 -36.19 33.75 39.37
N LEU C 242 -34.95 34.24 39.44
CA LEU C 242 -34.15 34.24 40.67
C LEU C 242 -33.90 35.67 41.10
N TYR C 243 -34.29 36.01 42.32
CA TYR C 243 -34.06 37.37 42.81
C TYR C 243 -32.57 37.64 42.92
N VAL C 244 -32.12 38.77 42.36
CA VAL C 244 -30.67 39.00 42.23
C VAL C 244 -30.00 38.99 43.60
N ILE C 245 -30.69 39.51 44.62
CA ILE C 245 -30.13 39.51 45.97
C ILE C 245 -29.98 38.10 46.51
N ASP C 246 -30.93 37.22 46.19
CA ASP C 246 -30.80 35.81 46.56
C ASP C 246 -29.63 35.15 45.85
N HIS C 247 -29.44 35.49 44.58
CA HIS C 247 -28.31 34.95 43.81
C HIS C 247 -26.98 35.33 44.46
N ALA C 248 -26.82 36.62 44.80
CA ALA C 248 -25.58 37.08 45.39
C ALA C 248 -25.32 36.39 46.73
N ARG C 249 -26.38 36.17 47.51
CA ARG C 249 -26.24 35.45 48.77
C ARG C 249 -25.79 34.01 48.55
N ALA C 250 -26.34 33.34 47.52
CA ALA C 250 -25.95 31.97 47.23
C ALA C 250 -24.49 31.88 46.80
N ILE C 251 -24.04 32.80 45.93
CA ILE C 251 -22.62 32.81 45.53
C ILE C 251 -21.72 32.93 46.75
N HIS C 252 -22.03 33.88 47.63
CA HIS C 252 -21.23 34.05 48.84
C HIS C 252 -21.22 32.78 49.68
N GLN C 253 -22.39 32.17 49.91
CA GLN C 253 -22.44 30.98 50.75
C GLN C 253 -21.66 29.84 50.10
N ILE C 254 -21.91 29.58 48.82
CA ILE C 254 -21.18 28.53 48.12
C ILE C 254 -19.68 28.79 48.18
N PHE C 255 -19.27 30.03 47.87
CA PHE C 255 -17.85 30.40 47.92
C PHE C 255 -17.21 29.96 49.23
N ASN C 256 -17.92 30.13 50.35
CA ASN C 256 -17.38 29.83 51.67
C ASN C 256 -17.58 28.37 52.09
N GLU C 257 -18.65 27.72 51.66
CA GLU C 257 -19.04 26.45 52.24
C GLU C 257 -18.95 25.25 51.32
N ALA C 258 -18.94 25.45 50.00
CA ALA C 258 -19.00 24.31 49.09
C ALA C 258 -17.67 23.58 49.00
N LYS C 259 -17.75 22.29 48.71
CA LYS C 259 -16.55 21.48 48.49
C LYS C 259 -15.90 21.89 47.18
N THR C 260 -14.57 21.91 47.15
CA THR C 260 -13.85 22.34 45.95
C THR C 260 -14.21 21.46 44.76
N GLY C 261 -14.46 22.10 43.62
CA GLY C 261 -14.78 21.39 42.39
C GLY C 261 -16.24 21.11 42.16
N GLU C 262 -17.13 21.58 43.03
CA GLU C 262 -18.55 21.31 42.86
C GLU C 262 -19.17 22.24 41.81
N THR C 263 -20.30 21.79 41.26
CA THR C 263 -21.21 22.61 40.46
C THR C 263 -22.54 22.69 41.18
N TYR C 264 -23.13 23.90 41.27
CA TYR C 264 -24.45 24.06 41.83
C TYR C 264 -25.31 24.84 40.87
N ASN C 265 -26.53 24.38 40.65
CA ASN C 265 -27.57 25.20 40.05
C ASN C 265 -28.15 26.14 41.10
N ILE C 266 -28.53 27.34 40.66
CA ILE C 266 -29.13 28.33 41.55
C ILE C 266 -30.36 28.89 40.86
N GLY C 267 -31.52 28.84 41.52
CA GLY C 267 -32.74 29.32 40.93
C GLY C 267 -33.73 29.73 42.01
N GLY C 268 -34.84 30.29 41.57
CA GLY C 268 -35.82 30.81 42.52
C GLY C 268 -36.91 29.83 42.90
N PHE C 269 -36.79 28.56 42.50
CA PHE C 269 -37.78 27.53 42.80
C PHE C 269 -39.18 27.92 42.29
N ASN C 270 -39.24 28.24 41.00
CA ASN C 270 -40.50 28.60 40.37
C ASN C 270 -40.35 28.39 38.86
N GLU C 271 -41.47 28.50 38.15
CA GLU C 271 -41.41 28.69 36.71
C GLU C 271 -42.64 29.47 36.28
N TRP C 272 -42.42 30.49 35.46
CA TRP C 272 -43.46 31.44 35.09
C TRP C 272 -43.52 31.57 33.58
N GLN C 273 -44.73 31.48 33.04
CA GLN C 273 -44.96 31.90 31.67
C GLN C 273 -44.97 33.42 31.60
N ASN C 274 -44.51 33.97 30.47
CA ASN C 274 -44.43 35.42 30.31
C ASN C 274 -45.80 36.07 30.51
N ILE C 275 -46.87 35.46 30.00
CA ILE C 275 -48.19 36.06 30.14
C ILE C 275 -48.56 36.19 31.62
N ASP C 276 -48.18 35.19 32.43
CA ASP C 276 -48.48 35.26 33.86
C ASP C 276 -47.59 36.27 34.57
N LEU C 277 -46.32 36.40 34.12
CA LEU C 277 -45.46 37.45 34.64
C LEU C 277 -46.06 38.83 34.38
N VAL C 278 -46.46 39.09 33.14
CA VAL C 278 -47.08 40.36 32.80
C VAL C 278 -48.35 40.57 33.63
N LYS C 279 -49.17 39.53 33.77
CA LYS C 279 -50.41 39.70 34.52
C LYS C 279 -50.17 39.95 36.00
N GLU C 280 -49.06 39.42 36.54
CA GLU C 280 -48.71 39.67 37.93
C GLU C 280 -48.20 41.09 38.13
N LEU C 281 -47.38 41.57 37.19
CA LEU C 281 -46.96 42.98 37.26
C LEU C 281 -48.15 43.91 37.14
N ILE C 282 -49.07 43.63 36.21
CA ILE C 282 -50.28 44.44 36.11
C ILE C 282 -51.04 44.44 37.42
N LYS C 283 -51.18 43.26 38.03
CA LYS C 283 -51.93 43.15 39.27
C LYS C 283 -51.30 43.99 40.37
N GLN C 284 -49.99 43.85 40.56
CA GLN C 284 -49.32 44.55 41.64
C GLN C 284 -49.24 46.05 41.38
N LEU C 285 -49.01 46.44 40.14
CA LEU C 285 -48.84 47.87 39.83
C LEU C 285 -50.17 48.61 39.84
N ASP C 286 -51.26 47.96 39.44
CA ASP C 286 -52.57 48.59 39.56
C ASP C 286 -52.95 48.77 41.02
N ALA C 287 -52.74 47.73 41.84
CA ALA C 287 -53.03 47.84 43.27
C ALA C 287 -52.14 48.88 43.93
N LYS C 288 -50.84 48.88 43.59
CA LYS C 288 -49.91 49.88 44.14
C LYS C 288 -50.40 51.30 43.88
N LEU C 289 -50.85 51.57 42.66
CA LEU C 289 -51.30 52.90 42.27
C LEU C 289 -52.79 53.12 42.50
N GLY C 290 -53.46 52.21 43.21
CA GLY C 290 -54.85 52.39 43.53
C GLY C 290 -55.80 52.36 42.35
N LYS C 291 -55.36 51.83 41.21
CA LYS C 291 -56.21 51.74 40.04
C LYS C 291 -57.24 50.63 40.23
N PRO C 292 -58.30 50.61 39.42
CA PRO C 292 -59.25 49.50 39.50
C PRO C 292 -58.60 48.17 39.16
N GLU C 293 -59.20 47.10 39.69
CA GLU C 293 -58.72 45.76 39.40
C GLU C 293 -58.90 45.43 37.91
N GLY C 294 -57.79 45.13 37.26
CA GLY C 294 -57.79 44.86 35.83
C GLY C 294 -57.54 46.06 34.95
N HIS C 295 -57.18 47.21 35.54
CA HIS C 295 -57.09 48.46 34.78
C HIS C 295 -56.14 48.33 33.59
N SER C 296 -54.95 47.78 33.81
CA SER C 296 -53.91 47.76 32.80
C SER C 296 -53.93 46.53 31.90
N GLU C 297 -54.90 45.62 32.09
CA GLU C 297 -54.97 44.45 31.23
C GLU C 297 -55.25 44.82 29.77
N LYS C 298 -55.87 45.99 29.53
CA LYS C 298 -56.10 46.44 28.17
C LYS C 298 -54.80 46.74 27.41
N LEU C 299 -53.67 46.77 28.11
CA LEU C 299 -52.37 46.98 27.47
C LEU C 299 -51.83 45.72 26.82
N ILE C 300 -52.28 44.54 27.26
CA ILE C 300 -51.76 43.29 26.72
C ILE C 300 -52.12 43.20 25.24
N THR C 301 -51.12 42.97 24.40
CA THR C 301 -51.30 42.90 22.96
C THR C 301 -50.69 41.61 22.46
N PHE C 302 -51.53 40.66 22.04
CA PHE C 302 -51.07 39.40 21.50
C PHE C 302 -50.56 39.58 20.07
N VAL C 303 -49.36 39.08 19.81
CA VAL C 303 -48.75 39.18 18.48
C VAL C 303 -48.36 37.80 17.99
N LYS C 304 -47.63 37.76 16.87
CA LYS C 304 -47.23 36.48 16.28
C LYS C 304 -46.21 35.77 17.17
N ASP C 305 -46.17 34.44 17.04
CA ASP C 305 -45.28 33.63 17.86
C ASP C 305 -43.88 33.62 17.27
N ARG C 306 -42.88 33.83 18.14
CA ARG C 306 -41.50 33.71 17.70
C ARG C 306 -41.13 32.24 17.55
N PRO C 307 -40.32 31.89 16.55
CA PRO C 307 -39.84 30.50 16.45
C PRO C 307 -39.06 30.12 17.69
N GLY C 308 -39.43 29.00 18.28
CA GLY C 308 -38.82 28.57 19.51
C GLY C 308 -39.29 29.28 20.76
N HIS C 309 -40.26 30.19 20.64
CA HIS C 309 -40.84 30.80 21.83
C HIS C 309 -41.55 29.78 22.71
N ASP C 310 -41.93 28.64 22.13
CA ASP C 310 -42.53 27.55 22.89
C ASP C 310 -41.47 26.75 23.63
N LYS C 311 -40.60 27.44 24.37
CA LYS C 311 -39.49 26.81 25.07
C LYS C 311 -39.66 26.96 26.57
N ARG C 312 -39.01 26.06 27.30
CA ARG C 312 -39.12 26.02 28.76
C ARG C 312 -37.73 25.90 29.35
N TYR C 313 -37.44 26.77 30.32
CA TYR C 313 -36.14 26.82 30.98
C TYR C 313 -36.43 26.82 32.48
N ALA C 314 -36.20 25.70 33.14
CA ALA C 314 -36.53 25.57 34.55
C ALA C 314 -35.38 24.83 35.22
N ILE C 315 -34.68 25.52 36.09
CA ILE C 315 -33.55 24.95 36.80
C ILE C 315 -34.04 24.18 38.02
N ASP C 316 -33.30 23.14 38.37
CA ASP C 316 -33.48 22.40 39.62
C ASP C 316 -32.31 22.73 40.53
N ALA C 317 -32.57 23.50 41.59
CA ALA C 317 -31.54 23.87 42.55
C ALA C 317 -31.65 23.09 43.86
N THR C 318 -32.22 21.89 43.82
CA THR C 318 -32.40 21.13 45.06
C THR C 318 -31.07 20.65 45.63
N LYS C 319 -30.07 20.40 44.77
CA LYS C 319 -28.76 19.97 45.27
C LYS C 319 -28.16 21.03 46.18
N LEU C 320 -28.27 22.29 45.79
CA LEU C 320 -27.72 23.38 46.58
C LEU C 320 -28.39 23.45 47.95
N ASN C 321 -29.71 23.35 47.99
CA ASN C 321 -30.37 23.38 49.29
C ASN C 321 -30.00 22.15 50.11
N LYS C 322 -29.96 20.98 49.47
CA LYS C 322 -29.65 19.76 50.21
C LYS C 322 -28.26 19.83 50.83
N ASP C 323 -27.27 20.33 50.07
CA ASP C 323 -25.90 20.35 50.55
C ASP C 323 -25.65 21.48 51.56
N LEU C 324 -26.15 22.68 51.27
CA LEU C 324 -25.79 23.87 52.05
C LEU C 324 -26.95 24.54 52.76
N GLY C 325 -28.19 24.15 52.50
CA GLY C 325 -29.34 24.75 53.13
C GLY C 325 -29.80 26.06 52.54
N TRP C 326 -29.14 26.57 51.50
CA TRP C 326 -29.58 27.81 50.88
C TRP C 326 -31.00 27.65 50.33
N LYS C 327 -31.80 28.70 50.44
CA LYS C 327 -33.09 28.74 49.78
C LYS C 327 -33.41 30.19 49.46
N PRO C 328 -34.30 30.44 48.49
CA PRO C 328 -34.67 31.83 48.18
C PRO C 328 -35.35 32.46 49.39
N SER C 329 -35.14 33.78 49.53
CA SER C 329 -35.78 34.54 50.60
C SER C 329 -37.15 35.12 50.20
N VAL C 330 -37.47 35.07 48.90
CA VAL C 330 -38.73 35.59 48.38
C VAL C 330 -39.28 34.60 47.36
N THR C 331 -40.60 34.56 47.27
CA THR C 331 -41.28 34.06 46.09
C THR C 331 -41.13 35.09 44.96
N PHE C 332 -41.46 34.68 43.74
CA PHE C 332 -41.41 35.63 42.63
C PHE C 332 -42.34 36.81 42.88
N GLU C 333 -43.54 36.55 43.40
CA GLU C 333 -44.46 37.64 43.69
C GLU C 333 -43.86 38.61 44.70
N GLU C 334 -43.22 38.08 45.75
CA GLU C 334 -42.60 38.95 46.74
C GLU C 334 -41.41 39.69 46.16
N GLY C 335 -40.62 39.01 45.33
CA GLY C 335 -39.51 39.66 44.68
C GLY C 335 -39.95 40.76 43.72
N LEU C 336 -41.03 40.52 42.98
CA LEU C 336 -41.57 41.57 42.12
C LEU C 336 -42.02 42.77 42.95
N ALA C 337 -42.59 42.53 44.13
CA ALA C 337 -43.02 43.63 44.97
C ALA C 337 -41.85 44.52 45.37
N LYS C 338 -40.74 43.89 45.79
CA LYS C 338 -39.52 44.64 46.10
C LYS C 338 -38.95 45.31 44.88
N THR C 339 -39.04 44.66 43.72
CA THR C 339 -38.54 45.24 42.47
C THR C 339 -39.37 46.46 42.08
N ILE C 340 -40.69 46.36 42.20
CA ILE C 340 -41.55 47.51 41.93
C ILE C 340 -41.25 48.64 42.91
N ASP C 341 -41.08 48.31 44.19
CA ASP C 341 -40.74 49.32 45.19
C ASP C 341 -39.40 50.00 44.86
N TRP C 342 -38.40 49.21 44.47
CA TRP C 342 -37.10 49.77 44.13
C TRP C 342 -37.20 50.68 42.91
N TYR C 343 -37.86 50.18 41.85
CA TYR C 343 -38.10 50.98 40.65
C TYR C 343 -38.71 52.34 41.00
N LEU C 344 -39.83 52.34 41.72
CA LEU C 344 -40.52 53.58 42.01
C LEU C 344 -39.74 54.49 42.96
N ASP C 345 -38.70 53.97 43.61
CA ASP C 345 -37.88 54.74 44.54
C ASP C 345 -36.59 55.24 43.90
N ASN C 346 -36.34 54.90 42.64
CA ASN C 346 -35.06 55.20 41.99
C ASN C 346 -35.29 55.77 40.59
N LYS C 347 -36.16 56.77 40.53
CA LYS C 347 -36.39 57.47 39.26
C LYS C 347 -35.09 58.04 38.70
N GLU C 348 -34.20 58.53 39.58
CA GLU C 348 -32.96 59.14 39.12
C GLU C 348 -32.03 58.12 38.49
N TRP C 349 -31.81 57.00 39.18
CA TRP C 349 -30.97 55.93 38.63
C TRP C 349 -31.49 55.49 37.26
N LEU C 350 -32.80 55.22 37.17
CA LEU C 350 -33.39 54.82 35.89
C LEU C 350 -33.13 55.86 34.81
N GLU C 351 -33.37 57.13 35.11
CA GLU C 351 -33.16 58.19 34.15
C GLU C 351 -31.68 58.36 33.80
N ASN C 352 -30.77 58.15 34.76
CA ASN C 352 -29.35 58.26 34.44
C ASN C 352 -28.92 57.16 33.48
N VAL C 353 -29.56 55.99 33.51
CA VAL C 353 -29.23 54.96 32.52
C VAL C 353 -29.80 55.34 31.16
N THR C 354 -31.09 55.68 31.11
CA THR C 354 -31.74 55.99 29.84
C THR C 354 -31.05 57.15 29.13
N SER C 355 -30.63 58.18 29.88
CA SER C 355 -29.98 59.33 29.29
C SER C 355 -28.53 59.05 28.89
N GLY C 356 -27.94 57.96 29.35
CA GLY C 356 -26.53 57.71 29.13
C GLY C 356 -25.61 58.41 30.11
N ASP C 357 -26.14 59.23 31.01
CA ASP C 357 -25.29 59.92 31.98
C ASP C 357 -24.55 58.96 32.89
N TYR C 358 -25.12 57.78 33.13
CA TYR C 358 -24.52 56.82 34.05
C TYR C 358 -23.08 56.48 33.67
N GLN C 359 -22.75 56.54 32.38
CA GLN C 359 -21.40 56.21 31.92
C GLN C 359 -20.38 57.29 32.27
N LYS C 360 -20.82 58.54 32.48
CA LYS C 360 -19.92 59.61 32.86
C LYS C 360 -19.47 59.51 34.31
N TYR C 361 -19.98 58.54 35.06
CA TYR C 361 -19.71 58.45 36.49
C TYR C 361 -18.22 58.27 36.77
N TYR C 362 -17.55 57.40 36.01
CA TYR C 362 -16.13 57.18 36.26
C TYR C 362 -15.31 58.41 35.92
N GLU C 363 -15.66 59.12 34.85
CA GLU C 363 -14.93 60.33 34.49
C GLU C 363 -15.27 61.48 35.43
N ASN C 364 -16.56 61.65 35.75
CA ASN C 364 -16.97 62.73 36.64
C ASN C 364 -16.53 62.49 38.07
N GLN C 365 -16.51 61.23 38.52
CA GLN C 365 -16.12 60.91 39.89
C GLN C 365 -14.97 59.91 39.93
N HIS D 5 38.07 -23.34 4.24
CA HIS D 5 36.86 -22.79 3.62
C HIS D 5 35.76 -22.64 4.67
N HIS D 6 34.65 -21.98 4.29
CA HIS D 6 33.54 -21.75 5.20
C HIS D 6 32.47 -22.82 5.03
N HIS D 7 31.83 -23.20 6.15
CA HIS D 7 30.81 -24.23 6.20
C HIS D 7 29.40 -23.67 6.21
N HIS D 8 29.21 -22.47 5.65
CA HIS D 8 27.92 -21.80 5.63
C HIS D 8 27.98 -20.67 4.61
N MET D 9 26.85 -20.36 4.01
CA MET D 9 26.81 -19.35 2.96
C MET D 9 26.95 -17.95 3.56
N LYS D 10 27.71 -17.10 2.88
CA LYS D 10 27.93 -15.72 3.30
C LYS D 10 27.51 -14.70 2.28
N ASN D 11 27.40 -15.07 1.00
CA ASN D 11 27.05 -14.15 -0.06
C ASN D 11 26.18 -14.88 -1.07
N ILE D 12 25.01 -14.32 -1.37
CA ILE D 12 24.07 -14.89 -2.32
C ILE D 12 23.68 -13.81 -3.32
N ILE D 13 23.80 -14.13 -4.60
CA ILE D 13 23.40 -13.21 -5.67
C ILE D 13 21.97 -13.54 -6.07
N ILE D 14 21.14 -12.51 -6.16
CA ILE D 14 19.81 -12.61 -6.78
C ILE D 14 19.87 -11.82 -8.08
N THR D 15 19.86 -12.52 -9.21
CA THR D 15 19.81 -11.82 -10.49
C THR D 15 18.39 -11.38 -10.78
N GLY D 16 18.26 -10.24 -11.45
CA GLY D 16 16.94 -9.76 -11.78
C GLY D 16 16.17 -9.24 -10.58
N GLY D 17 16.86 -8.92 -9.48
CA GLY D 17 16.20 -8.53 -8.25
C GLY D 17 15.54 -7.17 -8.30
N ALA D 18 15.78 -6.36 -9.34
CA ALA D 18 15.02 -5.11 -9.46
C ALA D 18 13.65 -5.31 -10.09
N GLY D 19 13.37 -6.51 -10.60
CA GLY D 19 12.14 -6.77 -11.31
C GLY D 19 10.99 -7.10 -10.38
N PHE D 20 9.93 -7.64 -10.97
CA PHE D 20 8.67 -7.87 -10.28
C PHE D 20 8.86 -8.96 -9.23
N ILE D 21 9.06 -10.20 -9.67
CA ILE D 21 9.25 -11.29 -8.73
C ILE D 21 10.59 -11.13 -8.01
N GLY D 22 11.63 -10.68 -8.72
CA GLY D 22 12.94 -10.60 -8.11
C GLY D 22 12.97 -9.72 -6.88
N SER D 23 12.29 -8.58 -6.94
CA SER D 23 12.28 -7.67 -5.79
C SER D 23 11.67 -8.33 -4.57
N HIS D 24 10.59 -9.10 -4.76
CA HIS D 24 10.00 -9.82 -3.65
C HIS D 24 10.92 -10.93 -3.14
N VAL D 25 11.68 -11.56 -4.03
CA VAL D 25 12.66 -12.56 -3.62
C VAL D 25 13.80 -11.90 -2.84
N VAL D 26 14.30 -10.77 -3.32
CA VAL D 26 15.33 -10.04 -2.61
C VAL D 26 14.85 -9.74 -1.19
N ARG D 27 13.62 -9.26 -1.06
CA ARG D 27 13.12 -8.87 0.25
C ARG D 27 13.07 -10.08 1.18
N GLU D 28 12.60 -11.22 0.68
CA GLU D 28 12.52 -12.42 1.51
C GLU D 28 13.90 -12.89 1.96
N PHE D 29 14.89 -12.91 1.06
CA PHE D 29 16.22 -13.32 1.46
C PHE D 29 16.86 -12.33 2.42
N VAL D 30 16.66 -11.03 2.18
CA VAL D 30 17.26 -10.03 3.06
C VAL D 30 16.71 -10.17 4.47
N ILE D 31 15.38 -10.32 4.57
CA ILE D 31 14.74 -10.39 5.89
C ILE D 31 15.11 -11.69 6.60
N LYS D 32 15.05 -12.81 5.89
CA LYS D 32 15.19 -14.08 6.58
C LYS D 32 16.64 -14.43 6.92
N ASN D 33 17.62 -13.74 6.33
CA ASN D 33 19.02 -14.10 6.44
C ASN D 33 19.86 -12.88 6.79
N PRO D 34 19.70 -12.33 8.00
CA PRO D 34 20.47 -11.13 8.37
C PRO D 34 21.98 -11.33 8.35
N GLU D 35 22.47 -12.57 8.44
CA GLU D 35 23.90 -12.83 8.50
C GLU D 35 24.51 -13.12 7.13
N ILE D 36 23.74 -13.00 6.06
CA ILE D 36 24.17 -13.27 4.70
C ILE D 36 24.04 -11.99 3.89
N THR D 37 25.09 -11.63 3.15
CA THR D 37 24.99 -10.50 2.22
C THR D 37 24.19 -10.94 1.00
N ILE D 38 23.15 -10.18 0.67
CA ILE D 38 22.30 -10.45 -0.48
C ILE D 38 22.62 -9.41 -1.54
N ILE D 39 23.15 -9.87 -2.68
CA ILE D 39 23.58 -9.00 -3.76
C ILE D 39 22.51 -9.03 -4.85
N ASN D 40 21.80 -7.92 -5.03
CA ASN D 40 20.84 -7.80 -6.12
C ASN D 40 21.62 -7.44 -7.38
N LEU D 41 21.73 -8.38 -8.32
CA LEU D 41 22.45 -8.15 -9.58
C LEU D 41 21.42 -7.90 -10.67
N ASP D 42 21.47 -6.71 -11.27
CA ASP D 42 20.44 -6.36 -12.24
C ASP D 42 20.96 -5.36 -13.25
N ALA D 43 20.54 -5.52 -14.51
CA ALA D 43 21.01 -4.64 -15.57
C ALA D 43 20.17 -3.37 -15.69
N LEU D 44 19.04 -3.32 -15.00
CA LEU D 44 18.10 -2.20 -15.09
C LEU D 44 17.66 -1.96 -16.54
N THR D 45 17.12 -3.01 -17.15
CA THR D 45 16.37 -2.80 -18.38
C THR D 45 15.09 -2.02 -18.05
N TYR D 46 14.28 -1.77 -19.09
CA TYR D 46 12.95 -1.19 -18.88
C TYR D 46 12.14 -1.97 -17.86
N ALA D 47 12.45 -3.24 -17.64
CA ALA D 47 11.68 -4.06 -16.72
C ALA D 47 12.12 -3.90 -15.28
N GLY D 48 13.31 -3.36 -15.06
CA GLY D 48 13.79 -3.20 -13.70
C GLY D 48 13.22 -1.95 -13.07
N ASN D 49 12.99 -2.01 -11.77
CA ASN D 49 12.42 -0.86 -11.08
C ASN D 49 12.95 -0.85 -9.65
N LEU D 50 14.01 -0.08 -9.40
CA LEU D 50 14.61 -0.04 -8.08
C LEU D 50 13.67 0.56 -7.04
N GLU D 51 12.64 1.32 -7.44
CA GLU D 51 11.67 1.77 -6.46
CA GLU D 51 11.66 1.77 -6.47
C GLU D 51 10.99 0.61 -5.75
N ASN D 52 10.98 -0.59 -6.36
CA ASN D 52 10.38 -1.77 -5.74
C ASN D 52 11.03 -2.07 -4.40
N LEU D 53 12.31 -1.69 -4.22
CA LEU D 53 13.09 -2.08 -3.06
C LEU D 53 13.43 -0.92 -2.15
N LYS D 54 12.68 0.19 -2.24
CA LYS D 54 13.02 1.32 -1.39
C LYS D 54 12.94 0.97 0.09
N ASP D 55 12.05 0.05 0.48
CA ASP D 55 11.93 -0.35 1.88
C ASP D 55 13.12 -1.16 2.37
N ILE D 56 13.84 -1.84 1.48
CA ILE D 56 14.93 -2.76 1.79
CA ILE D 56 14.94 -2.68 1.94
C ILE D 56 16.30 -2.13 1.55
N GLU D 57 16.37 -1.04 0.77
CA GLU D 57 17.65 -0.62 0.20
C GLU D 57 18.67 -0.17 1.24
N ASN D 58 18.25 0.13 2.47
CA ASN D 58 19.20 0.50 3.50
C ASN D 58 19.51 -0.63 4.47
N PHE D 59 19.05 -1.85 4.20
CA PHE D 59 19.39 -2.96 5.09
C PHE D 59 20.89 -3.23 5.02
N PRO D 60 21.52 -3.55 6.16
CA PRO D 60 22.98 -3.72 6.16
C PRO D 60 23.46 -4.91 5.37
N ASN D 61 22.60 -5.90 5.11
CA ASN D 61 23.01 -7.08 4.36
C ASN D 61 22.51 -7.06 2.92
N TYR D 62 22.09 -5.89 2.44
CA TYR D 62 21.63 -5.73 1.07
C TYR D 62 22.60 -4.87 0.30
N VAL D 63 22.91 -5.27 -0.92
CA VAL D 63 23.78 -4.51 -1.82
CA VAL D 63 23.72 -4.45 -1.81
C VAL D 63 23.20 -4.61 -3.22
N PHE D 64 23.23 -3.51 -3.97
CA PHE D 64 22.83 -3.52 -5.37
C PHE D 64 24.07 -3.45 -6.25
N GLU D 65 24.11 -4.28 -7.28
CA GLU D 65 25.18 -4.25 -8.27
C GLU D 65 24.55 -4.18 -9.65
N LYS D 66 24.77 -3.08 -10.34
CA LYS D 66 24.29 -2.98 -11.71
C LYS D 66 25.24 -3.77 -12.61
N ALA D 67 24.72 -4.83 -13.22
CA ALA D 67 25.52 -5.65 -14.10
C ALA D 67 24.58 -6.40 -15.04
N ASP D 68 25.12 -6.73 -16.21
CA ASP D 68 24.39 -7.35 -17.31
C ASP D 68 24.91 -8.79 -17.45
N ILE D 69 24.01 -9.77 -17.32
CA ILE D 69 24.46 -11.15 -17.37
C ILE D 69 24.94 -11.57 -18.76
N THR D 70 24.69 -10.75 -19.80
CA THR D 70 25.24 -11.05 -21.11
C THR D 70 26.63 -10.47 -21.30
N LYS D 71 27.23 -9.88 -20.26
CA LYS D 71 28.56 -9.29 -20.35
C LYS D 71 29.43 -9.98 -19.30
N PRO D 72 30.17 -11.02 -19.69
CA PRO D 72 30.93 -11.79 -18.69
C PRO D 72 31.88 -10.95 -17.86
N GLU D 73 32.47 -9.91 -18.44
CA GLU D 73 33.38 -9.07 -17.69
C GLU D 73 32.67 -8.35 -16.54
N GLU D 74 31.43 -7.93 -16.75
CA GLU D 74 30.68 -7.30 -15.67
C GLU D 74 30.33 -8.30 -14.58
N LEU D 75 29.86 -9.49 -14.96
CA LEU D 75 29.60 -10.55 -14.00
C LEU D 75 30.85 -10.92 -13.22
N ARG D 76 31.99 -11.04 -13.90
CA ARG D 76 33.21 -11.45 -13.22
C ARG D 76 33.53 -10.51 -12.06
N LYS D 77 33.37 -9.21 -12.27
CA LYS D 77 33.72 -8.27 -11.22
C LYS D 77 32.87 -8.48 -9.97
N VAL D 78 31.59 -8.87 -10.14
CA VAL D 78 30.73 -9.15 -8.99
C VAL D 78 31.18 -10.43 -8.30
N PHE D 79 31.47 -11.47 -9.08
CA PHE D 79 31.95 -12.72 -8.49
C PHE D 79 33.26 -12.52 -7.76
N GLU D 80 34.15 -11.67 -8.30
CA GLU D 80 35.43 -11.41 -7.65
C GLU D 80 35.23 -10.68 -6.33
N LYS D 81 34.30 -9.74 -6.31
CA LYS D 81 34.09 -8.91 -5.14
C LYS D 81 33.46 -9.71 -4.00
N TYR D 82 32.45 -10.53 -4.30
CA TYR D 82 31.63 -11.17 -3.26
C TYR D 82 31.89 -12.65 -3.05
N ASN D 83 32.65 -13.32 -3.92
CA ASN D 83 32.86 -14.76 -3.84
C ASN D 83 31.53 -15.47 -3.56
N PRO D 84 30.52 -15.26 -4.39
CA PRO D 84 29.16 -15.69 -4.03
C PRO D 84 29.07 -17.19 -3.83
N ASP D 85 28.34 -17.60 -2.80
CA ASP D 85 28.14 -19.02 -2.54
C ASP D 85 26.93 -19.59 -3.25
N ALA D 86 26.02 -18.72 -3.70
CA ALA D 86 24.83 -19.21 -4.38
C ALA D 86 24.30 -18.12 -5.29
N VAL D 87 23.46 -18.54 -6.23
CA VAL D 87 22.79 -17.66 -7.17
C VAL D 87 21.34 -18.08 -7.21
N VAL D 88 20.44 -17.11 -7.08
CA VAL D 88 19.03 -17.30 -7.35
C VAL D 88 18.76 -16.50 -8.62
N HIS D 89 18.50 -17.19 -9.72
CA HIS D 89 18.55 -16.57 -11.04
C HIS D 89 17.15 -16.26 -11.55
N LEU D 90 16.77 -14.97 -11.51
CA LEU D 90 15.50 -14.53 -12.08
C LEU D 90 15.63 -13.64 -13.31
N ALA D 91 16.81 -13.04 -13.55
CA ALA D 91 16.92 -12.16 -14.71
C ALA D 91 16.54 -12.87 -16.00
N ALA D 92 15.65 -12.24 -16.77
CA ALA D 92 15.17 -12.79 -18.02
C ALA D 92 14.52 -11.67 -18.82
N GLU D 93 14.33 -11.95 -20.11
CA GLU D 93 13.81 -11.01 -21.09
C GLU D 93 12.66 -11.67 -21.82
N SER D 94 11.50 -10.98 -21.85
CA SER D 94 10.28 -11.54 -22.42
CA SER D 94 10.27 -11.52 -22.40
C SER D 94 9.83 -10.89 -23.72
N HIS D 95 10.25 -9.65 -24.00
CA HIS D 95 9.75 -8.93 -25.17
C HIS D 95 10.49 -9.41 -26.42
N VAL D 96 9.85 -10.30 -27.18
CA VAL D 96 10.44 -10.86 -28.38
C VAL D 96 10.15 -9.93 -29.56
N ASP D 97 11.19 -9.59 -30.31
CA ASP D 97 11.09 -8.70 -31.47
C ASP D 97 10.67 -7.29 -31.08
N ASP D 102 17.92 -6.34 -33.11
CA ASP D 102 18.36 -7.35 -32.15
C ASP D 102 17.25 -8.37 -31.85
N PRO D 103 16.87 -9.16 -32.86
CA PRO D 103 15.78 -10.12 -32.65
C PRO D 103 16.09 -11.20 -31.63
N ASN D 104 17.37 -11.41 -31.29
CA ASN D 104 17.74 -12.50 -30.41
C ASN D 104 18.06 -12.05 -29.00
N ALA D 105 17.67 -10.84 -28.62
CA ALA D 105 17.97 -10.35 -27.27
C ALA D 105 17.41 -11.31 -26.21
N PHE D 106 16.20 -11.82 -26.42
CA PHE D 106 15.64 -12.77 -25.46
C PHE D 106 16.49 -14.04 -25.36
N ILE D 107 17.01 -14.53 -26.48
CA ILE D 107 17.91 -15.68 -26.41
C ILE D 107 19.21 -15.30 -25.72
N ASN D 108 19.76 -14.15 -26.09
CA ASN D 108 20.99 -13.66 -25.47
CA ASN D 108 20.99 -13.67 -25.46
C ASN D 108 20.84 -13.60 -23.95
N THR D 109 19.79 -12.95 -23.47
CA THR D 109 19.64 -12.83 -22.02
C THR D 109 19.29 -14.16 -21.39
N ASN D 110 18.33 -14.89 -21.95
CA ASN D 110 17.81 -16.05 -21.22
C ASN D 110 18.72 -17.27 -21.36
N VAL D 111 19.40 -17.42 -22.48
CA VAL D 111 20.19 -18.64 -22.73
C VAL D 111 21.65 -18.33 -22.44
N ILE D 112 22.23 -17.40 -23.20
CA ILE D 112 23.64 -17.04 -23.00
C ILE D 112 23.85 -16.45 -21.61
N GLY D 113 22.91 -15.63 -21.13
CA GLY D 113 23.07 -15.06 -19.79
C GLY D 113 23.10 -16.11 -18.71
N THR D 114 22.24 -17.12 -18.81
CA THR D 114 22.29 -18.24 -17.89
C THR D 114 23.63 -18.98 -18.00
N ALA D 115 24.09 -19.21 -19.23
CA ALA D 115 25.39 -19.87 -19.40
C ALA D 115 26.52 -19.06 -18.77
N ASN D 116 26.49 -17.73 -18.93
CA ASN D 116 27.57 -16.93 -18.36
C ASN D 116 27.62 -17.07 -16.85
N LEU D 117 26.44 -17.10 -16.21
CA LEU D 117 26.37 -17.30 -14.76
C LEU D 117 26.87 -18.69 -14.39
N LEU D 118 26.42 -19.70 -15.12
CA LEU D 118 26.85 -21.07 -14.83
C LEU D 118 28.35 -21.21 -14.98
N ASN D 119 28.93 -20.56 -15.99
CA ASN D 119 30.36 -20.66 -16.20
C ASN D 119 31.13 -20.07 -15.03
N LEU D 120 30.63 -18.98 -14.48
CA LEU D 120 31.32 -18.36 -13.35
C LEU D 120 31.15 -19.19 -12.09
N CYS D 121 29.99 -19.81 -11.88
CA CYS D 121 29.84 -20.71 -10.74
C CYS D 121 30.79 -21.90 -10.85
N ARG D 122 30.92 -22.47 -12.04
CA ARG D 122 31.90 -23.53 -12.26
C ARG D 122 33.28 -23.08 -11.82
N GLU D 123 33.67 -21.87 -12.22
CA GLU D 123 35.01 -21.40 -11.95
C GLU D 123 35.22 -21.07 -10.48
N PHE D 124 34.25 -20.40 -9.85
CA PHE D 124 34.44 -19.93 -8.49
C PHE D 124 34.11 -20.97 -7.43
N TRP D 125 33.29 -21.97 -7.76
CA TRP D 125 32.94 -22.99 -6.79
C TRP D 125 33.89 -24.17 -6.89
N THR D 126 34.11 -24.84 -5.77
CA THR D 126 34.97 -26.02 -5.74
C THR D 126 34.06 -27.23 -5.97
N LEU D 127 33.95 -27.64 -7.22
CA LEU D 127 33.05 -28.72 -7.57
C LEU D 127 33.77 -30.05 -7.43
N ASN D 128 33.04 -31.04 -6.89
CA ASN D 128 33.61 -32.35 -6.63
C ASN D 128 33.35 -33.29 -7.81
N PRO D 129 34.39 -33.80 -8.48
CA PRO D 129 34.16 -34.72 -9.60
C PRO D 129 33.36 -35.95 -9.22
N GLU D 130 33.31 -36.32 -7.94
CA GLU D 130 32.55 -37.48 -7.52
CA GLU D 130 32.55 -37.48 -7.51
C GLU D 130 31.06 -37.22 -7.47
N HIS D 131 30.62 -35.97 -7.67
CA HIS D 131 29.22 -35.57 -7.61
C HIS D 131 28.55 -35.53 -8.97
N THR D 132 29.29 -35.77 -10.05
CA THR D 132 28.69 -35.76 -11.36
C THR D 132 27.67 -36.89 -11.50
N HIS D 133 26.95 -36.86 -12.62
CA HIS D 133 26.04 -37.93 -13.02
C HIS D 133 25.03 -38.23 -11.92
N GLY D 134 24.55 -37.18 -11.26
CA GLY D 134 23.48 -37.29 -10.30
C GLY D 134 23.92 -37.74 -8.92
N ARG D 135 25.22 -37.81 -8.67
CA ARG D 135 25.75 -38.34 -7.42
C ARG D 135 25.93 -37.24 -6.38
N PHE D 136 24.92 -36.39 -6.23
CA PHE D 136 25.00 -35.36 -5.22
C PHE D 136 24.96 -35.99 -3.83
N PRO D 137 25.82 -35.56 -2.92
CA PRO D 137 25.89 -36.17 -1.60
C PRO D 137 24.75 -35.70 -0.70
N ASN D 138 24.54 -36.43 0.39
CA ASN D 138 23.54 -36.01 1.36
C ASN D 138 24.02 -34.84 2.23
N GLU D 139 25.26 -34.40 2.03
CA GLU D 139 25.89 -33.38 2.86
C GLU D 139 25.11 -32.06 2.82
N PRO D 140 25.30 -31.23 3.84
CA PRO D 140 24.75 -29.86 3.76
C PRO D 140 25.31 -29.12 2.56
N ARG D 141 24.45 -28.37 1.88
CA ARG D 141 24.89 -27.64 0.68
C ARG D 141 25.75 -26.45 1.06
N THR D 142 26.93 -26.34 0.45
CA THR D 142 27.70 -25.11 0.53
C THR D 142 27.42 -24.15 -0.63
N ASN D 143 27.04 -24.67 -1.79
CA ASN D 143 26.69 -23.86 -2.95
C ASN D 143 25.35 -24.29 -3.52
N LEU D 144 24.75 -23.40 -4.30
CA LEU D 144 23.50 -23.74 -4.98
C LEU D 144 23.28 -22.76 -6.12
N PHE D 145 22.99 -23.29 -7.30
CA PHE D 145 22.43 -22.49 -8.39
C PHE D 145 20.93 -22.75 -8.41
N TYR D 146 20.14 -21.74 -8.02
CA TYR D 146 18.69 -21.83 -7.98
C TYR D 146 18.16 -21.16 -9.23
N HIS D 147 17.56 -21.93 -10.14
CA HIS D 147 17.06 -21.42 -11.41
C HIS D 147 15.56 -21.23 -11.35
N VAL D 148 15.10 -20.00 -11.54
CA VAL D 148 13.68 -19.66 -11.54
C VAL D 148 13.17 -19.66 -12.98
N SER D 149 12.14 -20.45 -13.25
CA SER D 149 11.65 -20.58 -14.62
C SER D 149 10.12 -20.60 -14.61
N THR D 150 9.54 -20.96 -15.78
CA THR D 150 8.12 -20.75 -16.06
C THR D 150 7.45 -22.07 -16.39
N ASP D 151 6.16 -22.18 -16.03
CA ASP D 151 5.42 -23.37 -16.46
C ASP D 151 5.16 -23.40 -17.96
N GLU D 152 5.41 -22.31 -18.68
CA GLU D 152 5.27 -22.35 -20.14
C GLU D 152 6.26 -23.29 -20.81
N VAL D 153 7.28 -23.77 -20.10
CA VAL D 153 8.17 -24.77 -20.71
C VAL D 153 7.41 -26.04 -21.04
N TYR D 154 6.32 -26.31 -20.32
CA TYR D 154 5.53 -27.52 -20.54
C TYR D 154 4.55 -27.42 -21.70
N GLY D 155 4.42 -26.26 -22.33
CA GLY D 155 3.49 -26.11 -23.43
C GLY D 155 2.12 -25.70 -22.93
N SER D 156 1.09 -26.37 -23.46
CA SER D 156 -0.28 -26.09 -23.03
C SER D 156 -1.01 -27.40 -22.81
N LEU D 157 -2.14 -27.33 -22.12
CA LEU D 157 -2.90 -28.50 -21.74
C LEU D 157 -4.21 -28.59 -22.51
N GLY D 158 -4.75 -29.78 -22.56
CA GLY D 158 -6.13 -29.96 -22.96
C GLY D 158 -7.05 -29.41 -21.88
N GLU D 159 -8.33 -29.77 -22.00
CA GLU D 159 -9.30 -29.32 -21.02
C GLU D 159 -9.04 -29.96 -19.66
N THR D 160 -8.41 -31.13 -19.64
CA THR D 160 -8.09 -31.85 -18.42
C THR D 160 -6.59 -32.06 -18.31
N GLY D 161 -6.15 -32.34 -17.09
CA GLY D 161 -4.74 -32.54 -16.84
C GLY D 161 -4.06 -31.28 -16.34
N PHE D 162 -2.87 -31.47 -15.77
CA PHE D 162 -2.09 -30.39 -15.21
C PHE D 162 -0.63 -30.57 -15.57
N PHE D 163 0.14 -29.48 -15.46
CA PHE D 163 1.58 -29.54 -15.60
C PHE D 163 2.19 -30.20 -14.37
N LEU D 164 2.87 -31.32 -14.57
CA LEU D 164 3.65 -31.95 -13.52
C LEU D 164 5.14 -31.76 -13.80
N GLU D 165 5.96 -31.99 -12.77
CA GLU D 165 7.40 -31.91 -12.98
C GLU D 165 7.88 -32.95 -13.98
N THR D 166 7.11 -34.02 -14.18
CA THR D 166 7.45 -35.05 -15.14
C THR D 166 6.89 -34.76 -16.53
N THR D 167 6.10 -33.71 -16.69
CA THR D 167 5.52 -33.39 -18.00
C THR D 167 6.62 -33.07 -18.99
N ALA D 168 6.52 -33.65 -20.18
CA ALA D 168 7.50 -33.40 -21.23
C ALA D 168 7.51 -31.93 -21.64
N TYR D 169 8.70 -31.34 -21.73
CA TYR D 169 8.83 -29.98 -22.22
C TYR D 169 8.22 -29.87 -23.62
N ASP D 170 7.49 -28.78 -23.85
CA ASP D 170 6.90 -28.51 -25.16
C ASP D 170 6.69 -27.02 -25.32
N PRO D 171 7.75 -26.20 -25.23
CA PRO D 171 7.55 -24.75 -25.27
C PRO D 171 7.01 -24.31 -26.63
N GLN D 172 6.03 -23.41 -26.58
CA GLN D 172 5.33 -23.05 -27.80
CA GLN D 172 5.27 -23.03 -27.76
C GLN D 172 5.61 -21.63 -28.28
N SER D 173 6.36 -20.84 -27.53
CA SER D 173 6.72 -19.48 -27.92
C SER D 173 8.22 -19.29 -27.88
N PRO D 174 8.76 -18.33 -28.65
CA PRO D 174 10.21 -18.07 -28.55
C PRO D 174 10.64 -17.81 -27.12
N TYR D 175 9.85 -17.05 -26.37
CA TYR D 175 10.14 -16.84 -24.96
C TYR D 175 10.21 -18.16 -24.19
N SER D 176 9.17 -18.98 -24.28
CA SER D 176 9.18 -20.22 -23.48
C SER D 176 10.26 -21.18 -23.97
N ALA D 177 10.61 -21.13 -25.26
CA ALA D 177 11.72 -21.94 -25.75
C ALA D 177 13.04 -21.48 -25.13
N SER D 178 13.22 -20.17 -24.99
CA SER D 178 14.47 -19.69 -24.41
C SER D 178 14.55 -20.02 -22.92
N LYS D 179 13.42 -20.02 -22.19
CA LYS D 179 13.47 -20.44 -20.79
C LYS D 179 13.70 -21.95 -20.67
N ALA D 180 13.03 -22.73 -21.51
CA ALA D 180 13.29 -24.16 -21.49
C ALA D 180 14.77 -24.45 -21.73
N ALA D 181 15.37 -23.75 -22.71
CA ALA D 181 16.81 -23.85 -22.96
C ALA D 181 17.62 -23.61 -21.69
N SER D 182 17.29 -22.53 -20.96
CA SER D 182 18.06 -22.22 -19.76
C SER D 182 17.90 -23.31 -18.71
N ASP D 183 16.69 -23.88 -18.61
CA ASP D 183 16.47 -25.03 -17.71
C ASP D 183 17.43 -26.16 -18.05
N HIS D 184 17.51 -26.49 -19.34
CA HIS D 184 18.37 -27.58 -19.77
C HIS D 184 19.82 -27.32 -19.41
N LEU D 185 20.30 -26.11 -19.68
CA LEU D 185 21.69 -25.78 -19.36
C LEU D 185 21.99 -25.99 -17.88
N VAL D 186 21.09 -25.52 -17.00
CA VAL D 186 21.32 -25.68 -15.57
C VAL D 186 21.41 -27.16 -15.20
N ARG D 187 20.45 -27.97 -15.65
CA ARG D 187 20.48 -29.38 -15.29
C ARG D 187 21.69 -30.08 -15.90
N ALA D 188 22.07 -29.72 -17.11
CA ALA D 188 23.22 -30.36 -17.74
C ALA D 188 24.53 -29.99 -17.04
N TYR D 189 24.66 -28.74 -16.61
CA TYR D 189 25.85 -28.39 -15.82
C TYR D 189 25.86 -29.11 -14.49
N GLY D 190 24.68 -29.32 -13.90
CA GLY D 190 24.63 -30.12 -12.68
C GLY D 190 25.08 -31.55 -12.91
N ASN D 191 24.59 -32.17 -13.98
CA ASN D 191 24.97 -33.55 -14.28
C ASN D 191 26.42 -33.67 -14.68
N THR D 192 26.91 -32.73 -15.47
CA THR D 192 28.22 -32.90 -16.10
C THR D 192 29.36 -32.45 -15.18
N TYR D 193 29.12 -31.44 -14.36
CA TYR D 193 30.16 -30.86 -13.53
C TYR D 193 29.92 -31.04 -12.04
N GLY D 194 28.79 -31.62 -11.66
CA GLY D 194 28.46 -31.76 -10.24
C GLY D 194 28.04 -30.46 -9.60
N MET D 195 27.55 -29.50 -10.39
CA MET D 195 27.16 -28.21 -9.84
C MET D 195 25.81 -28.37 -9.14
N PRO D 196 25.70 -28.03 -7.86
CA PRO D 196 24.42 -28.19 -7.17
C PRO D 196 23.42 -27.18 -7.71
N PHE D 197 22.22 -27.66 -8.00
CA PHE D 197 21.22 -26.82 -8.63
C PHE D 197 19.84 -27.22 -8.14
N ILE D 198 18.90 -26.28 -8.30
CA ILE D 198 17.48 -26.56 -8.18
C ILE D 198 16.80 -25.78 -9.30
N VAL D 199 15.74 -26.34 -9.87
CA VAL D 199 14.91 -25.63 -10.84
C VAL D 199 13.49 -25.55 -10.29
N SER D 200 12.86 -24.38 -10.41
CA SER D 200 11.42 -24.34 -10.18
C SER D 200 10.74 -23.64 -11.34
N ASN D 201 9.51 -24.08 -11.63
CA ASN D 201 8.68 -23.54 -12.71
C ASN D 201 7.36 -23.09 -12.12
N CYS D 202 7.01 -21.82 -12.31
CA CYS D 202 5.83 -21.29 -11.65
C CYS D 202 4.78 -20.85 -12.65
N SER D 203 3.54 -20.73 -12.16
CA SER D 203 2.47 -20.18 -12.96
C SER D 203 2.62 -18.66 -13.03
N ASN D 204 1.66 -18.01 -13.67
CA ASN D 204 1.66 -16.56 -13.80
C ASN D 204 1.58 -15.91 -12.42
N ASN D 205 2.47 -14.95 -12.17
CA ASN D 205 2.45 -14.20 -10.92
C ASN D 205 1.61 -12.94 -11.05
N TYR D 206 1.12 -12.46 -9.90
CA TYR D 206 0.42 -11.18 -9.80
C TYR D 206 0.68 -10.62 -8.42
N GLY D 207 0.37 -9.35 -8.22
CA GLY D 207 0.51 -8.75 -6.93
C GLY D 207 1.28 -7.43 -6.95
N PRO D 208 1.74 -6.98 -5.77
CA PRO D 208 2.43 -5.68 -5.69
C PRO D 208 3.64 -5.60 -6.62
N ASN D 209 3.84 -4.40 -7.19
CA ASN D 209 4.98 -4.02 -8.02
C ASN D 209 4.92 -4.63 -9.42
N HIS D 210 3.73 -5.04 -9.86
CA HIS D 210 3.52 -5.55 -11.20
C HIS D 210 3.31 -4.37 -12.15
N PHE D 211 3.97 -4.40 -13.31
CA PHE D 211 3.97 -3.24 -14.19
C PHE D 211 2.58 -2.91 -14.70
N PRO D 212 2.29 -1.63 -14.97
CA PRO D 212 0.90 -1.23 -15.19
C PRO D 212 0.28 -1.82 -16.45
N GLU D 213 1.06 -2.23 -17.43
CA GLU D 213 0.46 -2.73 -18.65
C GLU D 213 0.29 -4.24 -18.64
N LYS D 214 0.60 -4.90 -17.52
CA LYS D 214 0.31 -6.32 -17.41
C LYS D 214 -1.19 -6.54 -17.27
N LEU D 215 -1.60 -7.80 -17.42
CA LEU D 215 -3.01 -8.13 -17.53
C LEU D 215 -3.81 -7.55 -16.37
N ILE D 216 -3.48 -7.95 -15.14
CA ILE D 216 -4.30 -7.58 -13.98
C ILE D 216 -4.21 -6.08 -13.68
N PRO D 217 -3.02 -5.45 -13.68
CA PRO D 217 -3.00 -3.99 -13.48
C PRO D 217 -3.74 -3.21 -14.55
N LEU D 218 -3.68 -3.66 -15.81
CA LEU D 218 -4.37 -2.95 -16.88
C LEU D 218 -5.88 -3.11 -16.75
N CYS D 219 -6.34 -4.28 -16.33
CA CYS D 219 -7.77 -4.46 -16.08
CA CYS D 219 -7.76 -4.46 -16.06
C CYS D 219 -8.24 -3.52 -14.97
N ILE D 220 -7.44 -3.39 -13.90
CA ILE D 220 -7.77 -2.51 -12.79
C ILE D 220 -7.85 -1.06 -13.26
N SER D 221 -6.84 -0.62 -14.02
CA SER D 221 -6.85 0.75 -14.53
C SER D 221 -8.04 0.98 -15.45
N ASN D 222 -8.34 0.03 -16.33
CA ASN D 222 -9.47 0.19 -17.23
C ASN D 222 -10.79 0.30 -16.49
N ILE D 223 -10.94 -0.46 -15.40
CA ILE D 223 -12.17 -0.37 -14.61
C ILE D 223 -12.27 0.99 -13.92
N LEU D 224 -11.17 1.45 -13.32
CA LEU D 224 -11.17 2.76 -12.67
C LEU D 224 -11.39 3.88 -13.68
N ASN D 225 -10.87 3.71 -14.90
CA ASN D 225 -10.96 4.73 -15.93
C ASN D 225 -12.13 4.51 -16.88
N GLU D 226 -12.99 3.54 -16.59
CA GLU D 226 -14.21 3.27 -17.37
C GLU D 226 -13.89 3.05 -18.85
N LYS D 227 -12.75 2.41 -19.11
CA LYS D 227 -12.25 1.97 -20.39
C LYS D 227 -12.81 0.58 -20.71
N PRO D 228 -12.98 0.25 -21.99
CA PRO D 228 -13.56 -1.05 -22.33
C PRO D 228 -12.66 -2.20 -21.90
N LEU D 229 -13.29 -3.31 -21.55
CA LEU D 229 -12.59 -4.51 -21.10
C LEU D 229 -12.66 -5.57 -22.19
N PRO D 230 -11.64 -5.71 -23.04
CA PRO D 230 -11.75 -6.64 -24.18
C PRO D 230 -11.65 -8.08 -23.71
N ILE D 231 -12.58 -8.90 -24.19
CA ILE D 231 -12.64 -10.33 -23.88
C ILE D 231 -12.57 -11.09 -25.20
N TYR D 232 -11.53 -11.89 -25.38
CA TYR D 232 -11.27 -12.58 -26.64
C TYR D 232 -12.04 -13.90 -26.67
N GLY D 233 -12.75 -14.12 -27.76
CA GLY D 233 -13.58 -15.32 -27.88
C GLY D 233 -14.65 -15.34 -26.82
N ASP D 234 -14.67 -16.40 -26.03
CA ASP D 234 -15.58 -16.51 -24.90
C ASP D 234 -14.93 -16.11 -23.58
N GLY D 235 -13.63 -15.82 -23.59
CA GLY D 235 -12.92 -15.60 -22.35
C GLY D 235 -12.51 -16.86 -21.63
N LYS D 236 -12.42 -17.99 -22.34
CA LYS D 236 -12.12 -19.28 -21.74
C LYS D 236 -10.63 -19.53 -21.55
N TYR D 237 -9.77 -18.65 -22.05
CA TYR D 237 -8.35 -18.73 -21.77
C TYR D 237 -8.12 -18.84 -20.26
N THR D 238 -7.30 -19.81 -19.86
CA THR D 238 -7.25 -20.24 -18.47
C THR D 238 -5.82 -20.32 -17.97
N ARG D 239 -5.53 -19.64 -16.87
CA ARG D 239 -4.25 -19.68 -16.19
C ARG D 239 -4.45 -19.97 -14.72
N ASP D 240 -3.47 -20.65 -14.13
CA ASP D 240 -3.30 -20.70 -12.68
C ASP D 240 -2.60 -19.43 -12.24
N TRP D 241 -3.08 -18.79 -11.17
CA TRP D 241 -2.55 -17.50 -10.73
C TRP D 241 -1.89 -17.60 -9.37
N LEU D 242 -0.62 -17.22 -9.30
CA LEU D 242 0.22 -17.36 -8.11
C LEU D 242 0.54 -15.97 -7.53
N TYR D 243 0.24 -15.76 -6.26
CA TYR D 243 0.56 -14.49 -5.62
C TYR D 243 2.08 -14.33 -5.50
N VAL D 244 2.61 -13.20 -5.95
CA VAL D 244 4.05 -13.07 -6.09
C VAL D 244 4.76 -13.25 -4.74
N ILE D 245 4.11 -12.83 -3.65
CA ILE D 245 4.72 -13.00 -2.33
C ILE D 245 4.78 -14.49 -1.97
N ASP D 246 3.77 -15.26 -2.37
CA ASP D 246 3.82 -16.71 -2.17
C ASP D 246 4.94 -17.34 -2.98
N HIS D 247 5.17 -16.86 -4.20
CA HIS D 247 6.26 -17.37 -5.03
C HIS D 247 7.60 -17.13 -4.34
N ALA D 248 7.85 -15.90 -3.89
CA ALA D 248 9.10 -15.59 -3.22
C ALA D 248 9.30 -16.46 -1.98
N ARG D 249 8.23 -16.67 -1.20
CA ARG D 249 8.34 -17.52 -0.03
C ARG D 249 8.67 -18.97 -0.41
N ALA D 250 8.05 -19.48 -1.49
CA ALA D 250 8.36 -20.82 -1.97
C ALA D 250 9.81 -20.95 -2.41
N ILE D 251 10.31 -19.97 -3.17
CA ILE D 251 11.72 -20.01 -3.59
C ILE D 251 12.63 -20.13 -2.39
N HIS D 252 12.44 -19.27 -1.38
CA HIS D 252 13.32 -19.29 -0.22
C HIS D 252 13.25 -20.60 0.53
N GLN D 253 12.04 -21.17 0.67
CA GLN D 253 11.92 -22.44 1.38
C GLN D 253 12.56 -23.57 0.59
N ILE D 254 12.29 -23.64 -0.71
CA ILE D 254 12.91 -24.65 -1.56
C ILE D 254 14.44 -24.52 -1.52
N PHE D 255 14.93 -23.28 -1.67
CA PHE D 255 16.37 -23.00 -1.61
C PHE D 255 16.98 -23.61 -0.35
N ASN D 256 16.25 -23.57 0.77
CA ASN D 256 16.81 -24.04 2.02
C ASN D 256 16.54 -25.52 2.29
N GLU D 257 15.43 -26.07 1.77
CA GLU D 257 14.95 -27.34 2.24
C GLU D 257 14.95 -28.45 1.20
N ALA D 258 14.95 -28.13 -0.09
CA ALA D 258 14.85 -29.15 -1.11
C ALA D 258 16.16 -29.92 -1.25
N LYS D 259 16.03 -31.18 -1.66
CA LYS D 259 17.18 -32.00 -2.02
C LYS D 259 17.82 -31.45 -3.30
N THR D 260 19.16 -31.48 -3.33
CA THR D 260 19.88 -30.97 -4.49
C THR D 260 19.45 -31.71 -5.75
N GLY D 261 19.25 -30.94 -6.83
CA GLY D 261 18.87 -31.50 -8.11
C GLY D 261 17.38 -31.61 -8.35
N GLU D 262 16.55 -31.24 -7.39
CA GLU D 262 15.11 -31.40 -7.56
C GLU D 262 14.53 -30.31 -8.44
N THR D 263 13.39 -30.62 -9.06
CA THR D 263 12.54 -29.65 -9.73
C THR D 263 11.22 -29.55 -8.98
N TYR D 264 10.71 -28.33 -8.83
CA TYR D 264 9.40 -28.11 -8.20
C TYR D 264 8.56 -27.16 -9.04
N ASN D 265 7.31 -27.55 -9.34
CA ASN D 265 6.35 -26.60 -9.85
C ASN D 265 5.80 -25.79 -8.69
N ILE D 266 5.52 -24.51 -8.94
CA ILE D 266 4.92 -23.62 -7.95
C ILE D 266 3.70 -22.96 -8.56
N GLY D 267 2.56 -23.03 -7.87
CA GLY D 267 1.35 -22.44 -8.41
C GLY D 267 0.39 -22.04 -7.31
N GLY D 268 -0.66 -21.31 -7.72
CA GLY D 268 -1.62 -20.77 -6.77
C GLY D 268 -2.73 -21.70 -6.34
N PHE D 269 -2.72 -22.95 -6.82
CA PHE D 269 -3.75 -23.95 -6.54
C PHE D 269 -5.13 -23.46 -7.00
N ASN D 270 -5.21 -23.08 -8.27
CA ASN D 270 -6.44 -22.54 -8.82
C ASN D 270 -6.32 -22.55 -10.35
N GLU D 271 -7.42 -22.26 -11.01
CA GLU D 271 -7.36 -21.88 -12.41
C GLU D 271 -8.57 -21.00 -12.69
N TRP D 272 -8.35 -19.98 -13.52
CA TRP D 272 -9.33 -18.94 -13.76
C TRP D 272 -9.39 -18.62 -15.24
N GLN D 273 -10.59 -18.61 -15.79
CA GLN D 273 -10.79 -18.06 -17.11
C GLN D 273 -10.72 -16.54 -17.07
N ASN D 274 -10.25 -15.94 -18.16
CA ASN D 274 -10.05 -14.49 -18.18
C ASN D 274 -11.36 -13.75 -17.95
N ILE D 275 -12.48 -14.27 -18.48
CA ILE D 275 -13.76 -13.62 -18.25
C ILE D 275 -14.13 -13.65 -16.78
N ASP D 276 -13.75 -14.72 -16.07
CA ASP D 276 -14.05 -14.80 -14.64
C ASP D 276 -13.11 -13.91 -13.83
N LEU D 277 -11.84 -13.84 -14.23
CA LEU D 277 -10.93 -12.90 -13.60
C LEU D 277 -11.45 -11.46 -13.73
N VAL D 278 -11.96 -11.10 -14.91
CA VAL D 278 -12.44 -9.74 -15.12
C VAL D 278 -13.69 -9.48 -14.28
N LYS D 279 -14.65 -10.41 -14.32
CA LYS D 279 -15.85 -10.24 -13.50
C LYS D 279 -15.52 -10.10 -12.03
N GLU D 280 -14.48 -10.81 -11.58
CA GLU D 280 -14.12 -10.75 -10.17
C GLU D 280 -13.47 -9.41 -9.82
N LEU D 281 -12.62 -8.89 -10.70
CA LEU D 281 -12.03 -7.57 -10.46
C LEU D 281 -13.10 -6.49 -10.44
N ILE D 282 -14.09 -6.61 -11.33
CA ILE D 282 -15.20 -5.65 -11.36
C ILE D 282 -15.94 -5.65 -10.04
N LYS D 283 -16.30 -6.84 -9.54
CA LYS D 283 -17.06 -6.94 -8.30
C LYS D 283 -16.30 -6.37 -7.11
N GLN D 284 -14.97 -6.52 -7.10
CA GLN D 284 -14.19 -5.99 -5.98
C GLN D 284 -13.98 -4.49 -6.11
N LEU D 285 -13.62 -4.01 -7.31
CA LEU D 285 -13.43 -2.58 -7.51
C LEU D 285 -14.74 -1.80 -7.45
N ASP D 286 -15.88 -2.48 -7.61
CA ASP D 286 -17.16 -1.80 -7.40
C ASP D 286 -17.47 -1.67 -5.91
N ALA D 287 -17.14 -2.69 -5.12
CA ALA D 287 -17.33 -2.61 -3.67
C ALA D 287 -16.47 -1.51 -3.06
N LYS D 288 -15.16 -1.53 -3.36
CA LYS D 288 -14.37 -0.33 -3.13
C LYS D 288 -14.86 0.78 -4.05
N LEU D 289 -14.54 2.02 -3.68
CA LEU D 289 -14.99 3.20 -4.42
C LEU D 289 -16.51 3.33 -4.41
N GLY D 290 -17.19 2.43 -3.69
CA GLY D 290 -18.59 2.59 -3.37
C GLY D 290 -19.58 2.53 -4.51
N LYS D 291 -19.17 2.07 -5.70
CA LYS D 291 -20.08 1.99 -6.82
C LYS D 291 -21.18 0.96 -6.56
N PRO D 292 -22.33 1.09 -7.22
CA PRO D 292 -23.38 0.08 -7.07
C PRO D 292 -22.99 -1.23 -7.74
N GLU D 293 -23.64 -2.30 -7.31
CA GLU D 293 -23.28 -3.63 -7.80
C GLU D 293 -23.54 -3.73 -9.30
N GLY D 294 -22.52 -4.18 -10.03
CA GLY D 294 -22.60 -4.30 -11.47
C GLY D 294 -22.27 -3.05 -12.24
N HIS D 295 -21.84 -1.98 -11.57
CA HIS D 295 -21.63 -0.69 -12.22
C HIS D 295 -20.62 -0.78 -13.36
N SER D 296 -19.59 -1.61 -13.21
CA SER D 296 -18.54 -1.72 -14.21
C SER D 296 -18.73 -2.91 -15.14
N GLU D 297 -19.86 -3.62 -15.04
CA GLU D 297 -20.09 -4.73 -15.95
C GLU D 297 -20.25 -4.25 -17.39
N LYS D 298 -20.73 -3.02 -17.58
CA LYS D 298 -20.95 -2.49 -18.92
C LYS D 298 -19.64 -2.37 -19.71
N LEU D 299 -18.49 -2.39 -19.03
CA LEU D 299 -17.22 -2.18 -19.70
C LEU D 299 -16.78 -3.39 -20.54
N ILE D 300 -17.27 -4.58 -20.22
CA ILE D 300 -16.84 -5.80 -20.91
C ILE D 300 -17.25 -5.73 -22.38
N THR D 301 -16.28 -5.91 -23.27
CA THR D 301 -16.51 -5.88 -24.70
C THR D 301 -15.97 -7.16 -25.31
N PHE D 302 -16.84 -7.93 -25.95
CA PHE D 302 -16.45 -9.21 -26.53
C PHE D 302 -15.93 -9.00 -27.96
N VAL D 303 -14.74 -9.54 -28.23
CA VAL D 303 -14.06 -9.35 -29.50
C VAL D 303 -13.76 -10.73 -30.11
N LYS D 304 -13.27 -10.71 -31.35
CA LYS D 304 -13.02 -11.95 -32.07
C LYS D 304 -11.96 -12.80 -31.36
N ASP D 305 -12.14 -14.11 -31.40
CA ASP D 305 -11.23 -15.03 -30.72
C ASP D 305 -9.88 -15.03 -31.39
N ARG D 306 -8.82 -15.18 -30.58
CA ARG D 306 -7.49 -15.30 -31.13
C ARG D 306 -7.16 -16.77 -31.37
N PRO D 307 -6.40 -17.09 -32.42
CA PRO D 307 -6.08 -18.48 -32.70
C PRO D 307 -5.33 -19.12 -31.55
N GLY D 308 -5.75 -20.34 -31.20
CA GLY D 308 -5.11 -21.09 -30.14
C GLY D 308 -5.25 -20.48 -28.75
N HIS D 309 -5.93 -19.33 -28.67
CA HIS D 309 -6.09 -18.63 -27.41
C HIS D 309 -7.17 -19.27 -26.52
N ASP D 310 -7.74 -20.40 -26.93
CA ASP D 310 -8.53 -21.24 -26.04
C ASP D 310 -7.69 -22.32 -25.38
N LYS D 311 -6.44 -21.98 -25.04
CA LYS D 311 -5.49 -22.90 -24.44
C LYS D 311 -5.51 -22.76 -22.92
N ARG D 312 -5.04 -23.82 -22.25
CA ARG D 312 -5.15 -23.94 -20.81
C ARG D 312 -3.76 -24.14 -20.22
N TYR D 313 -3.46 -23.42 -19.14
CA TYR D 313 -2.16 -23.48 -18.49
C TYR D 313 -2.44 -23.65 -17.00
N ALA D 314 -2.25 -24.85 -16.50
CA ALA D 314 -2.62 -25.17 -15.11
C ALA D 314 -1.52 -26.01 -14.48
N ILE D 315 -0.95 -25.50 -13.42
CA ILE D 315 0.14 -26.18 -12.74
C ILE D 315 -0.42 -27.04 -11.62
N ASP D 316 0.19 -28.20 -11.44
CA ASP D 316 -0.04 -29.10 -10.32
C ASP D 316 1.16 -28.96 -9.40
N ALA D 317 0.95 -28.33 -8.24
CA ALA D 317 2.04 -28.03 -7.30
C ALA D 317 2.00 -28.92 -6.06
N THR D 318 1.45 -30.13 -6.18
CA THR D 318 1.28 -30.97 -5.00
C THR D 318 2.58 -31.64 -4.58
N LYS D 319 3.53 -31.85 -5.49
CA LYS D 319 4.83 -32.39 -5.06
C LYS D 319 5.50 -31.45 -4.07
N LEU D 320 5.48 -30.15 -4.35
CA LEU D 320 6.04 -29.18 -3.43
C LEU D 320 5.32 -29.23 -2.09
N ASN D 321 3.99 -29.27 -2.10
CA ASN D 321 3.25 -29.31 -0.85
C ASN D 321 3.50 -30.62 -0.10
N LYS D 322 3.62 -31.73 -0.83
CA LYS D 322 3.90 -33.00 -0.16
C LYS D 322 5.31 -33.01 0.43
N ASP D 323 6.30 -32.58 -0.36
CA ASP D 323 7.69 -32.68 0.05
C ASP D 323 8.01 -31.72 1.19
N LEU D 324 7.57 -30.47 1.07
CA LEU D 324 7.98 -29.40 1.97
C LEU D 324 6.86 -28.78 2.78
N GLY D 325 5.60 -29.14 2.51
CA GLY D 325 4.49 -28.54 3.24
C GLY D 325 4.13 -27.13 2.84
N TRP D 326 4.68 -26.62 1.75
CA TRP D 326 4.38 -25.27 1.31
C TRP D 326 2.95 -25.18 0.78
N LYS D 327 2.28 -24.08 1.09
CA LYS D 327 0.96 -23.78 0.56
C LYS D 327 0.85 -22.29 0.31
N PRO D 328 0.01 -21.87 -0.64
CA PRO D 328 -0.28 -20.44 -0.77
C PRO D 328 -0.86 -19.87 0.51
N SER D 329 -0.59 -18.59 0.73
CA SER D 329 -1.13 -17.89 1.89
C SER D 329 -2.46 -17.21 1.60
N VAL D 330 -2.85 -17.12 0.33
CA VAL D 330 -4.07 -16.45 -0.08
C VAL D 330 -4.77 -17.28 -1.14
N THR D 331 -6.08 -17.10 -1.25
CA THR D 331 -6.79 -17.51 -2.45
C THR D 331 -6.67 -16.40 -3.50
N PHE D 332 -7.05 -16.72 -4.74
CA PHE D 332 -6.95 -15.71 -5.79
C PHE D 332 -7.80 -14.49 -5.46
N GLU D 333 -9.06 -14.71 -5.08
CA GLU D 333 -9.93 -13.60 -4.68
C GLU D 333 -9.28 -12.77 -3.58
N GLU D 334 -8.73 -13.45 -2.57
CA GLU D 334 -8.04 -12.76 -1.49
C GLU D 334 -6.73 -12.13 -1.97
N GLY D 335 -6.06 -12.75 -2.94
CA GLY D 335 -4.87 -12.15 -3.50
C GLY D 335 -5.17 -10.92 -4.34
N LEU D 336 -6.28 -10.96 -5.09
CA LEU D 336 -6.69 -9.80 -5.86
C LEU D 336 -7.08 -8.64 -4.94
N ALA D 337 -7.70 -8.95 -3.81
CA ALA D 337 -8.03 -7.90 -2.85
C ALA D 337 -6.77 -7.18 -2.37
N LYS D 338 -5.73 -7.94 -2.00
CA LYS D 338 -4.48 -7.33 -1.58
C LYS D 338 -3.82 -6.55 -2.71
N THR D 339 -3.95 -7.06 -3.94
CA THR D 339 -3.38 -6.41 -5.10
C THR D 339 -4.13 -5.12 -5.44
N ILE D 340 -5.46 -5.16 -5.38
CA ILE D 340 -6.25 -3.93 -5.56
C ILE D 340 -5.87 -2.89 -4.51
N ASP D 341 -5.81 -3.30 -3.24
CA ASP D 341 -5.40 -2.36 -2.19
C ASP D 341 -4.03 -1.77 -2.47
N TRP D 342 -3.08 -2.60 -2.92
CA TRP D 342 -1.73 -2.10 -3.20
C TRP D 342 -1.75 -1.10 -4.36
N TYR D 343 -2.47 -1.42 -5.43
CA TYR D 343 -2.60 -0.51 -6.56
C TYR D 343 -3.17 0.83 -6.11
N LEU D 344 -4.28 0.79 -5.39
CA LEU D 344 -4.92 2.02 -4.93
C LEU D 344 -4.04 2.77 -3.94
N ASP D 345 -3.16 2.06 -3.23
CA ASP D 345 -2.25 2.68 -2.27
C ASP D 345 -0.98 3.23 -2.91
N ASN D 346 -0.70 2.91 -4.18
CA ASN D 346 0.58 3.26 -4.76
C ASN D 346 0.42 3.95 -6.10
N LYS D 347 -0.45 4.97 -6.14
CA LYS D 347 -0.63 5.69 -7.40
C LYS D 347 0.68 6.34 -7.86
N GLU D 348 1.54 6.73 -6.93
CA GLU D 348 2.83 7.32 -7.28
C GLU D 348 3.75 6.29 -7.94
N TRP D 349 3.85 5.09 -7.36
CA TRP D 349 4.65 4.06 -8.01
C TRP D 349 4.15 3.81 -9.43
N LEU D 350 2.83 3.76 -9.62
CA LEU D 350 2.27 3.54 -10.95
C LEU D 350 2.59 4.69 -11.89
N GLU D 351 2.37 5.92 -11.43
CA GLU D 351 2.69 7.09 -12.25
C GLU D 351 4.18 7.14 -12.60
N ASN D 352 5.04 6.71 -11.67
CA ASN D 352 6.48 6.72 -11.95
C ASN D 352 6.86 5.72 -13.04
N VAL D 353 6.18 4.57 -13.12
CA VAL D 353 6.42 3.66 -14.24
C VAL D 353 5.88 4.23 -15.53
N THR D 354 4.63 4.74 -15.51
CA THR D 354 4.00 5.21 -16.73
C THR D 354 4.76 6.40 -17.33
N SER D 355 5.27 7.29 -16.49
CA SER D 355 6.01 8.46 -16.94
C SER D 355 7.43 8.13 -17.39
N GLY D 356 7.97 6.98 -17.00
CA GLY D 356 9.35 6.65 -17.25
C GLY D 356 10.31 7.09 -16.16
N ASP D 357 9.84 7.84 -15.17
CA ASP D 357 10.72 8.36 -14.12
C ASP D 357 11.36 7.26 -13.30
N TYR D 358 10.72 6.08 -13.22
CA TYR D 358 11.29 4.97 -12.46
C TYR D 358 12.71 4.65 -12.93
N GLN D 359 13.00 4.91 -14.22
CA GLN D 359 14.30 4.56 -14.78
C GLN D 359 15.42 5.49 -14.33
N LYS D 360 15.10 6.57 -13.64
CA LYS D 360 16.09 7.51 -13.13
C LYS D 360 16.55 7.17 -11.72
N TYR D 361 16.02 6.09 -11.13
CA TYR D 361 16.25 5.83 -9.72
C TYR D 361 17.74 5.60 -9.42
N TYR D 362 18.38 4.72 -10.21
CA TYR D 362 19.80 4.41 -9.99
C TYR D 362 20.64 5.67 -10.01
N GLU D 363 20.44 6.52 -11.03
CA GLU D 363 21.27 7.71 -11.16
C GLU D 363 20.99 8.72 -10.05
N ASN D 364 19.81 8.64 -9.42
CA ASN D 364 19.43 9.59 -8.39
C ASN D 364 19.54 9.02 -6.98
N GLN D 365 20.10 7.82 -6.82
CA GLN D 365 20.06 7.14 -5.54
C GLN D 365 20.83 7.85 -4.43
N TYR D 366 21.79 8.72 -4.77
CA TYR D 366 22.57 9.45 -3.77
C TYR D 366 21.98 10.81 -3.43
N SER D 367 20.85 11.19 -4.00
CA SER D 367 20.35 12.55 -3.85
C SER D 367 19.29 12.68 -2.76
C1 EDO E . 0.65 16.73 14.58
O1 EDO E . -0.55 16.87 15.34
C2 EDO E . 1.75 17.61 15.19
O2 EDO E . 1.91 17.27 16.59
PA NAD F . -2.99 17.77 12.93
O1A NAD F . -2.30 18.39 14.08
O2A NAD F . -2.30 16.59 12.29
O5B NAD F . -3.37 18.76 11.74
C5B NAD F . -3.96 20.04 12.03
C4B NAD F . -3.85 20.87 10.77
O4B NAD F . -4.45 22.15 11.02
C3B NAD F . -2.40 21.14 10.31
O3B NAD F . -2.27 20.93 8.91
C2B NAD F . -2.19 22.61 10.70
O2B NAD F . -1.31 23.31 9.83
C1B NAD F . -3.61 23.16 10.55
N9A NAD F . -3.87 24.37 11.31
C8A NAD F . -3.57 24.58 12.64
N7A NAD F . -3.89 25.78 13.07
C5A NAD F . -4.42 26.40 11.94
C6A NAD F . -4.95 27.68 11.74
N6A NAD F . -4.95 28.64 12.67
N1A NAD F . -5.46 27.97 10.52
C2A NAD F . -5.41 27.03 9.57
N3A NAD F . -4.90 25.80 9.64
C4A NAD F . -4.42 25.54 10.86
O3 NAD F . -4.43 17.31 13.43
PN NAD F . -5.19 15.92 13.31
O1N NAD F . -4.57 14.97 14.29
O2N NAD F . -5.29 15.55 11.88
O5D NAD F . -6.62 16.30 13.85
C5D NAD F . -7.57 16.89 12.94
C4D NAD F . -8.88 17.08 13.66
O4D NAD F . -9.35 15.82 14.20
C3D NAD F . -8.83 18.06 14.84
O3D NAD F . -9.98 18.90 14.83
C2D NAD F . -8.82 17.15 16.06
O2D NAD F . -9.49 17.77 17.18
C1D NAD F . -9.66 15.99 15.56
N1N NAD F . -9.33 14.70 16.30
C2N NAD F . -8.10 14.18 16.12
C3N NAD F . -7.74 13.01 16.77
C7N NAD F . -6.43 12.34 16.55
O7N NAD F . -5.55 12.88 15.81
N7N NAD F . -6.20 11.21 17.20
C4N NAD F . -8.66 12.41 17.62
C5N NAD F . -9.92 12.97 17.80
C6N NAD F . -10.24 14.12 17.12
C1 EDO G . -19.52 15.71 -1.39
O1 EDO G . -19.46 14.28 -1.36
C2 EDO G . -20.87 16.13 -1.98
O2 EDO G . -21.93 15.70 -1.11
C1 EDO H . 2.75 5.43 10.59
O1 EDO H . 1.79 5.80 11.59
C2 EDO H . 3.82 6.51 10.44
O2 EDO H . 3.18 7.73 10.01
CL CL I . 1.21 2.93 29.30
C1 EDO J . 34.09 -33.87 -36.28
O1 EDO J . 32.79 -33.71 -35.70
C2 EDO J . 35.12 -33.12 -35.44
O2 EDO J . 35.14 -33.67 -34.11
PA NAD K . 30.29 -32.41 -37.95
O1A NAD K . 31.00 -32.00 -36.72
O2A NAD K . 30.94 -33.54 -38.70
O5B NAD K . 30.00 -31.28 -38.99
C5B NAD K . 29.44 -30.03 -38.56
C4B NAD K . 29.56 -29.07 -39.72
O4B NAD K . 29.03 -27.79 -39.30
C3B NAD K . 31.01 -28.83 -40.18
O3B NAD K . 31.19 -28.93 -41.59
C2B NAD K . 31.32 -27.44 -39.61
O2B NAD K . 32.23 -26.70 -40.42
C1B NAD K . 29.95 -26.78 -39.67
N9A NAD K . 29.78 -25.67 -38.75
C8A NAD K . 30.09 -25.63 -37.42
N7A NAD K . 29.85 -24.47 -36.85
C5A NAD K . 29.34 -23.70 -37.89
C6A NAD K . 28.88 -22.37 -37.94
N6A NAD K . 28.93 -21.53 -36.91
N1A NAD K . 28.37 -21.93 -39.12
C2A NAD K . 28.36 -22.76 -40.16
N3A NAD K . 28.82 -24.01 -40.25
C4A NAD K . 29.29 -24.42 -39.06
O3 NAD K . 28.81 -32.85 -37.51
PN NAD K . 28.02 -34.22 -37.72
O1N NAD K . 28.63 -35.24 -36.86
O2N NAD K . 27.91 -34.44 -39.18
O5D NAD K . 26.59 -33.83 -37.14
C5D NAD K . 25.66 -33.10 -37.97
C4D NAD K . 24.38 -32.89 -37.21
O4D NAD K . 23.85 -34.17 -36.79
C3D NAD K . 24.50 -32.04 -35.93
O3D NAD K . 23.40 -31.13 -35.85
C2D NAD K . 24.47 -33.07 -34.82
O2D NAD K . 23.85 -32.60 -33.62
C1D NAD K . 23.58 -34.15 -35.42
N1N NAD K . 23.86 -35.54 -34.83
C2N NAD K . 25.04 -36.12 -35.11
C3N NAD K . 25.34 -37.37 -34.59
C7N NAD K . 26.62 -38.09 -34.89
O7N NAD K . 27.52 -37.52 -35.58
N7N NAD K . 26.77 -39.28 -34.36
C4N NAD K . 24.40 -37.98 -33.75
C5N NAD K . 23.20 -37.35 -33.49
C6N NAD K . 22.94 -36.12 -34.05
C1 EDO L . 13.70 -32.21 -52.26
O1 EDO L . 13.56 -33.63 -52.43
C2 EDO L . 12.42 -31.50 -52.68
O2 EDO L . 11.30 -31.99 -51.95
C1 EDO M . 35.51 -44.73 -41.60
O1 EDO M . 34.48 -44.48 -40.62
C2 EDO M . 36.57 -43.63 -41.54
O2 EDO M . 35.99 -42.41 -42.02
CL CL N . 34.04 -48.94 -23.24
MG MG O . -32.62 17.14 43.83
C1 EDO P . -27.09 44.97 31.11
O1 EDO P . -26.61 43.67 30.73
C2 EDO P . -26.93 45.95 29.95
O2 EDO P . -27.30 45.32 28.72
PA NAD Q . -24.11 42.74 33.07
O1A NAD Q . -24.37 42.88 31.62
O2A NAD Q . -25.14 43.52 33.90
O5B NAD Q . -22.67 43.16 33.62
C5B NAD Q . -21.46 42.61 33.07
C4B NAD Q . -20.34 43.47 33.61
O4B NAD Q . -19.07 43.01 33.09
C3B NAD Q . -20.45 44.96 33.27
O3B NAD Q . -20.19 45.74 34.43
C2B NAD Q . -19.36 45.15 32.18
O2B NAD Q . -18.75 46.43 32.19
C1B NAD Q . -18.34 44.10 32.60
N9A NAD Q . -17.53 43.64 31.49
C8A NAD Q . -17.94 43.34 30.22
N7A NAD Q . -16.99 42.99 29.40
C5A NAD Q . -15.84 43.07 30.18
C6A NAD Q . -14.49 42.85 29.89
N6A NAD Q . -14.02 42.56 28.68
N1A NAD Q . -13.60 43.02 30.90
C2A NAD Q . -14.05 43.39 32.09
N3A NAD Q . -15.30 43.65 32.48
C4A NAD Q . -16.16 43.47 31.47
O3 NAD Q . -24.15 41.21 33.47
PN NAD Q . -25.12 40.42 34.48
O1N NAD Q . -26.47 40.39 33.91
O2N NAD Q . -24.89 40.95 35.85
O5D NAD Q . -24.47 38.98 34.43
C5D NAD Q . -23.36 38.69 35.30
C4D NAD Q . -22.96 37.24 35.10
O4D NAD Q . -24.07 36.39 35.45
C3D NAD Q . -22.54 36.86 33.68
O3D NAD Q . -21.44 35.97 33.73
C2D NAD Q . -23.79 36.14 33.14
O2D NAD Q . -23.44 35.11 32.21
C1D NAD Q . -24.34 35.50 34.40
N1N NAD Q . -25.84 35.25 34.36
C2N NAD Q . -26.66 36.31 34.29
C3N NAD Q . -28.03 36.14 34.25
C7N NAD Q . -28.99 37.29 34.19
O7N NAD Q . -28.56 38.45 34.14
N7N NAD Q . -30.28 37.01 34.16
C4N NAD Q . -28.53 34.85 34.26
C5N NAD Q . -27.67 33.77 34.30
C6N NAD Q . -26.31 33.99 34.37
C1 EDO R . -13.88 34.67 52.07
O1 EDO R . -14.16 33.28 52.32
C2 EDO R . -15.13 35.38 51.55
O2 EDO R . -16.20 35.16 52.47
C1 EDO S . -35.87 47.31 38.84
O1 EDO S . -35.69 46.03 38.18
C2 EDO S . -35.18 48.41 38.06
O2 EDO S . -33.76 48.18 38.12
CL CL T . -44.35 36.34 25.33
MG MG U . 23.43 0.75 3.54
C1 EDO V . 7.89 -6.12 -17.01
O1 EDO V . 8.25 -7.51 -17.11
C2 EDO V . 7.98 -5.42 -18.37
O2 EDO V . 7.15 -6.09 -19.35
PA NAD W . 10.68 -8.73 -14.85
O1A NAD W . 10.50 -8.44 -16.28
O2A NAD W . 9.69 -7.96 -13.93
O5B NAD W . 12.16 -8.44 -14.35
C5B NAD W . 13.32 -8.98 -15.01
C4B NAD W . 14.49 -8.31 -14.35
O4B NAD W . 15.71 -8.80 -14.95
C3B NAD W . 14.51 -6.78 -14.49
O3B NAD W . 14.81 -6.12 -13.25
C2B NAD W . 15.57 -6.54 -15.57
O2B NAD W . 16.26 -5.31 -15.36
C1B NAD W . 16.52 -7.70 -15.32
N9A NAD W . 17.31 -8.09 -16.48
C8A NAD W . 16.87 -8.29 -17.76
N7A NAD W . 17.81 -8.61 -18.62
C5A NAD W . 18.97 -8.61 -17.85
C6A NAD W . 20.31 -8.86 -18.15
N6A NAD W . 20.78 -9.08 -19.39
N1A NAD W . 21.20 -8.82 -17.13
C2A NAD W . 20.76 -8.55 -15.89
N3A NAD W . 19.52 -8.26 -15.49
C4A NAD W . 18.67 -8.32 -16.52
O3 NAD W . 10.47 -10.29 -14.63
PN NAD W . 9.56 -11.19 -13.68
O1N NAD W . 8.17 -11.17 -14.19
O2N NAD W . 9.85 -10.81 -12.28
O5D NAD W . 10.17 -12.64 -13.93
C5D NAD W . 11.25 -13.11 -13.09
C4D NAD W . 11.58 -14.52 -13.49
O4D NAD W . 10.43 -15.36 -13.28
C3D NAD W . 11.99 -14.73 -14.96
O3D NAD W . 13.00 -15.73 -15.06
C2D NAD W . 10.70 -15.24 -15.61
O2D NAD W . 11.03 -16.14 -16.67
C1D NAD W . 10.09 -16.04 -14.47
N1N NAD W . 8.57 -16.20 -14.53
C2N NAD W . 7.80 -15.09 -14.43
C3N NAD W . 6.43 -15.20 -14.42
C7N NAD W . 5.52 -14.02 -14.31
O7N NAD W . 6.00 -12.87 -14.26
N7N NAD W . 4.22 -14.25 -14.30
C4N NAD W . 5.87 -16.47 -14.55
C5N NAD W . 6.68 -17.58 -14.67
C6N NAD W . 8.05 -17.43 -14.64
C1 EDO X . 19.95 -18.77 2.51
O1 EDO X . 18.63 -18.86 3.09
C2 EDO X . 20.89 -19.75 3.18
O2 EDO X . 20.32 -21.06 3.08
C1 EDO Y . 0.02 -3.01 -9.47
O1 EDO Y . 1.40 -3.42 -9.43
C2 EDO Y . -0.82 -4.09 -8.80
O2 EDO Y . -0.47 -5.38 -9.32
CL CL Z . -10.03 -13.23 -22.97
#